data_2D9X
#
_entry.id   2D9X
#
_entity_poly.entity_id   1
_entity_poly.type   'polypeptide(L)'
_entity_poly.pdbx_seq_one_letter_code
;GSSGSSGENVYGYLMKYTNLVTGWQYRFFVLNNEAGLLEYFVNEQSRNQKPRGTLQLAGAVISPSDEDSHTFTVNAASGE
QYKLRATDAKERQHWVSRLQICTQHHTEAIGKNNSGPSSG
;
_entity_poly.pdbx_strand_id   A
#
# COMPACT_ATOMS: atom_id res chain seq x y z
N GLY A 1 -13.99 -4.31 -14.65
CA GLY A 1 -12.87 -4.73 -13.83
C GLY A 1 -12.85 -6.23 -13.60
N SER A 2 -12.00 -6.68 -12.68
CA SER A 2 -11.90 -8.10 -12.37
C SER A 2 -12.21 -8.35 -10.89
N SER A 3 -13.19 -9.22 -10.65
CA SER A 3 -13.58 -9.55 -9.28
C SER A 3 -12.58 -10.49 -8.64
N GLY A 4 -11.85 -9.98 -7.64
CA GLY A 4 -10.85 -10.78 -6.96
C GLY A 4 -11.47 -11.73 -5.95
N SER A 5 -12.12 -12.79 -6.45
CA SER A 5 -12.77 -13.77 -5.59
C SER A 5 -11.87 -14.13 -4.40
N SER A 6 -10.64 -14.54 -4.70
CA SER A 6 -9.68 -14.91 -3.67
C SER A 6 -8.82 -13.72 -3.28
N GLY A 7 -8.43 -13.67 -2.01
CA GLY A 7 -7.60 -12.58 -1.53
C GLY A 7 -6.38 -13.07 -0.78
N GLU A 8 -5.20 -12.80 -1.33
CA GLU A 8 -3.95 -13.23 -0.70
C GLU A 8 -3.14 -12.02 -0.24
N ASN A 9 -2.29 -12.23 0.75
CA ASN A 9 -1.44 -11.16 1.28
C ASN A 9 -0.41 -10.73 0.25
N VAL A 10 -0.36 -9.42 -0.03
CA VAL A 10 0.58 -8.88 -0.99
C VAL A 10 1.79 -8.26 -0.29
N TYR A 11 2.98 -8.74 -0.66
CA TYR A 11 4.21 -8.24 -0.06
C TYR A 11 5.34 -8.23 -1.08
N GLY A 12 6.36 -7.41 -0.82
CA GLY A 12 7.50 -7.33 -1.72
C GLY A 12 8.47 -6.24 -1.31
N TYR A 13 9.73 -6.41 -1.72
CA TYR A 13 10.77 -5.44 -1.40
C TYR A 13 10.63 -4.18 -2.24
N LEU A 14 10.38 -3.06 -1.58
CA LEU A 14 10.22 -1.78 -2.27
C LEU A 14 11.23 -0.76 -1.77
N MET A 15 11.45 0.29 -2.56
CA MET A 15 12.39 1.34 -2.18
C MET A 15 11.65 2.57 -1.66
N LYS A 16 11.78 2.83 -0.37
CA LYS A 16 11.12 3.97 0.25
C LYS A 16 12.08 5.16 0.34
N TYR A 17 11.55 6.36 0.11
CA TYR A 17 12.36 7.57 0.16
C TYR A 17 12.53 8.04 1.61
N THR A 18 13.74 7.90 2.13
CA THR A 18 14.05 8.31 3.50
C THR A 18 14.44 9.79 3.55
N ASN A 19 15.19 10.23 2.54
CA ASN A 19 15.64 11.61 2.48
C ASN A 19 16.32 11.90 1.15
N LEU A 20 16.84 13.11 1.00
CA LEU A 20 17.52 13.52 -0.22
C LEU A 20 18.93 12.91 -0.30
N VAL A 21 19.74 13.22 0.72
CA VAL A 21 21.11 12.70 0.77
C VAL A 21 21.14 11.19 0.54
N THR A 22 20.40 10.47 1.38
CA THR A 22 20.33 9.02 1.27
C THR A 22 19.60 8.59 0.01
N GLY A 23 18.47 9.23 -0.28
CA GLY A 23 17.70 8.91 -1.46
C GLY A 23 16.77 7.73 -1.23
N TRP A 24 16.93 6.69 -2.05
CA TRP A 24 16.09 5.50 -1.94
C TRP A 24 16.79 4.43 -1.10
N GLN A 25 16.00 3.54 -0.50
CA GLN A 25 16.53 2.47 0.33
C GLN A 25 15.63 1.25 0.29
N TYR A 26 16.15 0.15 -0.25
CA TYR A 26 15.38 -1.09 -0.35
C TYR A 26 14.84 -1.50 1.02
N ARG A 27 13.58 -1.89 1.06
CA ARG A 27 12.94 -2.31 2.30
C ARG A 27 11.83 -3.33 2.04
N PHE A 28 11.36 -3.99 3.09
CA PHE A 28 10.30 -4.97 2.97
C PHE A 28 8.95 -4.37 3.32
N PHE A 29 7.91 -4.78 2.59
CA PHE A 29 6.57 -4.27 2.82
C PHE A 29 5.56 -5.41 2.84
N VAL A 30 4.51 -5.25 3.65
CA VAL A 30 3.48 -6.27 3.77
C VAL A 30 2.09 -5.64 3.87
N LEU A 31 1.25 -5.89 2.87
CA LEU A 31 -0.10 -5.35 2.84
C LEU A 31 -1.04 -6.18 3.70
N ASN A 32 -2.00 -5.52 4.34
CA ASN A 32 -2.97 -6.20 5.19
C ASN A 32 -4.38 -6.04 4.66
N ASN A 33 -4.88 -7.05 3.96
CA ASN A 33 -6.23 -7.02 3.39
C ASN A 33 -7.28 -7.13 4.49
N GLU A 34 -6.97 -7.88 5.53
CA GLU A 34 -7.89 -8.06 6.65
C GLU A 34 -8.13 -6.74 7.37
N ALA A 35 -7.05 -6.15 7.88
CA ALA A 35 -7.13 -4.89 8.61
C ALA A 35 -7.24 -3.71 7.64
N GLY A 36 -6.41 -3.73 6.60
CA GLY A 36 -6.42 -2.66 5.62
C GLY A 36 -5.36 -1.62 5.89
N LEU A 37 -4.27 -2.03 6.51
CA LEU A 37 -3.17 -1.12 6.84
C LEU A 37 -1.89 -1.55 6.14
N LEU A 38 -1.16 -0.58 5.59
CA LEU A 38 0.10 -0.86 4.90
C LEU A 38 1.29 -0.58 5.81
N GLU A 39 1.98 -1.64 6.21
CA GLU A 39 3.15 -1.51 7.09
C GLU A 39 4.43 -1.79 6.32
N TYR A 40 5.57 -1.56 6.97
CA TYR A 40 6.87 -1.79 6.35
C TYR A 40 7.95 -1.95 7.40
N PHE A 41 8.88 -2.87 7.15
CA PHE A 41 9.97 -3.13 8.08
C PHE A 41 11.33 -3.02 7.37
N VAL A 42 12.35 -2.63 8.13
CA VAL A 42 13.69 -2.49 7.58
C VAL A 42 14.01 -3.62 6.61
N ASN A 43 13.60 -4.83 6.96
CA ASN A 43 13.84 -5.99 6.11
C ASN A 43 12.84 -7.10 6.42
N GLU A 44 12.99 -8.24 5.74
CA GLU A 44 12.11 -9.37 5.94
C GLU A 44 12.33 -10.02 7.31
N GLN A 45 13.58 -9.98 7.77
CA GLN A 45 13.94 -10.56 9.06
C GLN A 45 13.21 -9.84 10.19
N SER A 46 12.54 -8.75 9.86
CA SER A 46 11.80 -7.97 10.85
C SER A 46 10.30 -8.10 10.64
N ARG A 47 9.82 -9.33 10.52
CA ARG A 47 8.40 -9.58 10.31
C ARG A 47 7.64 -9.53 11.63
N ASN A 48 8.03 -10.37 12.57
CA ASN A 48 7.37 -10.41 13.88
C ASN A 48 7.70 -9.17 14.69
N GLN A 49 8.86 -8.58 14.42
CA GLN A 49 9.28 -7.38 15.13
C GLN A 49 8.32 -6.23 14.87
N LYS A 50 8.34 -5.23 15.75
CA LYS A 50 7.47 -4.07 15.62
C LYS A 50 7.78 -3.30 14.35
N PRO A 51 6.72 -2.87 13.64
CA PRO A 51 6.85 -2.11 12.40
C PRO A 51 7.39 -0.70 12.63
N ARG A 52 8.01 -0.13 11.60
CA ARG A 52 8.57 1.21 11.70
C ARG A 52 7.48 2.26 11.50
N GLY A 53 6.52 1.97 10.63
CA GLY A 53 5.44 2.90 10.36
C GLY A 53 4.27 2.25 9.65
N THR A 54 3.09 2.84 9.77
CA THR A 54 1.90 2.32 9.12
C THR A 54 1.11 3.42 8.43
N LEU A 55 0.54 3.09 7.27
CA LEU A 55 -0.24 4.06 6.50
C LEU A 55 -1.62 3.50 6.18
N GLN A 56 -2.65 4.32 6.42
CA GLN A 56 -4.02 3.91 6.16
C GLN A 56 -4.33 4.00 4.66
N LEU A 57 -4.97 2.94 4.14
CA LEU A 57 -5.33 2.90 2.73
C LEU A 57 -6.78 3.32 2.52
N ALA A 58 -7.63 2.96 3.47
CA ALA A 58 -9.05 3.29 3.39
C ALA A 58 -9.24 4.76 2.99
N GLY A 59 -9.58 4.99 1.74
CA GLY A 59 -9.79 6.35 1.26
C GLY A 59 -8.53 6.95 0.68
N ALA A 60 -7.63 6.11 0.20
CA ALA A 60 -6.37 6.56 -0.38
C ALA A 60 -6.44 6.55 -1.91
N VAL A 61 -5.44 7.15 -2.55
CA VAL A 61 -5.39 7.20 -4.00
C VAL A 61 -4.00 6.82 -4.51
N ILE A 62 -3.96 5.97 -5.53
CA ILE A 62 -2.69 5.53 -6.11
C ILE A 62 -2.40 6.28 -7.40
N SER A 63 -1.22 6.90 -7.46
CA SER A 63 -0.81 7.66 -8.64
C SER A 63 0.53 7.16 -9.17
N PRO A 64 0.48 6.21 -10.11
CA PRO A 64 1.68 5.63 -10.71
C PRO A 64 2.42 6.62 -11.61
N SER A 65 3.63 6.99 -11.22
CA SER A 65 4.44 7.93 -11.98
C SER A 65 4.86 7.33 -13.32
N ASP A 66 5.38 8.16 -14.20
CA ASP A 66 5.83 7.72 -15.51
C ASP A 66 7.33 7.95 -15.69
N GLU A 67 7.92 8.67 -14.74
CA GLU A 67 9.34 8.98 -14.79
C GLU A 67 10.16 7.72 -15.08
N ASP A 68 10.12 6.77 -14.15
CA ASP A 68 10.85 5.52 -14.29
C ASP A 68 9.90 4.35 -14.55
N SER A 69 10.43 3.27 -15.09
CA SER A 69 9.63 2.09 -15.40
C SER A 69 8.84 1.65 -14.18
N HIS A 70 9.54 1.41 -13.08
CA HIS A 70 8.89 0.98 -11.84
C HIS A 70 8.83 2.12 -10.84
N THR A 71 7.64 2.68 -10.66
CA THR A 71 7.45 3.79 -9.74
C THR A 71 5.96 4.05 -9.48
N PHE A 72 5.62 4.35 -8.23
CA PHE A 72 4.24 4.63 -7.86
C PHE A 72 4.17 5.27 -6.48
N THR A 73 3.08 6.01 -6.24
CA THR A 73 2.88 6.69 -4.97
C THR A 73 1.54 6.31 -4.34
N VAL A 74 1.54 6.15 -3.02
CA VAL A 74 0.32 5.79 -2.30
C VAL A 74 -0.14 6.93 -1.40
N ASN A 75 -1.13 7.68 -1.85
CA ASN A 75 -1.66 8.80 -1.08
C ASN A 75 -2.48 8.31 0.11
N ALA A 76 -3.06 9.24 0.85
CA ALA A 76 -3.87 8.90 2.01
C ALA A 76 -4.93 9.96 2.29
N ALA A 77 -6.14 9.53 2.62
CA ALA A 77 -7.23 10.45 2.91
C ALA A 77 -6.78 11.56 3.86
N SER A 78 -5.98 11.20 4.85
CA SER A 78 -5.48 12.16 5.82
C SER A 78 -4.64 13.23 5.14
N GLY A 79 -3.60 12.80 4.42
CA GLY A 79 -2.73 13.74 3.74
C GLY A 79 -1.27 13.32 3.77
N GLU A 80 -1.03 12.03 3.55
CA GLU A 80 0.33 11.50 3.56
C GLU A 80 0.55 10.56 2.38
N GLN A 81 1.51 10.91 1.54
CA GLN A 81 1.83 10.09 0.36
C GLN A 81 3.08 9.25 0.61
N TYR A 82 3.12 8.06 0.01
CA TYR A 82 4.25 7.16 0.17
C TYR A 82 4.96 6.95 -1.17
N LYS A 83 6.28 6.99 -1.14
CA LYS A 83 7.09 6.79 -2.34
C LYS A 83 7.77 5.43 -2.33
N LEU A 84 7.27 4.51 -3.15
CA LEU A 84 7.83 3.18 -3.23
C LEU A 84 8.21 2.83 -4.67
N ARG A 85 8.94 1.73 -4.84
CA ARG A 85 9.36 1.29 -6.17
C ARG A 85 9.26 -0.23 -6.29
N ALA A 86 8.39 -0.68 -7.20
CA ALA A 86 8.20 -2.10 -7.42
C ALA A 86 9.49 -2.78 -7.86
N THR A 87 9.56 -4.09 -7.71
CA THR A 87 10.74 -4.86 -8.09
C THR A 87 10.99 -4.77 -9.59
N ASP A 88 9.92 -4.82 -10.38
CA ASP A 88 10.03 -4.74 -11.83
C ASP A 88 8.83 -4.00 -12.42
N ALA A 89 8.78 -3.95 -13.74
CA ALA A 89 7.69 -3.28 -14.43
C ALA A 89 6.41 -4.11 -14.39
N LYS A 90 6.57 -5.41 -14.17
CA LYS A 90 5.43 -6.32 -14.10
C LYS A 90 4.81 -6.30 -12.72
N GLU A 91 5.65 -6.18 -11.69
CA GLU A 91 5.17 -6.15 -10.32
C GLU A 91 4.52 -4.81 -9.99
N ARG A 92 4.87 -3.78 -10.77
CA ARG A 92 4.31 -2.45 -10.57
C ARG A 92 2.79 -2.47 -10.73
N GLN A 93 2.32 -3.13 -11.78
CA GLN A 93 0.89 -3.21 -12.06
C GLN A 93 0.18 -4.02 -10.98
N HIS A 94 0.91 -4.95 -10.37
CA HIS A 94 0.35 -5.79 -9.32
C HIS A 94 0.00 -4.96 -8.08
N TRP A 95 1.00 -4.24 -7.57
CA TRP A 95 0.79 -3.41 -6.38
C TRP A 95 -0.25 -2.34 -6.65
N VAL A 96 0.02 -1.49 -7.64
CA VAL A 96 -0.91 -0.41 -7.98
C VAL A 96 -2.35 -0.91 -8.02
N SER A 97 -2.59 -1.94 -8.82
CA SER A 97 -3.92 -2.52 -8.96
C SER A 97 -4.42 -3.03 -7.61
N ARG A 98 -3.73 -4.04 -7.07
CA ARG A 98 -4.11 -4.62 -5.80
C ARG A 98 -4.54 -3.54 -4.80
N LEU A 99 -3.63 -2.61 -4.54
CA LEU A 99 -3.91 -1.53 -3.60
C LEU A 99 -5.15 -0.73 -4.05
N GLN A 100 -5.09 -0.20 -5.27
CA GLN A 100 -6.20 0.57 -5.80
C GLN A 100 -7.54 -0.08 -5.46
N ILE A 101 -7.52 -1.39 -5.30
CA ILE A 101 -8.73 -2.14 -4.97
C ILE A 101 -8.95 -2.20 -3.46
N CYS A 102 -7.85 -2.31 -2.72
CA CYS A 102 -7.92 -2.38 -1.26
C CYS A 102 -8.39 -1.05 -0.67
N THR A 103 -7.96 0.05 -1.29
CA THR A 103 -8.33 1.37 -0.83
C THR A 103 -9.82 1.63 -1.02
N GLN A 104 -10.38 1.05 -2.07
CA GLN A 104 -11.81 1.21 -2.36
C GLN A 104 -12.63 0.16 -1.63
N HIS A 105 -12.33 -1.11 -1.89
CA HIS A 105 -13.05 -2.21 -1.26
C HIS A 105 -13.23 -1.95 0.24
N HIS A 106 -12.34 -1.15 0.81
CA HIS A 106 -12.40 -0.82 2.23
C HIS A 106 -13.21 0.46 2.45
N THR A 107 -12.70 1.57 1.94
CA THR A 107 -13.38 2.85 2.09
C THR A 107 -14.89 2.72 1.86
N GLU A 108 -15.26 1.80 0.97
CA GLU A 108 -16.66 1.57 0.65
C GLU A 108 -17.32 0.70 1.71
N ALA A 109 -16.59 -0.32 2.17
CA ALA A 109 -17.10 -1.22 3.19
C ALA A 109 -17.39 -0.47 4.50
N ILE A 110 -16.57 0.52 4.80
CA ILE A 110 -16.73 1.30 6.01
C ILE A 110 -18.09 2.01 6.03
N GLY A 111 -18.97 1.59 6.93
CA GLY A 111 -20.27 2.21 7.02
C GLY A 111 -20.86 2.12 8.42
N LYS A 112 -22.04 1.53 8.53
CA LYS A 112 -22.70 1.38 9.83
C LYS A 112 -21.69 1.11 10.93
N ASN A 113 -21.75 1.91 11.99
CA ASN A 113 -20.85 1.77 13.12
C ASN A 113 -21.46 0.89 14.20
N ASN A 114 -21.06 -0.37 14.24
CA ASN A 114 -21.56 -1.32 15.22
C ASN A 114 -20.53 -1.57 16.32
N SER A 115 -20.49 -0.68 17.30
CA SER A 115 -19.54 -0.80 18.40
C SER A 115 -19.53 -2.22 18.96
N GLY A 116 -20.71 -2.72 19.33
CA GLY A 116 -20.82 -4.07 19.86
C GLY A 116 -21.12 -4.07 21.34
N PRO A 117 -22.41 -3.94 21.69
CA PRO A 117 -22.86 -3.93 23.08
C PRO A 117 -22.72 -5.30 23.75
N SER A 118 -22.18 -6.25 23.00
CA SER A 118 -21.99 -7.61 23.52
C SER A 118 -20.69 -8.22 22.99
N SER A 119 -19.88 -8.76 23.90
CA SER A 119 -18.61 -9.37 23.52
C SER A 119 -18.40 -10.68 24.27
N GLY A 120 -17.32 -11.38 23.93
CA GLY A 120 -17.02 -12.64 24.58
C GLY A 120 -18.17 -13.63 24.49
N GLY A 1 -14.46 -17.31 -10.69
CA GLY A 1 -13.46 -16.39 -10.17
C GLY A 1 -12.05 -16.78 -10.57
N SER A 2 -11.15 -16.76 -9.59
CA SER A 2 -9.75 -17.11 -9.85
C SER A 2 -9.23 -18.10 -8.81
N SER A 3 -8.20 -18.85 -9.18
CA SER A 3 -7.61 -19.83 -8.27
C SER A 3 -7.56 -19.30 -6.85
N GLY A 4 -6.92 -18.15 -6.68
CA GLY A 4 -6.80 -17.54 -5.37
C GLY A 4 -5.66 -18.13 -4.56
N SER A 5 -5.61 -17.79 -3.28
CA SER A 5 -4.54 -18.29 -2.40
C SER A 5 -4.97 -18.17 -0.93
N SER A 6 -4.75 -19.25 -0.18
CA SER A 6 -5.10 -19.27 1.24
C SER A 6 -4.70 -17.97 1.93
N GLY A 7 -5.69 -17.11 2.18
CA GLY A 7 -5.42 -15.84 2.82
C GLY A 7 -4.84 -14.81 1.87
N GLU A 8 -5.65 -13.82 1.51
CA GLU A 8 -5.21 -12.77 0.59
C GLU A 8 -4.23 -11.83 1.28
N ASN A 9 -3.01 -11.78 0.77
CA ASN A 9 -1.97 -10.92 1.34
C ASN A 9 -0.86 -10.67 0.32
N VAL A 10 -0.54 -9.41 0.08
CA VAL A 10 0.50 -9.04 -0.87
C VAL A 10 1.69 -8.42 -0.13
N TYR A 11 2.88 -8.96 -0.39
CA TYR A 11 4.10 -8.47 0.24
C TYR A 11 5.27 -8.53 -0.72
N GLY A 12 6.30 -7.72 -0.46
CA GLY A 12 7.47 -7.71 -1.31
C GLY A 12 8.47 -6.64 -0.92
N TYR A 13 9.72 -6.81 -1.33
CA TYR A 13 10.76 -5.85 -1.00
C TYR A 13 10.62 -4.58 -1.85
N LEU A 14 10.11 -3.52 -1.23
CA LEU A 14 9.93 -2.25 -1.93
C LEU A 14 10.94 -1.21 -1.43
N MET A 15 11.20 -0.21 -2.27
CA MET A 15 12.13 0.85 -1.92
C MET A 15 11.39 2.06 -1.36
N LYS A 16 11.71 2.43 -0.12
CA LYS A 16 11.08 3.57 0.52
C LYS A 16 11.95 4.81 0.43
N TYR A 17 11.34 5.95 0.11
CA TYR A 17 12.08 7.19 -0.02
C TYR A 17 12.18 7.90 1.33
N THR A 18 13.40 7.99 1.86
CA THR A 18 13.64 8.64 3.14
C THR A 18 14.00 10.11 2.95
N ASN A 19 14.73 10.40 1.89
CA ASN A 19 15.15 11.78 1.61
C ASN A 19 15.66 11.90 0.17
N LEU A 20 16.03 13.11 -0.22
CA LEU A 20 16.53 13.37 -1.57
C LEU A 20 17.94 12.80 -1.73
N VAL A 21 18.85 13.24 -0.86
CA VAL A 21 20.24 12.78 -0.90
C VAL A 21 20.31 11.26 -0.76
N THR A 22 19.71 10.75 0.30
CA THR A 22 19.72 9.32 0.56
C THR A 22 19.27 8.53 -0.66
N GLY A 23 18.30 9.09 -1.40
CA GLY A 23 17.80 8.43 -2.59
C GLY A 23 16.71 7.43 -2.28
N TRP A 24 16.99 6.15 -2.55
CA TRP A 24 16.02 5.09 -2.30
C TRP A 24 16.62 4.02 -1.41
N GLN A 25 15.82 3.52 -0.47
CA GLN A 25 16.27 2.48 0.45
C GLN A 25 15.38 1.24 0.36
N TYR A 26 16.01 0.08 0.31
CA TYR A 26 15.28 -1.18 0.21
C TYR A 26 14.66 -1.55 1.55
N ARG A 27 13.50 -2.19 1.51
CA ARG A 27 12.80 -2.61 2.72
C ARG A 27 11.71 -3.62 2.39
N PHE A 28 11.18 -4.26 3.43
CA PHE A 28 10.12 -5.25 3.27
C PHE A 28 8.76 -4.65 3.58
N PHE A 29 7.80 -4.87 2.69
CA PHE A 29 6.45 -4.35 2.87
C PHE A 29 5.43 -5.48 2.89
N VAL A 30 4.38 -5.32 3.70
CA VAL A 30 3.34 -6.33 3.81
C VAL A 30 1.96 -5.68 3.88
N LEU A 31 1.16 -5.88 2.84
CA LEU A 31 -0.18 -5.32 2.79
C LEU A 31 -1.14 -6.12 3.66
N ASN A 32 -2.07 -5.42 4.31
CA ASN A 32 -3.05 -6.06 5.18
C ASN A 32 -4.44 -5.98 4.59
N ASN A 33 -5.02 -7.14 4.30
CA ASN A 33 -6.37 -7.19 3.72
C ASN A 33 -7.42 -7.27 4.81
N GLU A 34 -7.13 -8.03 5.87
CA GLU A 34 -8.06 -8.18 6.98
C GLU A 34 -8.27 -6.85 7.70
N ALA A 35 -7.19 -6.09 7.86
CA ALA A 35 -7.25 -4.80 8.52
C ALA A 35 -7.35 -3.66 7.51
N GLY A 36 -6.40 -3.61 6.58
CA GLY A 36 -6.39 -2.56 5.57
C GLY A 36 -5.34 -1.52 5.84
N LEU A 37 -4.21 -1.93 6.40
CA LEU A 37 -3.12 -1.02 6.71
C LEU A 37 -1.83 -1.45 6.01
N LEU A 38 -1.12 -0.48 5.45
CA LEU A 38 0.14 -0.77 4.75
C LEU A 38 1.34 -0.52 5.65
N GLU A 39 2.02 -1.59 6.04
CA GLU A 39 3.19 -1.49 6.91
C GLU A 39 4.45 -1.95 6.18
N TYR A 40 5.60 -1.75 6.81
CA TYR A 40 6.87 -2.14 6.23
C TYR A 40 7.92 -2.39 7.31
N PHE A 41 8.59 -3.54 7.23
CA PHE A 41 9.61 -3.90 8.20
C PHE A 41 10.99 -3.95 7.54
N VAL A 42 11.99 -3.40 8.23
CA VAL A 42 13.35 -3.39 7.72
C VAL A 42 13.66 -4.66 6.95
N ASN A 43 13.13 -5.79 7.43
CA ASN A 43 13.36 -7.08 6.78
C ASN A 43 12.31 -8.09 7.22
N GLU A 44 12.20 -9.18 6.47
CA GLU A 44 11.23 -10.23 6.78
C GLU A 44 11.44 -10.77 8.19
N GLN A 45 12.71 -10.91 8.58
CA GLN A 45 13.04 -11.42 9.90
C GLN A 45 12.30 -10.64 10.99
N SER A 46 11.99 -9.38 10.71
CA SER A 46 11.28 -8.53 11.66
C SER A 46 9.77 -8.64 11.46
N ARG A 47 9.27 -9.87 11.45
CA ARG A 47 7.84 -10.11 11.28
C ARG A 47 7.09 -9.93 12.59
N ASN A 48 7.59 -10.55 13.65
CA ASN A 48 6.97 -10.46 14.97
C ASN A 48 7.48 -9.23 15.72
N GLN A 49 7.62 -8.12 15.00
CA GLN A 49 8.11 -6.89 15.61
C GLN A 49 7.28 -5.69 15.14
N LYS A 50 7.32 -4.61 15.91
CA LYS A 50 6.57 -3.40 15.57
C LYS A 50 7.04 -2.83 14.24
N PRO A 51 6.07 -2.44 13.40
CA PRO A 51 6.36 -1.86 12.08
C PRO A 51 6.98 -0.47 12.17
N ARG A 52 8.03 -0.25 11.39
CA ARG A 52 8.72 1.04 11.38
C ARG A 52 7.75 2.17 11.06
N GLY A 53 6.89 1.93 10.06
CA GLY A 53 5.92 2.94 9.67
C GLY A 53 4.69 2.34 9.02
N THR A 54 3.53 2.92 9.31
CA THR A 54 2.27 2.43 8.76
C THR A 54 1.49 3.55 8.09
N LEU A 55 0.69 3.20 7.09
CA LEU A 55 -0.11 4.19 6.37
C LEU A 55 -1.48 3.62 6.03
N GLN A 56 -2.53 4.33 6.44
CA GLN A 56 -3.90 3.91 6.17
C GLN A 56 -4.24 4.05 4.70
N LEU A 57 -4.93 3.05 4.16
CA LEU A 57 -5.32 3.06 2.75
C LEU A 57 -6.76 3.54 2.59
N ALA A 58 -7.61 3.15 3.53
CA ALA A 58 -9.01 3.53 3.50
C ALA A 58 -9.18 4.98 3.08
N GLY A 59 -9.55 5.20 1.82
CA GLY A 59 -9.73 6.55 1.32
C GLY A 59 -8.44 7.15 0.79
N ALA A 60 -7.64 6.34 0.11
CA ALA A 60 -6.37 6.80 -0.44
C ALA A 60 -6.41 6.84 -1.96
N VAL A 61 -5.42 7.47 -2.57
CA VAL A 61 -5.34 7.57 -4.02
C VAL A 61 -4.03 7.00 -4.55
N ILE A 62 -4.08 6.33 -5.69
CA ILE A 62 -2.90 5.75 -6.29
C ILE A 62 -2.66 6.31 -7.69
N SER A 63 -1.60 7.13 -7.82
CA SER A 63 -1.27 7.73 -9.10
C SER A 63 0.14 7.33 -9.54
N PRO A 64 0.23 6.24 -10.31
CA PRO A 64 1.50 5.72 -10.82
C PRO A 64 2.12 6.63 -11.87
N SER A 65 3.32 7.12 -11.60
CA SER A 65 4.03 8.00 -12.52
C SER A 65 4.10 7.38 -13.91
N ASP A 66 4.73 8.11 -14.84
CA ASP A 66 4.87 7.63 -16.21
C ASP A 66 6.32 7.77 -16.68
N GLU A 67 6.91 8.93 -16.45
CA GLU A 67 8.29 9.18 -16.85
C GLU A 67 9.16 7.94 -16.62
N ASP A 68 9.47 7.68 -15.35
CA ASP A 68 10.30 6.54 -15.00
C ASP A 68 9.61 5.23 -15.37
N SER A 69 10.22 4.12 -15.01
CA SER A 69 9.67 2.81 -15.31
C SER A 69 8.88 2.25 -14.13
N HIS A 70 9.56 2.08 -13.01
CA HIS A 70 8.92 1.57 -11.79
C HIS A 70 8.79 2.67 -10.74
N THR A 71 7.57 3.17 -10.57
CA THR A 71 7.31 4.23 -9.60
C THR A 71 5.82 4.39 -9.35
N PHE A 72 5.47 4.94 -8.18
CA PHE A 72 4.07 5.14 -7.83
C PHE A 72 3.96 5.90 -6.51
N THR A 73 2.90 6.69 -6.37
CA THR A 73 2.68 7.47 -5.17
C THR A 73 1.36 7.08 -4.49
N VAL A 74 1.44 6.71 -3.22
CA VAL A 74 0.25 6.31 -2.46
C VAL A 74 -0.21 7.44 -1.54
N ASN A 75 -1.18 8.22 -2.00
CA ASN A 75 -1.70 9.33 -1.21
C ASN A 75 -2.55 8.82 -0.06
N ALA A 76 -3.02 9.73 0.79
CA ALA A 76 -3.85 9.38 1.92
C ALA A 76 -4.95 10.41 2.15
N ALA A 77 -6.11 9.94 2.61
CA ALA A 77 -7.25 10.82 2.86
C ALA A 77 -6.82 12.02 3.71
N SER A 78 -6.13 11.75 4.80
CA SER A 78 -5.67 12.81 5.70
C SER A 78 -4.72 13.75 4.99
N GLY A 79 -3.75 13.19 4.27
CA GLY A 79 -2.79 13.99 3.56
C GLY A 79 -1.37 13.49 3.71
N GLU A 80 -1.05 12.38 3.04
CA GLU A 80 0.27 11.79 3.13
C GLU A 80 0.57 10.94 1.89
N GLN A 81 1.62 11.31 1.16
CA GLN A 81 2.01 10.59 -0.05
C GLN A 81 3.23 9.72 0.22
N TYR A 82 3.23 8.53 -0.37
CA TYR A 82 4.34 7.60 -0.21
C TYR A 82 5.04 7.34 -1.53
N LYS A 83 6.35 7.58 -1.57
CA LYS A 83 7.14 7.37 -2.78
C LYS A 83 7.86 6.03 -2.73
N LEU A 84 7.20 4.99 -3.23
CA LEU A 84 7.78 3.66 -3.25
C LEU A 84 8.12 3.23 -4.67
N ARG A 85 8.80 2.09 -4.79
CA ARG A 85 9.19 1.57 -6.10
C ARG A 85 9.10 0.05 -6.13
N ALA A 86 8.72 -0.50 -7.28
CA ALA A 86 8.61 -1.95 -7.43
C ALA A 86 9.89 -2.54 -7.99
N THR A 87 10.00 -3.87 -7.94
CA THR A 87 11.18 -4.56 -8.43
C THR A 87 11.30 -4.44 -9.94
N ASP A 88 10.16 -4.39 -10.62
CA ASP A 88 10.13 -4.27 -12.08
C ASP A 88 8.81 -3.66 -12.55
N ALA A 89 8.77 -3.28 -13.82
CA ALA A 89 7.57 -2.69 -14.40
C ALA A 89 6.42 -3.69 -14.42
N LYS A 90 6.76 -4.97 -14.40
CA LYS A 90 5.75 -6.03 -14.41
C LYS A 90 5.18 -6.25 -13.02
N GLU A 91 5.89 -5.78 -12.01
CA GLU A 91 5.43 -5.92 -10.63
C GLU A 91 4.67 -4.69 -10.17
N ARG A 92 5.05 -3.52 -10.71
CA ARG A 92 4.39 -2.27 -10.35
C ARG A 92 2.88 -2.38 -10.51
N GLN A 93 2.45 -2.82 -11.69
CA GLN A 93 1.02 -2.98 -11.97
C GLN A 93 0.35 -3.87 -10.93
N HIS A 94 0.98 -4.99 -10.62
CA HIS A 94 0.44 -5.93 -9.63
C HIS A 94 0.06 -5.20 -8.35
N TRP A 95 0.93 -4.31 -7.90
CA TRP A 95 0.67 -3.54 -6.68
C TRP A 95 -0.42 -2.51 -6.90
N VAL A 96 -0.16 -1.56 -7.80
CA VAL A 96 -1.11 -0.51 -8.12
C VAL A 96 -2.54 -1.06 -8.12
N SER A 97 -2.69 -2.29 -8.62
CA SER A 97 -4.00 -2.92 -8.69
C SER A 97 -4.47 -3.36 -7.31
N ARG A 98 -3.67 -4.18 -6.65
CA ARG A 98 -4.00 -4.68 -5.32
C ARG A 98 -4.33 -3.52 -4.37
N LEU A 99 -3.45 -2.53 -4.33
CA LEU A 99 -3.64 -1.37 -3.47
C LEU A 99 -4.92 -0.64 -3.83
N GLN A 100 -5.15 -0.44 -5.13
CA GLN A 100 -6.34 0.26 -5.61
C GLN A 100 -7.60 -0.50 -5.20
N ILE A 101 -7.48 -1.82 -5.06
CA ILE A 101 -8.61 -2.64 -4.66
C ILE A 101 -8.81 -2.63 -3.15
N CYS A 102 -7.73 -2.84 -2.42
CA CYS A 102 -7.77 -2.85 -0.96
C CYS A 102 -8.19 -1.50 -0.43
N THR A 103 -7.64 -0.44 -1.01
CA THR A 103 -7.96 0.93 -0.59
C THR A 103 -9.43 1.24 -0.81
N GLN A 104 -9.96 0.82 -1.95
CA GLN A 104 -11.35 1.06 -2.28
C GLN A 104 -12.26 0.08 -1.55
N HIS A 105 -12.13 -1.20 -1.88
CA HIS A 105 -12.94 -2.24 -1.25
C HIS A 105 -13.15 -1.95 0.24
N HIS A 106 -12.19 -1.24 0.83
CA HIS A 106 -12.26 -0.89 2.25
C HIS A 106 -13.08 0.38 2.45
N THR A 107 -12.58 1.49 1.90
CA THR A 107 -13.26 2.77 2.03
C THR A 107 -14.75 2.63 1.76
N GLU A 108 -15.11 1.67 0.91
CA GLU A 108 -16.50 1.44 0.57
C GLU A 108 -17.28 0.93 1.78
N ALA A 109 -16.83 -0.19 2.35
CA ALA A 109 -17.49 -0.77 3.51
C ALA A 109 -18.00 0.32 4.45
N ILE A 110 -17.21 1.37 4.61
CA ILE A 110 -17.58 2.48 5.49
C ILE A 110 -18.89 3.11 5.05
N GLY A 111 -18.96 3.48 3.77
CA GLY A 111 -20.16 4.10 3.25
C GLY A 111 -21.04 3.11 2.49
N LYS A 112 -22.15 3.60 1.97
CA LYS A 112 -23.08 2.76 1.21
C LYS A 112 -23.52 3.44 -0.08
N ASN A 113 -22.99 2.97 -1.20
CA ASN A 113 -23.33 3.54 -2.50
C ASN A 113 -23.74 2.45 -3.48
N ASN A 114 -24.71 2.76 -4.34
CA ASN A 114 -25.18 1.80 -5.33
C ASN A 114 -24.31 1.83 -6.59
N SER A 115 -23.29 0.99 -6.61
CA SER A 115 -22.39 0.94 -7.75
C SER A 115 -21.59 -0.37 -7.74
N GLY A 116 -21.85 -1.22 -8.73
CA GLY A 116 -21.16 -2.50 -8.82
C GLY A 116 -21.11 -3.04 -10.23
N PRO A 117 -20.05 -3.79 -10.55
CA PRO A 117 -19.86 -4.38 -11.87
C PRO A 117 -20.87 -5.49 -12.16
N SER A 118 -20.81 -6.03 -13.37
CA SER A 118 -21.72 -7.10 -13.78
C SER A 118 -20.96 -8.41 -14.01
N SER A 119 -21.52 -9.50 -13.50
CA SER A 119 -20.90 -10.81 -13.65
C SER A 119 -21.09 -11.36 -15.06
N GLY A 120 -20.12 -12.12 -15.54
CA GLY A 120 -20.20 -12.69 -16.87
C GLY A 120 -19.16 -12.11 -17.82
N GLY A 1 -23.18 -13.63 -5.02
CA GLY A 1 -23.13 -12.68 -3.91
C GLY A 1 -22.09 -11.60 -4.11
N SER A 2 -21.14 -11.51 -3.19
CA SER A 2 -20.08 -10.51 -3.27
C SER A 2 -18.91 -11.03 -4.08
N SER A 3 -18.41 -10.20 -5.00
CA SER A 3 -17.29 -10.57 -5.84
C SER A 3 -15.97 -10.35 -5.13
N GLY A 4 -15.45 -11.39 -4.49
CA GLY A 4 -14.19 -11.28 -3.78
C GLY A 4 -13.34 -12.53 -3.89
N SER A 5 -12.62 -12.85 -2.82
CA SER A 5 -11.76 -14.03 -2.81
C SER A 5 -10.91 -14.10 -4.07
N SER A 6 -10.30 -12.98 -4.43
CA SER A 6 -9.46 -12.91 -5.62
C SER A 6 -8.02 -13.31 -5.29
N GLY A 7 -7.43 -12.62 -4.33
CA GLY A 7 -6.06 -12.92 -3.94
C GLY A 7 -5.84 -12.79 -2.45
N GLU A 8 -4.60 -12.98 -2.00
CA GLU A 8 -4.27 -12.89 -0.59
C GLU A 8 -3.34 -11.70 -0.33
N ASN A 9 -3.02 -11.48 0.94
CA ASN A 9 -2.15 -10.38 1.33
C ASN A 9 -1.06 -10.15 0.28
N VAL A 10 -0.75 -8.88 0.03
CA VAL A 10 0.28 -8.54 -0.94
C VAL A 10 1.54 -8.01 -0.26
N TYR A 11 2.66 -8.68 -0.49
CA TYR A 11 3.93 -8.27 0.11
C TYR A 11 5.05 -8.27 -0.93
N GLY A 12 6.15 -7.62 -0.60
CA GLY A 12 7.28 -7.56 -1.51
C GLY A 12 8.30 -6.52 -1.10
N TYR A 13 9.52 -6.63 -1.63
CA TYR A 13 10.58 -5.70 -1.30
C TYR A 13 10.51 -4.45 -2.19
N LEU A 14 10.18 -3.33 -1.58
CA LEU A 14 10.07 -2.07 -2.31
C LEU A 14 11.10 -1.07 -1.81
N MET A 15 11.33 -0.02 -2.60
CA MET A 15 12.29 1.02 -2.25
C MET A 15 11.58 2.27 -1.74
N LYS A 16 11.90 2.66 -0.52
CA LYS A 16 11.31 3.85 0.09
C LYS A 16 12.31 4.99 0.18
N TYR A 17 11.84 6.20 -0.10
CA TYR A 17 12.70 7.38 -0.04
C TYR A 17 12.96 7.81 1.39
N THR A 18 14.23 7.76 1.80
CA THR A 18 14.62 8.14 3.15
C THR A 18 15.16 9.57 3.19
N ASN A 19 16.02 9.90 2.22
CA ASN A 19 16.60 11.23 2.15
C ASN A 19 17.13 11.50 0.74
N LEU A 20 17.70 12.69 0.55
CA LEU A 20 18.24 13.08 -0.75
C LEU A 20 19.52 12.30 -1.05
N VAL A 21 20.52 12.45 -0.18
CA VAL A 21 21.79 11.75 -0.35
C VAL A 21 21.59 10.26 -0.60
N THR A 22 20.84 9.62 0.30
CA THR A 22 20.57 8.19 0.18
C THR A 22 19.67 7.90 -1.00
N GLY A 23 18.80 8.87 -1.34
CA GLY A 23 17.89 8.69 -2.46
C GLY A 23 16.83 7.64 -2.18
N TRP A 24 17.18 6.38 -2.41
CA TRP A 24 16.24 5.28 -2.19
C TRP A 24 16.88 4.18 -1.36
N GLN A 25 16.05 3.40 -0.67
CA GLN A 25 16.55 2.31 0.15
C GLN A 25 15.59 1.12 0.12
N TYR A 26 16.14 -0.06 -0.17
CA TYR A 26 15.35 -1.27 -0.25
C TYR A 26 14.82 -1.67 1.12
N ARG A 27 13.60 -2.18 1.16
CA ARG A 27 12.97 -2.61 2.41
C ARG A 27 11.89 -3.65 2.15
N PHE A 28 11.25 -4.10 3.23
CA PHE A 28 10.19 -5.10 3.13
C PHE A 28 8.84 -4.49 3.47
N PHE A 29 7.81 -4.92 2.75
CA PHE A 29 6.46 -4.41 2.98
C PHE A 29 5.45 -5.56 3.01
N VAL A 30 4.37 -5.38 3.77
CA VAL A 30 3.34 -6.39 3.90
C VAL A 30 1.96 -5.75 4.04
N LEU A 31 1.17 -5.82 2.96
CA LEU A 31 -0.17 -5.25 2.97
C LEU A 31 -1.11 -6.06 3.86
N ASN A 32 -2.10 -5.38 4.44
CA ASN A 32 -3.06 -6.04 5.31
C ASN A 32 -4.46 -6.02 4.70
N ASN A 33 -5.07 -7.19 4.56
CA ASN A 33 -6.41 -7.30 4.00
C ASN A 33 -7.45 -7.42 5.10
N GLU A 34 -7.02 -7.83 6.28
CA GLU A 34 -7.92 -8.00 7.42
C GLU A 34 -8.18 -6.66 8.10
N ALA A 35 -7.11 -5.87 8.28
CA ALA A 35 -7.23 -4.56 8.91
C ALA A 35 -7.28 -3.45 7.87
N GLY A 36 -6.43 -3.55 6.87
CA GLY A 36 -6.39 -2.54 5.83
C GLY A 36 -5.34 -1.48 6.08
N LEU A 37 -4.21 -1.89 6.63
CA LEU A 37 -3.11 -0.97 6.93
C LEU A 37 -1.83 -1.42 6.23
N LEU A 38 -1.10 -0.45 5.68
CA LEU A 38 0.15 -0.74 4.99
C LEU A 38 1.35 -0.43 5.88
N GLU A 39 2.07 -1.47 6.26
CA GLU A 39 3.25 -1.31 7.12
C GLU A 39 4.53 -1.70 6.37
N TYR A 40 5.66 -1.54 7.03
CA TYR A 40 6.95 -1.87 6.43
C TYR A 40 8.02 -2.05 7.50
N PHE A 41 8.75 -3.15 7.42
CA PHE A 41 9.81 -3.45 8.38
C PHE A 41 11.16 -3.57 7.68
N VAL A 42 12.19 -3.03 8.32
CA VAL A 42 13.55 -3.06 7.76
C VAL A 42 13.79 -4.36 7.02
N ASN A 43 13.14 -5.43 7.47
CA ASN A 43 13.29 -6.74 6.85
C ASN A 43 12.27 -7.74 7.40
N GLU A 44 12.07 -8.83 6.68
CA GLU A 44 11.11 -9.86 7.10
C GLU A 44 11.24 -10.14 8.58
N GLN A 45 12.45 -10.47 9.02
CA GLN A 45 12.71 -10.77 10.42
C GLN A 45 11.90 -9.85 11.33
N SER A 46 11.81 -8.58 10.96
CA SER A 46 11.07 -7.60 11.74
C SER A 46 9.57 -7.74 11.51
N ARG A 47 9.08 -8.98 11.58
CA ARG A 47 7.66 -9.25 11.38
C ARG A 47 6.88 -9.08 12.68
N ASN A 48 7.25 -9.86 13.69
CA ASN A 48 6.58 -9.79 14.98
C ASN A 48 6.82 -8.44 15.65
N GLN A 49 8.04 -7.95 15.55
CA GLN A 49 8.40 -6.66 16.13
C GLN A 49 7.49 -5.55 15.61
N LYS A 50 7.53 -4.40 16.28
CA LYS A 50 6.71 -3.27 15.89
C LYS A 50 7.15 -2.71 14.54
N PRO A 51 6.17 -2.40 13.67
CA PRO A 51 6.44 -1.85 12.34
C PRO A 51 6.99 -0.43 12.39
N ARG A 52 8.03 -0.18 11.60
CA ARG A 52 8.64 1.14 11.56
C ARG A 52 7.61 2.23 11.29
N GLY A 53 6.71 1.95 10.34
CA GLY A 53 5.68 2.91 9.99
C GLY A 53 4.48 2.26 9.33
N THR A 54 3.34 2.93 9.37
CA THR A 54 2.12 2.40 8.77
C THR A 54 1.34 3.51 8.07
N LEU A 55 0.40 3.11 7.21
CA LEU A 55 -0.42 4.06 6.47
C LEU A 55 -1.81 3.49 6.21
N GLN A 56 -2.84 4.28 6.51
CA GLN A 56 -4.21 3.85 6.30
C GLN A 56 -4.61 4.00 4.82
N LEU A 57 -5.06 2.90 4.24
CA LEU A 57 -5.48 2.89 2.84
C LEU A 57 -6.92 3.34 2.69
N ALA A 58 -7.76 2.96 3.67
CA ALA A 58 -9.16 3.33 3.65
C ALA A 58 -9.35 4.78 3.22
N GLY A 59 -9.60 4.98 1.93
CA GLY A 59 -9.79 6.32 1.42
C GLY A 59 -8.50 6.94 0.90
N ALA A 60 -7.74 6.17 0.14
CA ALA A 60 -6.47 6.65 -0.42
C ALA A 60 -6.51 6.68 -1.93
N VAL A 61 -5.54 7.34 -2.53
CA VAL A 61 -5.46 7.44 -4.00
C VAL A 61 -4.12 6.95 -4.51
N ILE A 62 -4.14 6.24 -5.63
CA ILE A 62 -2.92 5.72 -6.23
C ILE A 62 -2.63 6.39 -7.56
N SER A 63 -1.55 7.16 -7.60
CA SER A 63 -1.15 7.86 -8.82
C SER A 63 0.22 7.41 -9.29
N PRO A 64 0.25 6.41 -10.18
CA PRO A 64 1.49 5.86 -10.73
C PRO A 64 2.19 6.83 -11.66
N SER A 65 3.52 6.89 -11.57
CA SER A 65 4.31 7.79 -12.40
C SER A 65 4.32 7.31 -13.85
N ASP A 66 4.91 8.11 -14.73
CA ASP A 66 4.98 7.77 -16.15
C ASP A 66 6.43 7.80 -16.64
N GLU A 67 7.19 8.79 -16.17
CA GLU A 67 8.58 8.92 -16.56
C GLU A 67 9.36 7.64 -16.30
N ASP A 68 9.52 7.29 -15.03
CA ASP A 68 10.23 6.09 -14.64
C ASP A 68 9.44 4.84 -15.03
N SER A 69 10.15 3.71 -15.13
CA SER A 69 9.51 2.45 -15.49
C SER A 69 8.72 1.88 -14.32
N HIS A 70 9.42 1.66 -13.20
CA HIS A 70 8.79 1.10 -12.02
C HIS A 70 8.70 2.16 -10.92
N THR A 71 7.50 2.68 -10.70
CA THR A 71 7.27 3.69 -9.67
C THR A 71 5.79 3.90 -9.41
N PHE A 72 5.46 4.36 -8.21
CA PHE A 72 4.08 4.61 -7.84
C PHE A 72 3.99 5.35 -6.51
N THR A 73 2.94 6.15 -6.35
CA THR A 73 2.75 6.92 -5.12
C THR A 73 1.41 6.60 -4.48
N VAL A 74 1.44 6.26 -3.20
CA VAL A 74 0.23 5.92 -2.45
C VAL A 74 -0.20 7.06 -1.54
N ASN A 75 -1.14 7.87 -2.02
CA ASN A 75 -1.64 9.00 -1.24
C ASN A 75 -2.49 8.52 -0.07
N ALA A 76 -2.99 9.47 0.72
CA ALA A 76 -3.82 9.15 1.87
C ALA A 76 -4.97 10.15 2.01
N ALA A 77 -6.07 9.70 2.62
CA ALA A 77 -7.23 10.56 2.82
C ALA A 77 -6.84 11.85 3.54
N SER A 78 -6.04 11.71 4.59
CA SER A 78 -5.59 12.87 5.36
C SER A 78 -4.82 13.85 4.48
N GLY A 79 -3.87 13.32 3.71
CA GLY A 79 -3.08 14.17 2.84
C GLY A 79 -1.61 13.81 2.87
N GLU A 80 -1.32 12.51 2.88
CA GLU A 80 0.07 12.03 2.91
C GLU A 80 0.35 11.15 1.71
N GLN A 81 1.58 11.24 1.19
CA GLN A 81 1.99 10.45 0.04
C GLN A 81 3.18 9.57 0.38
N TYR A 82 3.23 8.38 -0.22
CA TYR A 82 4.33 7.45 0.03
C TYR A 82 5.11 7.17 -1.25
N LYS A 83 6.43 7.36 -1.18
CA LYS A 83 7.29 7.12 -2.33
C LYS A 83 7.88 5.72 -2.30
N LEU A 84 7.25 4.81 -3.03
CA LEU A 84 7.71 3.43 -3.09
C LEU A 84 8.04 3.03 -4.53
N ARG A 85 8.70 1.88 -4.68
CA ARG A 85 9.08 1.38 -5.99
C ARG A 85 8.97 -0.13 -6.06
N ALA A 86 8.50 -0.64 -7.19
CA ALA A 86 8.34 -2.09 -7.37
C ALA A 86 9.62 -2.70 -7.93
N THR A 87 9.75 -4.02 -7.78
CA THR A 87 10.92 -4.73 -8.27
C THR A 87 11.10 -4.54 -9.77
N ASP A 88 10.01 -4.75 -10.52
CA ASP A 88 10.04 -4.60 -11.97
C ASP A 88 8.70 -4.08 -12.48
N ALA A 89 8.70 -3.58 -13.72
CA ALA A 89 7.49 -3.06 -14.33
C ALA A 89 6.34 -4.07 -14.23
N LYS A 90 6.68 -5.34 -14.38
CA LYS A 90 5.68 -6.40 -14.31
C LYS A 90 5.00 -6.41 -12.94
N GLU A 91 5.74 -6.02 -11.91
CA GLU A 91 5.21 -5.99 -10.56
C GLU A 91 4.52 -4.66 -10.27
N ARG A 92 5.16 -3.58 -10.69
CA ARG A 92 4.62 -2.24 -10.48
C ARG A 92 3.09 -2.25 -10.59
N GLN A 93 2.58 -2.83 -11.67
CA GLN A 93 1.14 -2.91 -11.88
C GLN A 93 0.46 -3.73 -10.79
N HIS A 94 1.09 -4.86 -10.44
CA HIS A 94 0.56 -5.74 -9.41
C HIS A 94 0.21 -4.95 -8.15
N TRP A 95 1.13 -4.09 -7.72
CA TRP A 95 0.92 -3.27 -6.53
C TRP A 95 -0.16 -2.23 -6.77
N VAL A 96 0.10 -1.32 -7.70
CA VAL A 96 -0.87 -0.27 -8.02
C VAL A 96 -2.29 -0.80 -8.02
N SER A 97 -2.52 -1.87 -8.77
CA SER A 97 -3.84 -2.48 -8.86
C SER A 97 -4.30 -2.98 -7.49
N ARG A 98 -3.61 -4.01 -6.99
CA ARG A 98 -3.94 -4.58 -5.70
C ARG A 98 -4.33 -3.49 -4.70
N LEU A 99 -3.43 -2.53 -4.50
CA LEU A 99 -3.68 -1.43 -3.57
C LEU A 99 -4.93 -0.66 -3.96
N GLN A 100 -5.08 -0.39 -5.26
CA GLN A 100 -6.24 0.35 -5.75
C GLN A 100 -7.54 -0.41 -5.43
N ILE A 101 -7.43 -1.72 -5.27
CA ILE A 101 -8.58 -2.55 -4.95
C ILE A 101 -8.82 -2.62 -3.45
N CYS A 102 -7.76 -2.88 -2.71
CA CYS A 102 -7.84 -2.98 -1.26
C CYS A 102 -8.22 -1.63 -0.64
N THR A 103 -7.79 -0.55 -1.28
CA THR A 103 -8.08 0.79 -0.80
C THR A 103 -9.56 1.12 -0.94
N GLN A 104 -10.14 0.77 -2.08
CA GLN A 104 -11.55 1.03 -2.33
C GLN A 104 -12.43 0.03 -1.58
N HIS A 105 -12.19 -1.26 -1.82
CA HIS A 105 -12.96 -2.31 -1.17
C HIS A 105 -13.21 -1.97 0.30
N HIS A 106 -12.25 -1.28 0.91
CA HIS A 106 -12.36 -0.89 2.31
C HIS A 106 -13.18 0.38 2.46
N THR A 107 -12.64 1.49 1.98
CA THR A 107 -13.33 2.78 2.06
C THR A 107 -14.81 2.63 1.75
N GLU A 108 -15.13 1.72 0.83
CA GLU A 108 -16.52 1.48 0.44
C GLU A 108 -17.32 0.92 1.61
N ALA A 109 -16.74 -0.04 2.31
CA ALA A 109 -17.39 -0.66 3.46
C ALA A 109 -18.04 0.39 4.36
N ILE A 110 -17.43 1.56 4.42
CA ILE A 110 -17.95 2.65 5.24
C ILE A 110 -19.36 3.04 4.81
N GLY A 111 -20.29 3.01 5.75
CA GLY A 111 -21.67 3.36 5.45
C GLY A 111 -21.77 4.57 4.55
N LYS A 112 -21.52 5.75 5.10
CA LYS A 112 -21.58 6.98 4.33
C LYS A 112 -20.68 6.91 3.10
N ASN A 113 -21.27 7.12 1.93
CA ASN A 113 -20.52 7.08 0.68
C ASN A 113 -20.89 8.25 -0.22
N ASN A 114 -19.93 8.73 -1.00
CA ASN A 114 -20.15 9.85 -1.90
C ASN A 114 -19.90 9.44 -3.35
N SER A 115 -20.97 9.37 -4.13
CA SER A 115 -20.86 8.99 -5.54
C SER A 115 -21.98 9.64 -6.36
N GLY A 116 -21.73 9.78 -7.66
CA GLY A 116 -22.71 10.38 -8.54
C GLY A 116 -22.73 9.75 -9.91
N PRO A 117 -21.99 10.37 -10.86
CA PRO A 117 -21.90 9.88 -12.24
C PRO A 117 -21.12 8.58 -12.35
N SER A 118 -21.68 7.62 -13.09
CA SER A 118 -21.04 6.32 -13.26
C SER A 118 -21.66 5.56 -14.42
N SER A 119 -20.90 4.64 -15.00
CA SER A 119 -21.38 3.84 -16.12
C SER A 119 -20.53 2.59 -16.31
N GLY A 120 -21.16 1.42 -16.27
CA GLY A 120 -20.45 0.18 -16.44
C GLY A 120 -20.96 -0.64 -17.61
N GLY A 1 -22.65 -5.75 0.03
CA GLY A 1 -23.11 -6.82 -0.86
C GLY A 1 -21.96 -7.46 -1.61
N SER A 2 -22.23 -8.64 -2.17
CA SER A 2 -21.21 -9.37 -2.93
C SER A 2 -19.83 -9.18 -2.29
N SER A 3 -19.77 -9.26 -0.97
CA SER A 3 -18.52 -9.11 -0.24
C SER A 3 -17.84 -10.45 -0.04
N GLY A 4 -16.51 -10.42 0.02
CA GLY A 4 -15.75 -11.65 0.21
C GLY A 4 -14.96 -11.65 1.50
N SER A 5 -14.88 -12.81 2.14
CA SER A 5 -14.14 -12.94 3.39
C SER A 5 -12.67 -13.28 3.14
N SER A 6 -12.44 -14.43 2.50
CA SER A 6 -11.09 -14.87 2.20
C SER A 6 -10.35 -13.83 1.36
N GLY A 7 -9.08 -13.62 1.67
CA GLY A 7 -8.29 -12.65 0.94
C GLY A 7 -6.81 -13.00 0.93
N GLU A 8 -6.16 -12.79 -0.21
CA GLU A 8 -4.74 -13.09 -0.34
C GLU A 8 -3.89 -11.85 -0.04
N ASN A 9 -3.12 -11.92 1.04
CA ASN A 9 -2.26 -10.80 1.43
C ASN A 9 -1.31 -10.43 0.31
N VAL A 10 -0.64 -9.29 0.47
CA VAL A 10 0.31 -8.82 -0.54
C VAL A 10 1.56 -8.22 0.12
N TYR A 11 2.71 -8.79 -0.21
CA TYR A 11 3.97 -8.32 0.36
C TYR A 11 5.10 -8.44 -0.67
N GLY A 12 6.19 -7.71 -0.43
CA GLY A 12 7.32 -7.75 -1.33
C GLY A 12 8.39 -6.74 -0.96
N TYR A 13 9.56 -6.85 -1.61
CA TYR A 13 10.66 -5.94 -1.35
C TYR A 13 10.58 -4.71 -2.24
N LEU A 14 10.19 -3.58 -1.65
CA LEU A 14 10.08 -2.33 -2.39
C LEU A 14 11.08 -1.30 -1.89
N MET A 15 11.38 -0.32 -2.74
CA MET A 15 12.32 0.74 -2.37
C MET A 15 11.60 1.95 -1.80
N LYS A 16 12.18 2.55 -0.76
CA LYS A 16 11.59 3.72 -0.13
C LYS A 16 12.58 4.88 -0.08
N TYR A 17 12.06 6.09 0.01
CA TYR A 17 12.91 7.29 0.05
C TYR A 17 13.17 7.70 1.50
N THR A 18 14.34 7.32 2.02
CA THR A 18 14.70 7.65 3.40
C THR A 18 15.21 9.09 3.49
N ASN A 19 16.01 9.50 2.51
CA ASN A 19 16.56 10.84 2.48
C ASN A 19 17.00 11.23 1.07
N LEU A 20 17.55 12.43 0.93
CA LEU A 20 18.02 12.91 -0.36
C LEU A 20 19.33 12.24 -0.75
N VAL A 21 20.33 12.35 0.12
CA VAL A 21 21.64 11.75 -0.13
C VAL A 21 21.51 10.25 -0.37
N THR A 22 20.88 9.56 0.58
CA THR A 22 20.70 8.12 0.48
C THR A 22 19.95 7.75 -0.80
N GLY A 23 18.89 8.49 -1.09
CA GLY A 23 18.11 8.22 -2.28
C GLY A 23 17.02 7.18 -2.04
N TRP A 24 17.22 5.98 -2.55
CA TRP A 24 16.26 4.90 -2.39
C TRP A 24 16.87 3.73 -1.63
N GLN A 25 16.07 3.09 -0.79
CA GLN A 25 16.53 1.95 0.00
C GLN A 25 15.52 0.81 -0.05
N TYR A 26 16.01 -0.40 -0.27
CA TYR A 26 15.16 -1.58 -0.34
C TYR A 26 14.62 -1.96 1.04
N ARG A 27 13.35 -2.33 1.09
CA ARG A 27 12.72 -2.71 2.35
C ARG A 27 11.58 -3.69 2.11
N PHE A 28 11.07 -4.28 3.19
CA PHE A 28 9.98 -5.24 3.10
C PHE A 28 8.65 -4.60 3.44
N PHE A 29 7.68 -4.72 2.54
CA PHE A 29 6.36 -4.14 2.75
C PHE A 29 5.31 -5.23 2.88
N VAL A 30 4.35 -5.03 3.79
CA VAL A 30 3.29 -5.99 4.02
C VAL A 30 1.93 -5.31 4.08
N LEU A 31 1.04 -5.71 3.17
CA LEU A 31 -0.30 -5.13 3.13
C LEU A 31 -1.29 -5.95 3.95
N ASN A 32 -2.18 -5.27 4.66
CA ASN A 32 -3.18 -5.94 5.49
C ASN A 32 -4.57 -5.80 4.88
N ASN A 33 -5.16 -6.95 4.51
CA ASN A 33 -6.48 -6.95 3.92
C ASN A 33 -7.57 -7.06 4.99
N GLU A 34 -7.29 -7.86 6.03
CA GLU A 34 -8.23 -8.04 7.12
C GLU A 34 -8.47 -6.73 7.86
N ALA A 35 -7.40 -5.96 8.04
CA ALA A 35 -7.50 -4.68 8.73
C ALA A 35 -7.58 -3.52 7.74
N GLY A 36 -6.65 -3.50 6.79
CA GLY A 36 -6.63 -2.44 5.80
C GLY A 36 -5.55 -1.40 6.07
N LEU A 37 -4.42 -1.86 6.58
CA LEU A 37 -3.30 -0.97 6.88
C LEU A 37 -2.02 -1.44 6.19
N LEU A 38 -1.25 -0.48 5.68
CA LEU A 38 -0.01 -0.78 4.99
C LEU A 38 1.19 -0.55 5.91
N GLU A 39 1.88 -1.63 6.27
CA GLU A 39 3.04 -1.54 7.14
C GLU A 39 4.32 -1.90 6.38
N TYR A 40 5.46 -1.63 6.99
CA TYR A 40 6.75 -1.92 6.38
C TYR A 40 7.84 -2.05 7.43
N PHE A 41 8.65 -3.11 7.33
CA PHE A 41 9.73 -3.34 8.28
C PHE A 41 11.08 -3.38 7.56
N VAL A 42 12.15 -3.20 8.31
CA VAL A 42 13.50 -3.21 7.75
C VAL A 42 13.67 -4.36 6.77
N ASN A 43 13.15 -5.52 7.14
CA ASN A 43 13.24 -6.70 6.29
C ASN A 43 12.36 -7.83 6.82
N GLU A 44 12.41 -8.98 6.16
CA GLU A 44 11.61 -10.14 6.57
C GLU A 44 12.04 -10.63 7.95
N GLN A 45 13.33 -10.53 8.23
CA GLN A 45 13.86 -10.95 9.53
C GLN A 45 13.41 -10.02 10.65
N SER A 46 12.69 -8.97 10.27
CA SER A 46 12.21 -7.99 11.25
C SER A 46 10.69 -8.00 11.31
N ARG A 47 10.11 -9.19 11.13
CA ARG A 47 8.66 -9.34 11.16
C ARG A 47 8.12 -9.22 12.59
N ASN A 48 8.75 -9.94 13.51
CA ASN A 48 8.34 -9.92 14.91
C ASN A 48 8.65 -8.56 15.53
N GLN A 49 9.38 -7.72 14.80
CA GLN A 49 9.72 -6.39 15.29
C GLN A 49 8.62 -5.38 14.95
N LYS A 50 8.69 -4.22 15.59
CA LYS A 50 7.70 -3.17 15.37
C LYS A 50 7.91 -2.51 14.01
N PRO A 51 6.80 -2.31 13.28
CA PRO A 51 6.83 -1.69 11.96
C PRO A 51 7.17 -0.20 12.02
N ARG A 52 8.18 0.19 11.25
CA ARG A 52 8.62 1.59 11.23
C ARG A 52 7.42 2.53 11.21
N GLY A 53 6.36 2.13 10.51
CA GLY A 53 5.16 2.95 10.43
C GLY A 53 4.08 2.31 9.58
N THR A 54 2.85 2.79 9.73
CA THR A 54 1.72 2.26 8.98
C THR A 54 0.91 3.39 8.34
N LEU A 55 0.51 3.18 7.09
CA LEU A 55 -0.27 4.18 6.37
C LEU A 55 -1.68 3.66 6.07
N GLN A 56 -2.70 4.45 6.39
CA GLN A 56 -4.07 4.06 6.15
C GLN A 56 -4.39 4.10 4.66
N LEU A 57 -5.12 3.10 4.17
CA LEU A 57 -5.49 3.04 2.77
C LEU A 57 -6.95 3.47 2.57
N ALA A 58 -7.80 3.14 3.54
CA ALA A 58 -9.20 3.50 3.47
C ALA A 58 -9.39 4.93 3.00
N GLY A 59 -9.81 5.09 1.74
CA GLY A 59 -10.00 6.42 1.19
C GLY A 59 -8.73 7.01 0.63
N ALA A 60 -7.82 6.15 0.18
CA ALA A 60 -6.55 6.60 -0.39
C ALA A 60 -6.62 6.67 -1.90
N VAL A 61 -5.55 7.15 -2.52
CA VAL A 61 -5.48 7.27 -3.98
C VAL A 61 -4.12 6.86 -4.50
N ILE A 62 -4.11 6.01 -5.53
CA ILE A 62 -2.87 5.54 -6.13
C ILE A 62 -2.60 6.24 -7.45
N SER A 63 -1.49 6.97 -7.53
CA SER A 63 -1.12 7.68 -8.74
C SER A 63 0.25 7.23 -9.23
N PRO A 64 0.26 6.23 -10.13
CA PRO A 64 1.50 5.69 -10.70
C PRO A 64 2.17 6.67 -11.64
N SER A 65 3.24 7.29 -11.17
CA SER A 65 3.99 8.27 -11.98
C SER A 65 4.33 7.69 -13.35
N ASP A 66 4.79 8.54 -14.24
CA ASP A 66 5.16 8.11 -15.60
C ASP A 66 6.58 8.53 -15.92
N GLU A 67 7.40 8.72 -14.89
CA GLU A 67 8.79 9.13 -15.08
C GLU A 67 9.67 7.92 -15.39
N ASP A 68 9.90 7.09 -14.38
CA ASP A 68 10.72 5.90 -14.54
C ASP A 68 9.86 4.66 -14.71
N SER A 69 10.35 3.68 -15.48
CA SER A 69 9.63 2.44 -15.71
C SER A 69 8.89 2.00 -14.46
N HIS A 70 9.61 1.92 -13.35
CA HIS A 70 9.03 1.50 -12.08
C HIS A 70 8.93 2.69 -11.11
N THR A 71 7.71 3.19 -10.92
CA THR A 71 7.48 4.32 -10.02
C THR A 71 6.00 4.49 -9.72
N PHE A 72 5.68 4.67 -8.45
CA PHE A 72 4.30 4.85 -8.04
C PHE A 72 4.21 5.51 -6.66
N THR A 73 3.10 6.18 -6.39
CA THR A 73 2.91 6.86 -5.12
C THR A 73 1.60 6.43 -4.46
N VAL A 74 1.61 6.33 -3.14
CA VAL A 74 0.43 5.93 -2.38
C VAL A 74 -0.03 7.04 -1.46
N ASN A 75 -1.10 7.72 -1.85
CA ASN A 75 -1.65 8.82 -1.05
C ASN A 75 -2.41 8.28 0.16
N ALA A 76 -2.90 9.20 0.99
CA ALA A 76 -3.65 8.82 2.18
C ALA A 76 -4.77 9.81 2.47
N ALA A 77 -5.97 9.29 2.71
CA ALA A 77 -7.12 10.14 2.99
C ALA A 77 -6.71 11.36 3.81
N SER A 78 -6.06 11.12 4.95
CA SER A 78 -5.62 12.20 5.82
C SER A 78 -4.89 13.27 5.02
N GLY A 79 -3.78 12.88 4.41
CA GLY A 79 -2.99 13.82 3.62
C GLY A 79 -1.52 13.50 3.64
N GLU A 80 -1.14 12.35 3.10
CA GLU A 80 0.25 11.93 3.07
C GLU A 80 0.53 11.03 1.86
N GLN A 81 1.68 11.23 1.23
CA GLN A 81 2.06 10.44 0.06
C GLN A 81 3.26 9.58 0.36
N TYR A 82 3.33 8.41 -0.27
CA TYR A 82 4.44 7.49 -0.07
C TYR A 82 5.21 7.27 -1.37
N LYS A 83 6.52 7.52 -1.33
CA LYS A 83 7.37 7.35 -2.50
C LYS A 83 7.98 5.96 -2.52
N LEU A 84 7.45 5.09 -3.37
CA LEU A 84 7.94 3.73 -3.49
C LEU A 84 8.31 3.41 -4.94
N ARG A 85 9.03 2.30 -5.14
CA ARG A 85 9.45 1.89 -6.47
C ARG A 85 9.42 0.37 -6.60
N ALA A 86 8.69 -0.12 -7.60
CA ALA A 86 8.57 -1.56 -7.83
C ALA A 86 9.89 -2.13 -8.34
N THR A 87 10.05 -3.44 -8.19
CA THR A 87 11.27 -4.11 -8.63
C THR A 87 11.35 -4.16 -10.16
N ASP A 88 10.19 -4.24 -10.80
CA ASP A 88 10.12 -4.29 -12.25
C ASP A 88 8.80 -3.72 -12.76
N ALA A 89 8.82 -3.22 -13.99
CA ALA A 89 7.62 -2.64 -14.59
C ALA A 89 6.41 -3.53 -14.37
N LYS A 90 6.64 -4.84 -14.28
CA LYS A 90 5.57 -5.80 -14.07
C LYS A 90 5.05 -5.73 -12.64
N GLU A 91 5.96 -5.81 -11.67
CA GLU A 91 5.58 -5.75 -10.26
C GLU A 91 4.76 -4.50 -9.97
N ARG A 92 5.18 -3.38 -10.55
CA ARG A 92 4.48 -2.11 -10.34
C ARG A 92 2.97 -2.29 -10.52
N GLN A 93 2.56 -2.64 -11.74
CA GLN A 93 1.15 -2.84 -12.03
C GLN A 93 0.46 -3.63 -10.92
N HIS A 94 1.03 -4.77 -10.56
CA HIS A 94 0.48 -5.62 -9.52
C HIS A 94 0.16 -4.79 -8.28
N TRP A 95 1.19 -4.23 -7.66
CA TRP A 95 1.01 -3.43 -6.46
C TRP A 95 -0.07 -2.36 -6.67
N VAL A 96 0.18 -1.47 -7.61
CA VAL A 96 -0.76 -0.39 -7.92
C VAL A 96 -2.19 -0.92 -7.93
N SER A 97 -2.43 -1.96 -8.71
CA SER A 97 -3.76 -2.55 -8.82
C SER A 97 -4.23 -3.08 -7.47
N ARG A 98 -3.55 -4.11 -6.97
CA ARG A 98 -3.90 -4.70 -5.68
C ARG A 98 -4.32 -3.63 -4.69
N LEU A 99 -3.46 -2.65 -4.49
CA LEU A 99 -3.74 -1.56 -3.55
C LEU A 99 -5.02 -0.82 -3.95
N GLN A 100 -5.07 -0.39 -5.21
CA GLN A 100 -6.23 0.34 -5.71
C GLN A 100 -7.52 -0.40 -5.36
N ILE A 101 -7.43 -1.73 -5.26
CA ILE A 101 -8.58 -2.55 -4.93
C ILE A 101 -8.86 -2.55 -3.43
N CYS A 102 -7.79 -2.57 -2.64
CA CYS A 102 -7.90 -2.58 -1.19
C CYS A 102 -8.45 -1.25 -0.69
N THR A 103 -7.81 -0.15 -1.10
CA THR A 103 -8.24 1.18 -0.69
C THR A 103 -9.74 1.36 -0.86
N GLN A 104 -10.27 0.79 -1.94
CA GLN A 104 -11.70 0.90 -2.22
C GLN A 104 -12.48 -0.18 -1.48
N HIS A 105 -12.16 -1.44 -1.77
CA HIS A 105 -12.84 -2.57 -1.13
C HIS A 105 -13.02 -2.30 0.37
N HIS A 106 -12.16 -1.47 0.93
CA HIS A 106 -12.22 -1.14 2.35
C HIS A 106 -13.07 0.10 2.58
N THR A 107 -12.63 1.23 2.01
CA THR A 107 -13.35 2.48 2.16
C THR A 107 -14.85 2.29 1.93
N GLU A 108 -15.18 1.44 0.98
CA GLU A 108 -16.58 1.16 0.66
C GLU A 108 -17.38 0.86 1.93
N ALA A 109 -16.89 -0.09 2.72
CA ALA A 109 -17.56 -0.47 3.95
C ALA A 109 -18.11 0.76 4.68
N ILE A 110 -17.36 1.85 4.63
CA ILE A 110 -17.77 3.09 5.28
C ILE A 110 -19.03 3.66 4.62
N GLY A 111 -20.17 3.50 5.30
CA GLY A 111 -21.42 4.01 4.77
C GLY A 111 -22.25 4.74 5.81
N LYS A 112 -21.78 5.92 6.20
CA LYS A 112 -22.48 6.72 7.20
C LYS A 112 -22.33 8.21 6.91
N ASN A 113 -23.37 8.97 7.22
CA ASN A 113 -23.36 10.42 6.99
C ASN A 113 -23.35 11.18 8.30
N ASN A 114 -22.15 11.44 8.81
CA ASN A 114 -21.99 12.16 10.08
C ASN A 114 -20.88 13.20 9.97
N SER A 115 -21.25 14.47 9.97
CA SER A 115 -20.28 15.56 9.88
C SER A 115 -20.44 16.53 11.04
N GLY A 116 -19.58 17.54 11.08
CA GLY A 116 -19.63 18.52 12.15
C GLY A 116 -18.63 19.65 11.94
N PRO A 117 -19.02 20.86 12.39
CA PRO A 117 -18.17 22.05 12.26
C PRO A 117 -16.94 21.99 13.17
N SER A 118 -15.79 22.40 12.64
CA SER A 118 -14.55 22.38 13.41
C SER A 118 -14.01 23.80 13.58
N SER A 119 -13.74 24.47 12.46
CA SER A 119 -13.21 25.82 12.49
C SER A 119 -11.81 25.85 13.11
N GLY A 120 -10.98 24.89 12.73
CA GLY A 120 -9.63 24.82 13.26
C GLY A 120 -8.68 24.08 12.34
N GLY A 1 -22.49 -10.44 -10.04
CA GLY A 1 -22.94 -11.02 -8.79
C GLY A 1 -21.80 -11.55 -7.95
N SER A 2 -21.96 -11.52 -6.63
CA SER A 2 -20.92 -11.99 -5.72
C SER A 2 -19.54 -11.59 -6.21
N SER A 3 -19.39 -10.32 -6.55
CA SER A 3 -18.11 -9.80 -7.04
C SER A 3 -17.38 -9.03 -5.95
N GLY A 4 -16.06 -9.11 -5.95
CA GLY A 4 -15.26 -8.42 -4.97
C GLY A 4 -14.03 -9.19 -4.56
N SER A 5 -12.86 -8.62 -4.82
CA SER A 5 -11.60 -9.28 -4.49
C SER A 5 -11.70 -9.99 -3.14
N SER A 6 -11.24 -11.24 -3.09
CA SER A 6 -11.29 -12.03 -1.88
C SER A 6 -10.57 -11.31 -0.73
N GLY A 7 -9.28 -11.01 -0.94
CA GLY A 7 -8.52 -10.32 0.07
C GLY A 7 -7.30 -11.11 0.50
N GLU A 8 -6.21 -10.99 -0.26
CA GLU A 8 -4.97 -11.70 0.05
C GLU A 8 -3.88 -10.73 0.49
N ASN A 9 -2.97 -11.23 1.32
CA ASN A 9 -1.88 -10.41 1.83
C ASN A 9 -0.79 -10.24 0.77
N VAL A 10 -0.59 -8.99 0.33
CA VAL A 10 0.43 -8.70 -0.68
C VAL A 10 1.67 -8.09 -0.05
N TYR A 11 2.81 -8.74 -0.25
CA TYR A 11 4.07 -8.27 0.30
C TYR A 11 5.16 -8.25 -0.77
N GLY A 12 6.28 -7.60 -0.46
CA GLY A 12 7.38 -7.53 -1.40
C GLY A 12 8.43 -6.52 -0.97
N TYR A 13 9.65 -6.70 -1.48
CA TYR A 13 10.75 -5.80 -1.15
C TYR A 13 10.78 -4.61 -2.09
N LEU A 14 10.35 -3.45 -1.59
CA LEU A 14 10.33 -2.22 -2.39
C LEU A 14 11.34 -1.21 -1.85
N MET A 15 11.61 -0.18 -2.64
CA MET A 15 12.56 0.85 -2.25
C MET A 15 11.83 2.09 -1.74
N LYS A 16 11.98 2.38 -0.45
CA LYS A 16 11.34 3.53 0.16
C LYS A 16 12.28 4.72 0.20
N TYR A 17 11.80 5.87 -0.27
CA TYR A 17 12.62 7.08 -0.29
C TYR A 17 12.76 7.66 1.11
N THR A 18 13.98 7.66 1.62
CA THR A 18 14.25 8.20 2.96
C THR A 18 14.48 9.71 2.92
N ASN A 19 15.45 10.13 2.12
CA ASN A 19 15.76 11.54 2.00
C ASN A 19 16.63 11.80 0.76
N LEU A 20 16.77 13.07 0.40
CA LEU A 20 17.57 13.45 -0.75
C LEU A 20 18.97 12.86 -0.67
N VAL A 21 19.69 13.21 0.40
CA VAL A 21 21.05 12.71 0.60
C VAL A 21 21.13 11.22 0.30
N THR A 22 20.32 10.43 0.99
CA THR A 22 20.29 8.99 0.79
C THR A 22 19.71 8.63 -0.56
N GLY A 23 18.41 8.84 -0.71
CA GLY A 23 17.74 8.53 -1.96
C GLY A 23 16.78 7.36 -1.84
N TRP A 24 17.11 6.24 -2.47
CA TRP A 24 16.27 5.06 -2.43
C TRP A 24 16.90 3.97 -1.56
N GLN A 25 16.14 3.46 -0.61
CA GLN A 25 16.63 2.42 0.28
C GLN A 25 15.69 1.22 0.29
N TYR A 26 16.24 0.03 0.04
CA TYR A 26 15.44 -1.18 0.02
C TYR A 26 14.78 -1.44 1.37
N ARG A 27 13.53 -1.88 1.34
CA ARG A 27 12.79 -2.16 2.56
C ARG A 27 11.69 -3.19 2.31
N PHE A 28 11.30 -3.90 3.37
CA PHE A 28 10.27 -4.92 3.26
C PHE A 28 8.89 -4.33 3.59
N PHE A 29 7.90 -4.70 2.78
CA PHE A 29 6.54 -4.21 2.98
C PHE A 29 5.55 -5.37 3.01
N VAL A 30 4.50 -5.23 3.82
CA VAL A 30 3.47 -6.26 3.93
C VAL A 30 2.09 -5.64 4.06
N LEU A 31 1.31 -5.70 2.97
CA LEU A 31 -0.03 -5.15 2.95
C LEU A 31 -0.99 -6.04 3.75
N ASN A 32 -1.90 -5.40 4.49
CA ASN A 32 -2.88 -6.12 5.29
C ASN A 32 -4.30 -5.88 4.78
N ASN A 33 -4.91 -6.92 4.23
CA ASN A 33 -6.27 -6.82 3.70
C ASN A 33 -7.29 -6.82 4.84
N GLU A 34 -7.33 -7.91 5.60
CA GLU A 34 -8.26 -8.03 6.70
C GLU A 34 -8.40 -6.71 7.45
N ALA A 35 -7.28 -6.02 7.64
CA ALA A 35 -7.27 -4.74 8.34
C ALA A 35 -7.33 -3.59 7.34
N GLY A 36 -6.37 -3.53 6.44
CA GLY A 36 -6.32 -2.47 5.45
C GLY A 36 -5.27 -1.43 5.76
N LEU A 37 -4.18 -1.86 6.40
CA LEU A 37 -3.09 -0.97 6.75
C LEU A 37 -1.79 -1.41 6.10
N LEU A 38 -1.04 -0.44 5.58
CA LEU A 38 0.24 -0.74 4.92
C LEU A 38 1.40 -0.49 5.86
N GLU A 39 2.13 -1.55 6.19
CA GLU A 39 3.27 -1.45 7.09
C GLU A 39 4.57 -1.77 6.35
N TYR A 40 5.69 -1.49 6.99
CA TYR A 40 7.00 -1.75 6.40
C TYR A 40 8.06 -1.97 7.48
N PHE A 41 8.70 -3.14 7.44
CA PHE A 41 9.73 -3.47 8.41
C PHE A 41 11.09 -3.60 7.74
N VAL A 42 12.15 -3.39 8.51
CA VAL A 42 13.51 -3.47 7.99
C VAL A 42 13.65 -4.62 6.99
N ASN A 43 13.09 -5.77 7.34
CA ASN A 43 13.15 -6.95 6.49
C ASN A 43 12.02 -7.92 6.82
N GLU A 44 11.91 -8.97 6.02
CA GLU A 44 10.86 -9.97 6.21
C GLU A 44 10.94 -10.57 7.62
N GLN A 45 12.15 -10.99 8.01
CA GLN A 45 12.36 -11.58 9.32
C GLN A 45 11.79 -10.68 10.42
N SER A 46 11.69 -9.39 10.12
CA SER A 46 11.17 -8.43 11.09
C SER A 46 9.73 -8.05 10.75
N ARG A 47 8.96 -9.03 10.28
CA ARG A 47 7.56 -8.79 9.92
C ARG A 47 6.65 -8.92 11.15
N ASN A 48 7.06 -9.77 12.09
CA ASN A 48 6.28 -9.98 13.30
C ASN A 48 6.50 -8.84 14.29
N GLN A 49 7.75 -8.40 14.43
CA GLN A 49 8.08 -7.31 15.34
C GLN A 49 7.24 -6.07 15.04
N LYS A 50 7.42 -5.04 15.85
CA LYS A 50 6.68 -3.79 15.67
C LYS A 50 7.10 -3.09 14.38
N PRO A 51 6.12 -2.59 13.62
CA PRO A 51 6.35 -1.89 12.37
C PRO A 51 7.01 -0.52 12.57
N ARG A 52 7.83 -0.12 11.61
CA ARG A 52 8.52 1.17 11.69
C ARG A 52 7.58 2.31 11.33
N GLY A 53 6.62 2.03 10.46
CA GLY A 53 5.66 3.04 10.04
C GLY A 53 4.50 2.46 9.28
N THR A 54 3.28 2.88 9.64
CA THR A 54 2.08 2.39 8.98
C THR A 54 1.35 3.53 8.28
N LEU A 55 0.41 3.17 7.40
CA LEU A 55 -0.36 4.16 6.66
C LEU A 55 -1.74 3.61 6.31
N GLN A 56 -2.77 4.43 6.54
CA GLN A 56 -4.14 4.03 6.25
C GLN A 56 -4.39 4.02 4.74
N LEU A 57 -5.18 3.05 4.29
CA LEU A 57 -5.50 2.94 2.87
C LEU A 57 -6.96 3.30 2.62
N ALA A 58 -7.81 3.12 3.63
CA ALA A 58 -9.23 3.44 3.51
C ALA A 58 -9.42 4.90 3.12
N GLY A 59 -9.65 5.14 1.83
CA GLY A 59 -9.87 6.49 1.35
C GLY A 59 -8.62 7.08 0.71
N ALA A 60 -7.69 6.21 0.31
CA ALA A 60 -6.46 6.65 -0.31
C ALA A 60 -6.56 6.58 -1.84
N VAL A 61 -5.57 7.17 -2.51
CA VAL A 61 -5.55 7.17 -3.97
C VAL A 61 -4.18 6.77 -4.50
N ILE A 62 -4.17 5.87 -5.48
CA ILE A 62 -2.93 5.41 -6.07
C ILE A 62 -2.64 6.12 -7.39
N SER A 63 -1.54 6.87 -7.41
CA SER A 63 -1.15 7.61 -8.60
C SER A 63 0.23 7.17 -9.10
N PRO A 64 0.24 6.19 -10.01
CA PRO A 64 1.47 5.65 -10.58
C PRO A 64 2.16 6.65 -11.50
N SER A 65 3.42 6.97 -11.19
CA SER A 65 4.18 7.92 -11.99
C SER A 65 4.42 7.38 -13.39
N ASP A 66 5.08 8.18 -14.22
CA ASP A 66 5.37 7.78 -15.59
C ASP A 66 6.84 8.03 -15.94
N GLU A 67 7.38 9.12 -15.41
CA GLU A 67 8.78 9.48 -15.66
C GLU A 67 9.67 8.24 -15.67
N ASP A 68 9.75 7.57 -14.52
CA ASP A 68 10.56 6.37 -14.40
C ASP A 68 9.78 5.13 -14.82
N SER A 69 10.49 4.09 -15.26
CA SER A 69 9.85 2.85 -15.69
C SER A 69 9.01 2.25 -14.57
N HIS A 70 9.67 1.96 -13.45
CA HIS A 70 8.98 1.37 -12.29
C HIS A 70 8.89 2.37 -11.15
N THR A 71 7.68 2.84 -10.88
CA THR A 71 7.46 3.81 -9.81
C THR A 71 5.98 4.00 -9.54
N PHE A 72 5.63 4.29 -8.29
CA PHE A 72 4.24 4.50 -7.90
C PHE A 72 4.16 5.20 -6.56
N THR A 73 2.98 5.75 -6.26
CA THR A 73 2.77 6.45 -5.00
C THR A 73 1.42 6.10 -4.39
N VAL A 74 1.37 6.00 -3.07
CA VAL A 74 0.13 5.68 -2.36
C VAL A 74 -0.38 6.87 -1.56
N ASN A 75 -1.28 7.64 -2.16
CA ASN A 75 -1.85 8.81 -1.49
C ASN A 75 -2.62 8.39 -0.24
N ALA A 76 -3.16 9.39 0.47
CA ALA A 76 -3.92 9.13 1.67
C ALA A 76 -4.85 10.30 1.99
N ALA A 77 -6.15 10.00 2.11
CA ALA A 77 -7.14 11.03 2.41
C ALA A 77 -6.61 12.01 3.44
N SER A 78 -6.07 11.48 4.53
CA SER A 78 -5.53 12.33 5.60
C SER A 78 -4.62 13.40 5.03
N GLY A 79 -3.82 13.03 4.03
CA GLY A 79 -2.90 13.98 3.42
C GLY A 79 -1.46 13.51 3.47
N GLU A 80 -1.24 12.24 3.15
CA GLU A 80 0.10 11.67 3.17
C GLU A 80 0.33 10.82 1.93
N GLN A 81 1.56 10.88 1.40
CA GLN A 81 1.91 10.11 0.20
C GLN A 81 3.14 9.25 0.46
N TYR A 82 3.17 8.07 -0.14
CA TYR A 82 4.29 7.15 0.02
C TYR A 82 5.02 6.94 -1.30
N LYS A 83 6.33 7.17 -1.29
CA LYS A 83 7.15 7.00 -2.49
C LYS A 83 7.83 5.64 -2.49
N LEU A 84 7.22 4.67 -3.18
CA LEU A 84 7.78 3.33 -3.26
C LEU A 84 8.13 2.97 -4.71
N ARG A 85 8.85 1.87 -4.88
CA ARG A 85 9.24 1.42 -6.20
C ARG A 85 9.08 -0.09 -6.34
N ALA A 86 8.69 -0.54 -7.53
CA ALA A 86 8.48 -1.95 -7.79
C ALA A 86 9.74 -2.58 -8.40
N THR A 87 9.89 -3.89 -8.22
CA THR A 87 11.04 -4.61 -8.76
C THR A 87 11.15 -4.42 -10.27
N ASP A 88 10.02 -4.49 -10.95
CA ASP A 88 9.98 -4.33 -12.40
C ASP A 88 8.65 -3.73 -12.85
N ALA A 89 8.66 -3.13 -14.04
CA ALA A 89 7.45 -2.52 -14.59
C ALA A 89 6.25 -3.45 -14.43
N LYS A 90 6.48 -4.74 -14.61
CA LYS A 90 5.42 -5.74 -14.49
C LYS A 90 4.85 -5.75 -13.08
N GLU A 91 5.73 -5.98 -12.09
CA GLU A 91 5.31 -6.02 -10.70
C GLU A 91 4.52 -4.77 -10.32
N ARG A 92 5.04 -3.61 -10.72
CA ARG A 92 4.39 -2.35 -10.43
C ARG A 92 2.89 -2.44 -10.68
N GLN A 93 2.51 -2.89 -11.87
CA GLN A 93 1.10 -3.02 -12.24
C GLN A 93 0.33 -3.78 -11.16
N HIS A 94 0.96 -4.81 -10.60
CA HIS A 94 0.33 -5.61 -9.57
C HIS A 94 0.06 -4.77 -8.32
N TRP A 95 1.12 -4.25 -7.72
CA TRP A 95 0.99 -3.43 -6.52
C TRP A 95 -0.08 -2.36 -6.71
N VAL A 96 0.06 -1.57 -7.77
CA VAL A 96 -0.89 -0.50 -8.06
C VAL A 96 -2.33 -1.01 -7.97
N SER A 97 -2.67 -1.96 -8.86
CA SER A 97 -4.01 -2.52 -8.88
C SER A 97 -4.44 -2.97 -7.49
N ARG A 98 -3.72 -3.94 -6.93
CA ARG A 98 -4.03 -4.46 -5.61
C ARG A 98 -4.46 -3.34 -4.68
N LEU A 99 -3.57 -2.36 -4.48
CA LEU A 99 -3.86 -1.23 -3.61
C LEU A 99 -5.12 -0.49 -4.08
N GLN A 100 -5.25 -0.32 -5.39
CA GLN A 100 -6.40 0.37 -5.96
C GLN A 100 -7.69 -0.35 -5.62
N ILE A 101 -7.59 -1.67 -5.42
CA ILE A 101 -8.76 -2.49 -5.09
C ILE A 101 -9.02 -2.47 -3.58
N CYS A 102 -7.98 -2.74 -2.81
CA CYS A 102 -8.10 -2.76 -1.35
C CYS A 102 -8.49 -1.38 -0.81
N THR A 103 -7.75 -0.36 -1.24
CA THR A 103 -8.01 1.01 -0.80
C THR A 103 -9.50 1.35 -0.93
N GLN A 104 -10.09 0.95 -2.04
CA GLN A 104 -11.51 1.22 -2.30
C GLN A 104 -12.39 0.23 -1.55
N HIS A 105 -12.24 -1.05 -1.89
CA HIS A 105 -13.03 -2.10 -1.26
C HIS A 105 -13.17 -1.85 0.24
N HIS A 106 -12.20 -1.13 0.80
CA HIS A 106 -12.21 -0.82 2.23
C HIS A 106 -13.02 0.45 2.50
N THR A 107 -12.56 1.57 1.92
CA THR A 107 -13.23 2.85 2.10
C THR A 107 -14.73 2.73 1.84
N GLU A 108 -15.09 1.81 0.94
CA GLU A 108 -16.50 1.60 0.60
C GLU A 108 -17.18 0.71 1.64
N ALA A 109 -16.43 -0.22 2.19
CA ALA A 109 -16.96 -1.14 3.20
C ALA A 109 -17.31 -0.39 4.49
N ILE A 110 -16.45 0.54 4.88
CA ILE A 110 -16.67 1.33 6.09
C ILE A 110 -18.10 1.87 6.14
N GLY A 111 -18.76 1.67 7.27
CA GLY A 111 -20.12 2.15 7.43
C GLY A 111 -20.58 2.14 8.87
N LYS A 112 -21.36 1.14 9.24
CA LYS A 112 -21.87 1.02 10.60
C LYS A 112 -20.77 0.56 11.55
N ASN A 113 -20.10 1.52 12.19
CA ASN A 113 -19.03 1.22 13.13
C ASN A 113 -18.81 2.37 14.11
N ASN A 114 -18.43 2.03 15.33
CA ASN A 114 -18.19 3.04 16.35
C ASN A 114 -17.50 4.26 15.77
N SER A 115 -18.14 5.42 15.89
CA SER A 115 -17.59 6.66 15.37
C SER A 115 -17.44 7.70 16.47
N GLY A 116 -16.33 8.43 16.44
CA GLY A 116 -16.09 9.45 17.45
C GLY A 116 -15.39 10.67 16.89
N PRO A 117 -16.15 11.57 16.26
CA PRO A 117 -15.61 12.79 15.66
C PRO A 117 -15.14 13.79 16.72
N SER A 118 -14.25 14.68 16.31
CA SER A 118 -13.71 15.69 17.22
C SER A 118 -13.33 16.96 16.47
N SER A 119 -13.97 18.06 16.81
CA SER A 119 -13.70 19.35 16.16
C SER A 119 -13.58 20.46 17.19
N GLY A 120 -12.66 21.40 16.94
CA GLY A 120 -12.47 22.51 17.85
C GLY A 120 -11.98 22.06 19.22
N GLY A 1 -19.95 -12.44 -8.22
CA GLY A 1 -20.83 -13.47 -7.69
C GLY A 1 -21.13 -13.28 -6.22
N SER A 2 -20.88 -14.32 -5.43
CA SER A 2 -21.13 -14.26 -4.00
C SER A 2 -20.46 -15.43 -3.28
N SER A 3 -20.15 -15.23 -2.00
CA SER A 3 -19.49 -16.26 -1.20
C SER A 3 -18.43 -16.98 -2.02
N GLY A 4 -17.66 -16.22 -2.80
CA GLY A 4 -16.62 -16.80 -3.61
C GLY A 4 -15.62 -15.77 -4.10
N SER A 5 -14.43 -15.78 -3.52
CA SER A 5 -13.38 -14.83 -3.90
C SER A 5 -12.05 -15.21 -3.26
N SER A 6 -10.99 -15.21 -4.06
CA SER A 6 -9.66 -15.57 -3.58
C SER A 6 -8.77 -14.33 -3.54
N GLY A 7 -7.77 -14.35 -2.65
CA GLY A 7 -6.85 -13.24 -2.53
C GLY A 7 -5.90 -13.40 -1.36
N GLU A 8 -4.61 -13.46 -1.66
CA GLU A 8 -3.60 -13.61 -0.61
C GLU A 8 -2.89 -12.28 -0.36
N ASN A 9 -2.40 -12.11 0.87
CA ASN A 9 -1.70 -10.89 1.24
C ASN A 9 -0.68 -10.50 0.19
N VAL A 10 -0.48 -9.19 0.01
CA VAL A 10 0.47 -8.69 -0.97
C VAL A 10 1.69 -8.06 -0.28
N TYR A 11 2.87 -8.58 -0.59
CA TYR A 11 4.10 -8.06 -0.01
C TYR A 11 5.25 -8.14 -1.01
N GLY A 12 6.20 -7.23 -0.88
CA GLY A 12 7.34 -7.21 -1.78
C GLY A 12 8.40 -6.20 -1.36
N TYR A 13 9.66 -6.55 -1.57
CA TYR A 13 10.77 -5.67 -1.20
C TYR A 13 10.80 -4.44 -2.11
N LEU A 14 10.34 -3.32 -1.58
CA LEU A 14 10.32 -2.07 -2.34
C LEU A 14 11.37 -1.10 -1.81
N MET A 15 11.71 -0.10 -2.63
CA MET A 15 12.70 0.89 -2.23
C MET A 15 12.02 2.17 -1.74
N LYS A 16 12.12 2.42 -0.44
CA LYS A 16 11.52 3.61 0.16
C LYS A 16 12.49 4.78 0.14
N TYR A 17 12.02 5.92 -0.35
CA TYR A 17 12.85 7.12 -0.43
C TYR A 17 13.11 7.70 0.96
N THR A 18 14.38 7.92 1.28
CA THR A 18 14.76 8.46 2.57
C THR A 18 15.14 9.94 2.46
N ASN A 19 16.05 10.24 1.54
CA ASN A 19 16.50 11.61 1.33
C ASN A 19 17.21 11.75 -0.02
N LEU A 20 17.74 12.94 -0.28
CA LEU A 20 18.44 13.21 -1.53
C LEU A 20 19.75 12.43 -1.60
N VAL A 21 20.75 12.90 -0.83
CA VAL A 21 22.04 12.25 -0.79
C VAL A 21 21.92 10.74 -0.95
N THR A 22 21.01 10.15 -0.17
CA THR A 22 20.79 8.71 -0.23
C THR A 22 20.07 8.30 -1.52
N GLY A 23 18.85 8.81 -1.70
CA GLY A 23 18.10 8.49 -2.89
C GLY A 23 17.02 7.46 -2.63
N TRP A 24 17.32 6.20 -2.90
CA TRP A 24 16.36 5.12 -2.69
C TRP A 24 16.97 4.02 -1.82
N GLN A 25 16.20 3.55 -0.85
CA GLN A 25 16.65 2.50 0.05
C GLN A 25 15.67 1.33 0.08
N TYR A 26 16.21 0.12 0.03
CA TYR A 26 15.38 -1.08 0.04
C TYR A 26 14.65 -1.23 1.37
N ARG A 27 13.45 -1.79 1.32
CA ARG A 27 12.65 -1.99 2.52
C ARG A 27 11.50 -2.97 2.26
N PHE A 28 11.24 -3.84 3.21
CA PHE A 28 10.18 -4.83 3.09
C PHE A 28 8.82 -4.23 3.46
N PHE A 29 7.80 -4.62 2.73
CA PHE A 29 6.45 -4.11 2.98
C PHE A 29 5.44 -5.26 3.04
N VAL A 30 4.28 -4.99 3.63
CA VAL A 30 3.24 -6.00 3.75
C VAL A 30 1.86 -5.35 3.83
N LEU A 31 1.01 -5.66 2.85
CA LEU A 31 -0.34 -5.11 2.80
C LEU A 31 -1.30 -5.92 3.67
N ASN A 32 -2.25 -5.24 4.29
CA ASN A 32 -3.23 -5.90 5.15
C ASN A 32 -4.63 -5.75 4.59
N ASN A 33 -5.26 -6.88 4.27
CA ASN A 33 -6.62 -6.87 3.73
C ASN A 33 -7.65 -6.94 4.84
N GLU A 34 -7.34 -7.68 5.90
CA GLU A 34 -8.24 -7.83 7.03
C GLU A 34 -8.31 -6.53 7.83
N ALA A 35 -7.17 -5.89 8.02
CA ALA A 35 -7.11 -4.64 8.76
C ALA A 35 -7.22 -3.44 7.84
N GLY A 36 -6.44 -3.44 6.76
CA GLY A 36 -6.48 -2.35 5.81
C GLY A 36 -5.40 -1.31 6.08
N LEU A 37 -4.28 -1.76 6.61
CA LEU A 37 -3.17 -0.85 6.92
C LEU A 37 -1.89 -1.30 6.22
N LEU A 38 -1.15 -0.34 5.69
CA LEU A 38 0.11 -0.63 5.00
C LEU A 38 1.30 -0.38 5.91
N GLU A 39 1.98 -1.45 6.31
CA GLU A 39 3.15 -1.34 7.17
C GLU A 39 4.41 -1.75 6.43
N TYR A 40 5.55 -1.55 7.09
CA TYR A 40 6.84 -1.89 6.48
C TYR A 40 7.91 -2.09 7.56
N PHE A 41 8.83 -3.01 7.30
CA PHE A 41 9.90 -3.29 8.24
C PHE A 41 11.26 -3.33 7.54
N VAL A 42 12.33 -3.20 8.31
CA VAL A 42 13.68 -3.22 7.76
C VAL A 42 13.94 -4.51 7.00
N ASN A 43 13.31 -5.60 7.45
CA ASN A 43 13.48 -6.90 6.80
C ASN A 43 12.45 -7.90 7.32
N GLU A 44 12.20 -8.93 6.53
CA GLU A 44 11.24 -9.96 6.92
C GLU A 44 11.52 -10.47 8.32
N GLN A 45 12.79 -10.72 8.62
CA GLN A 45 13.20 -11.21 9.93
C GLN A 45 12.62 -10.34 11.04
N SER A 46 12.31 -9.09 10.71
CA SER A 46 11.75 -8.16 11.67
C SER A 46 10.23 -8.14 11.59
N ARG A 47 9.63 -9.32 11.45
CA ARG A 47 8.19 -9.44 11.35
C ARG A 47 7.56 -9.53 12.74
N ASN A 48 8.26 -10.19 13.66
CA ASN A 48 7.77 -10.34 15.03
C ASN A 48 8.11 -9.12 15.88
N GLN A 49 8.11 -7.95 15.24
CA GLN A 49 8.42 -6.71 15.93
C GLN A 49 7.62 -5.54 15.36
N LYS A 50 7.42 -4.52 16.17
CA LYS A 50 6.67 -3.34 15.73
C LYS A 50 7.14 -2.85 14.37
N PRO A 51 6.19 -2.58 13.47
CA PRO A 51 6.49 -2.11 12.11
C PRO A 51 7.04 -0.69 12.11
N ARG A 52 8.06 -0.46 11.30
CA ARG A 52 8.69 0.86 11.20
C ARG A 52 7.63 1.95 11.08
N GLY A 53 6.67 1.74 10.19
CA GLY A 53 5.60 2.71 9.99
C GLY A 53 4.37 2.11 9.35
N THR A 54 3.22 2.74 9.58
CA THR A 54 1.97 2.25 9.02
C THR A 54 1.20 3.38 8.34
N LEU A 55 0.48 3.05 7.27
CA LEU A 55 -0.29 4.03 6.53
C LEU A 55 -1.68 3.48 6.18
N GLN A 56 -2.72 4.22 6.55
CA GLN A 56 -4.09 3.81 6.27
C GLN A 56 -4.38 3.88 4.78
N LEU A 57 -5.04 2.85 4.26
CA LEU A 57 -5.39 2.79 2.84
C LEU A 57 -6.81 3.27 2.62
N ALA A 58 -7.69 2.95 3.56
CA ALA A 58 -9.09 3.36 3.45
C ALA A 58 -9.22 4.82 3.05
N GLY A 59 -9.64 5.06 1.80
CA GLY A 59 -9.79 6.41 1.32
C GLY A 59 -8.49 6.98 0.78
N ALA A 60 -7.69 6.13 0.14
CA ALA A 60 -6.41 6.55 -0.43
C ALA A 60 -6.49 6.66 -1.94
N VAL A 61 -5.42 7.15 -2.55
CA VAL A 61 -5.37 7.31 -4.01
C VAL A 61 -4.03 6.85 -4.56
N ILE A 62 -4.08 6.03 -5.61
CA ILE A 62 -2.87 5.52 -6.24
C ILE A 62 -2.62 6.19 -7.58
N SER A 63 -1.48 6.87 -7.69
CA SER A 63 -1.12 7.56 -8.92
C SER A 63 0.28 7.17 -9.37
N PRO A 64 0.36 6.14 -10.23
CA PRO A 64 1.63 5.64 -10.76
C PRO A 64 2.28 6.61 -11.73
N SER A 65 3.58 6.81 -11.59
CA SER A 65 4.33 7.73 -12.45
C SER A 65 4.67 7.07 -13.78
N ASP A 66 5.36 7.79 -14.64
CA ASP A 66 5.76 7.28 -15.95
C ASP A 66 7.24 7.53 -16.22
N GLU A 67 7.74 8.66 -15.74
CA GLU A 67 9.14 9.02 -15.93
C GLU A 67 10.03 7.79 -15.80
N ASP A 68 9.75 6.96 -14.80
CA ASP A 68 10.54 5.75 -14.57
C ASP A 68 9.69 4.51 -14.80
N SER A 69 10.34 3.36 -15.00
CA SER A 69 9.65 2.11 -15.23
C SER A 69 8.90 1.66 -13.98
N HIS A 70 9.65 1.38 -12.92
CA HIS A 70 9.06 0.93 -11.67
C HIS A 70 8.92 2.10 -10.70
N THR A 71 7.68 2.57 -10.51
CA THR A 71 7.43 3.68 -9.60
C THR A 71 5.93 3.85 -9.35
N PHE A 72 5.58 4.34 -8.17
CA PHE A 72 4.19 4.55 -7.81
C PHE A 72 4.08 5.24 -6.45
N THR A 73 3.02 6.02 -6.27
CA THR A 73 2.79 6.74 -5.02
C THR A 73 1.46 6.34 -4.39
N VAL A 74 1.47 6.13 -3.08
CA VAL A 74 0.25 5.75 -2.36
C VAL A 74 -0.20 6.87 -1.42
N ASN A 75 -1.22 7.61 -1.85
CA ASN A 75 -1.76 8.70 -1.05
C ASN A 75 -2.55 8.17 0.14
N ALA A 76 -3.08 9.08 0.94
CA ALA A 76 -3.87 8.71 2.11
C ALA A 76 -4.95 9.74 2.41
N ALA A 77 -6.10 9.28 2.85
CA ALA A 77 -7.22 10.16 3.17
C ALA A 77 -6.78 11.28 4.10
N SER A 78 -6.05 10.93 5.16
CA SER A 78 -5.57 11.90 6.12
C SER A 78 -4.76 13.00 5.44
N GLY A 79 -3.82 12.58 4.59
CA GLY A 79 -2.99 13.55 3.88
C GLY A 79 -1.52 13.16 3.88
N GLU A 80 -1.25 11.92 3.46
CA GLU A 80 0.13 11.43 3.41
C GLU A 80 0.38 10.65 2.13
N GLN A 81 1.61 10.72 1.64
CA GLN A 81 1.97 10.02 0.40
C GLN A 81 3.20 9.14 0.63
N TYR A 82 3.24 8.00 -0.04
CA TYR A 82 4.35 7.08 0.09
C TYR A 82 5.06 6.86 -1.26
N LYS A 83 6.35 7.12 -1.29
CA LYS A 83 7.14 6.96 -2.51
C LYS A 83 7.89 5.63 -2.50
N LEU A 84 7.30 4.64 -3.17
CA LEU A 84 7.91 3.31 -3.24
C LEU A 84 8.36 3.00 -4.66
N ARG A 85 8.97 1.84 -4.85
CA ARG A 85 9.44 1.42 -6.16
C ARG A 85 9.31 -0.10 -6.33
N ALA A 86 8.60 -0.52 -7.37
CA ALA A 86 8.40 -1.93 -7.64
C ALA A 86 9.67 -2.58 -8.17
N THR A 87 9.76 -3.90 -8.06
CA THR A 87 10.93 -4.64 -8.52
C THR A 87 11.05 -4.60 -10.04
N ASP A 88 9.92 -4.81 -10.72
CA ASP A 88 9.89 -4.80 -12.17
C ASP A 88 8.61 -4.18 -12.69
N ALA A 89 8.69 -3.52 -13.85
CA ALA A 89 7.52 -2.89 -14.45
C ALA A 89 6.29 -3.77 -14.33
N LYS A 90 6.50 -5.08 -14.28
CA LYS A 90 5.41 -6.03 -14.16
C LYS A 90 4.82 -6.02 -12.75
N GLU A 91 5.69 -6.06 -11.75
CA GLU A 91 5.25 -6.04 -10.36
C GLU A 91 4.47 -4.76 -10.05
N ARG A 92 4.95 -3.65 -10.57
CA ARG A 92 4.29 -2.36 -10.35
C ARG A 92 2.78 -2.49 -10.48
N GLN A 93 2.33 -2.98 -11.63
CA GLN A 93 0.91 -3.15 -11.89
C GLN A 93 0.24 -3.92 -10.76
N HIS A 94 0.88 -4.99 -10.31
CA HIS A 94 0.36 -5.82 -9.23
C HIS A 94 0.09 -4.98 -7.98
N TRP A 95 1.08 -4.16 -7.61
CA TRP A 95 0.96 -3.30 -6.43
C TRP A 95 -0.10 -2.23 -6.66
N VAL A 96 0.13 -1.37 -7.65
CA VAL A 96 -0.80 -0.30 -7.97
C VAL A 96 -2.25 -0.79 -7.94
N SER A 97 -2.52 -1.83 -8.72
CA SER A 97 -3.86 -2.40 -8.79
C SER A 97 -4.30 -2.92 -7.43
N ARG A 98 -3.62 -3.96 -6.95
CA ARG A 98 -3.94 -4.55 -5.65
C ARG A 98 -4.35 -3.47 -4.65
N LEU A 99 -3.53 -2.44 -4.52
CA LEU A 99 -3.80 -1.36 -3.60
C LEU A 99 -5.06 -0.59 -4.01
N GLN A 100 -5.20 -0.37 -5.31
CA GLN A 100 -6.36 0.34 -5.85
C GLN A 100 -7.65 -0.42 -5.55
N ILE A 101 -7.52 -1.73 -5.36
CA ILE A 101 -8.69 -2.56 -5.07
C ILE A 101 -9.04 -2.51 -3.59
N CYS A 102 -8.05 -2.78 -2.74
CA CYS A 102 -8.26 -2.78 -1.30
C CYS A 102 -8.64 -1.37 -0.81
N THR A 103 -7.81 -0.39 -1.15
CA THR A 103 -8.06 0.98 -0.75
C THR A 103 -9.54 1.35 -0.92
N GLN A 104 -10.14 0.86 -1.99
CA GLN A 104 -11.54 1.13 -2.27
C GLN A 104 -12.45 0.15 -1.55
N HIS A 105 -12.31 -1.13 -1.87
CA HIS A 105 -13.11 -2.18 -1.24
C HIS A 105 -13.27 -1.91 0.25
N HIS A 106 -12.32 -1.18 0.82
CA HIS A 106 -12.37 -0.86 2.25
C HIS A 106 -13.08 0.46 2.48
N THR A 107 -12.66 1.49 1.75
CA THR A 107 -13.27 2.82 1.88
C THR A 107 -14.77 2.77 1.63
N GLU A 108 -15.19 1.84 0.78
CA GLU A 108 -16.61 1.68 0.46
C GLU A 108 -17.39 1.23 1.68
N ALA A 109 -16.95 0.15 2.30
CA ALA A 109 -17.62 -0.39 3.49
C ALA A 109 -18.00 0.74 4.45
N ILE A 110 -17.12 1.72 4.59
CA ILE A 110 -17.37 2.85 5.48
C ILE A 110 -18.84 3.26 5.44
N GLY A 111 -19.55 2.95 6.52
CA GLY A 111 -20.96 3.29 6.60
C GLY A 111 -21.81 2.14 7.09
N LYS A 112 -21.51 0.94 6.63
CA LYS A 112 -22.26 -0.25 7.03
C LYS A 112 -21.38 -1.18 7.86
N ASN A 113 -22.02 -1.97 8.72
CA ASN A 113 -21.30 -2.90 9.57
C ASN A 113 -21.22 -4.28 8.92
N ASN A 114 -20.19 -5.04 9.30
CA ASN A 114 -19.99 -6.38 8.74
C ASN A 114 -20.61 -7.43 9.66
N SER A 115 -21.20 -8.47 9.05
CA SER A 115 -21.83 -9.54 9.81
C SER A 115 -21.88 -10.82 8.98
N GLY A 116 -21.65 -11.96 9.63
CA GLY A 116 -21.69 -13.23 8.93
C GLY A 116 -21.04 -14.34 9.74
N PRO A 117 -21.58 -15.56 9.61
CA PRO A 117 -21.07 -16.74 10.32
C PRO A 117 -19.70 -17.18 9.80
N SER A 118 -19.10 -18.14 10.48
CA SER A 118 -17.79 -18.65 10.10
C SER A 118 -16.93 -17.54 9.50
N SER A 119 -16.91 -16.39 10.17
CA SER A 119 -16.13 -15.26 9.71
C SER A 119 -14.74 -15.25 10.34
N GLY A 120 -13.75 -14.75 9.60
CA GLY A 120 -12.40 -14.69 10.10
C GLY A 120 -11.51 -15.76 9.48
N GLY A 1 -14.71 -6.27 -4.90
CA GLY A 1 -13.39 -6.82 -5.13
C GLY A 1 -13.32 -8.31 -4.83
N SER A 2 -12.28 -8.97 -5.32
CA SER A 2 -12.11 -10.40 -5.10
C SER A 2 -10.64 -10.75 -4.92
N SER A 3 -10.37 -12.01 -4.57
CA SER A 3 -9.01 -12.47 -4.37
C SER A 3 -8.47 -13.17 -5.61
N GLY A 4 -7.15 -13.14 -5.79
CA GLY A 4 -6.54 -13.78 -6.94
C GLY A 4 -6.85 -15.25 -7.02
N SER A 5 -5.86 -16.08 -6.75
CA SER A 5 -6.02 -17.53 -6.79
C SER A 5 -5.94 -18.13 -5.39
N SER A 6 -4.97 -17.68 -4.60
CA SER A 6 -4.80 -18.18 -3.25
C SER A 6 -3.81 -17.31 -2.47
N GLY A 7 -4.33 -16.57 -1.50
CA GLY A 7 -3.48 -15.71 -0.69
C GLY A 7 -4.06 -14.31 -0.56
N GLU A 8 -4.70 -14.05 0.58
CA GLU A 8 -5.29 -12.74 0.83
C GLU A 8 -4.29 -11.80 1.48
N ASN A 9 -3.06 -11.82 1.00
CA ASN A 9 -2.00 -10.97 1.55
C ASN A 9 -0.94 -10.69 0.49
N VAL A 10 -0.65 -9.40 0.30
CA VAL A 10 0.36 -8.99 -0.68
C VAL A 10 1.60 -8.44 0.02
N TYR A 11 2.76 -8.92 -0.41
CA TYR A 11 4.03 -8.47 0.17
C TYR A 11 5.13 -8.45 -0.88
N GLY A 12 6.26 -7.83 -0.53
CA GLY A 12 7.38 -7.76 -1.46
C GLY A 12 8.33 -6.63 -1.12
N TYR A 13 9.62 -6.85 -1.37
CA TYR A 13 10.63 -5.84 -1.09
C TYR A 13 10.42 -4.60 -1.93
N LEU A 14 10.14 -3.48 -1.27
CA LEU A 14 9.92 -2.22 -1.97
C LEU A 14 10.93 -1.16 -1.52
N MET A 15 11.16 -0.18 -2.39
CA MET A 15 12.11 0.90 -2.08
C MET A 15 11.38 2.12 -1.53
N LYS A 16 11.87 2.65 -0.42
CA LYS A 16 11.27 3.82 0.20
C LYS A 16 12.27 4.97 0.28
N TYR A 17 11.81 6.17 -0.07
CA TYR A 17 12.67 7.35 -0.03
C TYR A 17 12.91 7.81 1.40
N THR A 18 14.05 7.43 1.96
CA THR A 18 14.39 7.81 3.32
C THR A 18 14.80 9.28 3.40
N ASN A 19 15.66 9.69 2.48
CA ASN A 19 16.14 11.08 2.44
C ASN A 19 16.78 11.39 1.09
N LEU A 20 17.25 12.63 0.95
CA LEU A 20 17.88 13.06 -0.29
C LEU A 20 19.22 12.36 -0.49
N VAL A 21 20.22 12.76 0.28
CA VAL A 21 21.55 12.18 0.18
C VAL A 21 21.46 10.68 -0.07
N THR A 22 20.68 9.98 0.74
CA THR A 22 20.52 8.54 0.60
C THR A 22 19.72 8.21 -0.66
N GLY A 23 18.59 8.88 -0.85
CA GLY A 23 17.77 8.63 -2.01
C GLY A 23 16.70 7.57 -1.76
N TRP A 24 17.04 6.32 -2.06
CA TRP A 24 16.10 5.22 -1.87
C TRP A 24 16.74 4.09 -1.07
N GLN A 25 15.91 3.25 -0.47
CA GLN A 25 16.41 2.13 0.33
C GLN A 25 15.47 0.93 0.23
N TYR A 26 16.03 -0.24 0.01
CA TYR A 26 15.25 -1.46 -0.11
C TYR A 26 14.73 -1.91 1.25
N ARG A 27 13.46 -2.25 1.31
CA ARG A 27 12.84 -2.70 2.55
C ARG A 27 11.71 -3.69 2.27
N PHE A 28 11.28 -4.41 3.31
CA PHE A 28 10.21 -5.39 3.18
C PHE A 28 8.87 -4.78 3.54
N PHE A 29 7.86 -5.06 2.71
CA PHE A 29 6.51 -4.53 2.94
C PHE A 29 5.49 -5.65 2.96
N VAL A 30 4.52 -5.55 3.86
CA VAL A 30 3.47 -6.56 3.98
C VAL A 30 2.09 -5.92 4.11
N LEU A 31 1.36 -5.89 2.99
CA LEU A 31 0.02 -5.31 2.97
C LEU A 31 -0.95 -6.14 3.79
N ASN A 32 -1.90 -5.48 4.44
CA ASN A 32 -2.89 -6.16 5.25
C ASN A 32 -4.30 -5.91 4.72
N ASN A 33 -4.93 -6.95 4.20
CA ASN A 33 -6.28 -6.83 3.65
C ASN A 33 -7.32 -6.96 4.76
N GLU A 34 -7.06 -7.85 5.71
CA GLU A 34 -7.98 -8.06 6.83
C GLU A 34 -8.23 -6.76 7.59
N ALA A 35 -7.18 -5.94 7.71
CA ALA A 35 -7.28 -4.67 8.41
C ALA A 35 -7.31 -3.51 7.43
N GLY A 36 -6.47 -3.58 6.40
CA GLY A 36 -6.42 -2.52 5.41
C GLY A 36 -5.33 -1.49 5.71
N LEU A 37 -4.26 -1.95 6.34
CA LEU A 37 -3.15 -1.06 6.69
C LEU A 37 -1.88 -1.47 5.95
N LEU A 38 -1.11 -0.48 5.52
CA LEU A 38 0.13 -0.74 4.80
C LEU A 38 1.34 -0.47 5.68
N GLU A 39 2.07 -1.53 6.02
CA GLU A 39 3.25 -1.40 6.87
C GLU A 39 4.52 -1.78 6.11
N TYR A 40 5.67 -1.49 6.69
CA TYR A 40 6.94 -1.80 6.07
C TYR A 40 8.03 -1.99 7.12
N PHE A 41 8.72 -3.13 7.06
CA PHE A 41 9.79 -3.42 8.01
C PHE A 41 11.13 -3.56 7.29
N VAL A 42 12.20 -3.16 7.97
CA VAL A 42 13.55 -3.24 7.40
C VAL A 42 13.69 -4.48 6.51
N ASN A 43 13.22 -5.62 7.01
CA ASN A 43 13.30 -6.87 6.26
C ASN A 43 12.29 -7.88 6.79
N GLU A 44 12.23 -9.04 6.15
CA GLU A 44 11.31 -10.09 6.55
C GLU A 44 11.44 -10.39 8.05
N GLN A 45 12.62 -10.85 8.44
CA GLN A 45 12.88 -11.18 9.84
C GLN A 45 12.17 -10.19 10.77
N SER A 46 12.00 -8.96 10.30
CA SER A 46 11.34 -7.93 11.09
C SER A 46 9.83 -7.94 10.86
N ARG A 47 9.25 -9.14 10.92
CA ARG A 47 7.81 -9.30 10.72
C ARG A 47 7.05 -9.02 12.01
N ASN A 48 7.37 -9.76 13.06
CA ASN A 48 6.72 -9.60 14.35
C ASN A 48 7.13 -8.28 15.01
N GLN A 49 8.39 -7.90 14.82
CA GLN A 49 8.91 -6.67 15.39
C GLN A 49 8.02 -5.48 15.04
N LYS A 50 8.09 -4.43 15.85
CA LYS A 50 7.29 -3.23 15.61
C LYS A 50 7.56 -2.65 14.22
N PRO A 51 6.47 -2.29 13.52
CA PRO A 51 6.57 -1.72 12.17
C PRO A 51 7.16 -0.32 12.17
N ARG A 52 8.12 -0.09 11.28
CA ARG A 52 8.77 1.21 11.18
C ARG A 52 7.75 2.32 10.91
N GLY A 53 6.75 2.00 10.09
CA GLY A 53 5.72 2.97 9.76
C GLY A 53 4.50 2.34 9.12
N THR A 54 3.33 2.91 9.38
CA THR A 54 2.09 2.39 8.83
C THR A 54 1.26 3.50 8.19
N LEU A 55 0.52 3.15 7.14
CA LEU A 55 -0.31 4.12 6.44
C LEU A 55 -1.69 3.54 6.12
N GLN A 56 -2.74 4.25 6.52
CA GLN A 56 -4.10 3.80 6.28
C GLN A 56 -4.47 3.94 4.81
N LEU A 57 -5.19 2.94 4.29
CA LEU A 57 -5.60 2.96 2.89
C LEU A 57 -7.05 3.44 2.76
N ALA A 58 -7.87 3.08 3.73
CA ALA A 58 -9.28 3.47 3.72
C ALA A 58 -9.44 4.91 3.24
N GLY A 59 -9.70 5.08 1.94
CA GLY A 59 -9.87 6.41 1.38
C GLY A 59 -8.57 6.98 0.86
N ALA A 60 -7.82 6.18 0.11
CA ALA A 60 -6.56 6.61 -0.45
C ALA A 60 -6.61 6.61 -1.98
N VAL A 61 -5.56 7.14 -2.60
CA VAL A 61 -5.48 7.21 -4.06
C VAL A 61 -4.13 6.73 -4.56
N ILE A 62 -4.13 6.04 -5.69
CA ILE A 62 -2.90 5.52 -6.28
C ILE A 62 -2.61 6.19 -7.62
N SER A 63 -1.46 6.85 -7.72
CA SER A 63 -1.07 7.53 -8.94
C SER A 63 0.33 7.12 -9.37
N PRO A 64 0.41 6.21 -10.36
CA PRO A 64 1.68 5.71 -10.88
C PRO A 64 2.44 6.78 -11.66
N SER A 65 3.48 7.34 -11.04
CA SER A 65 4.29 8.37 -11.69
C SER A 65 4.80 7.90 -13.04
N ASP A 66 5.08 8.84 -13.93
CA ASP A 66 5.58 8.52 -15.26
C ASP A 66 7.04 8.93 -15.41
N GLU A 67 7.80 8.80 -14.33
CA GLU A 67 9.21 9.16 -14.34
C GLU A 67 10.07 7.98 -14.77
N ASP A 68 10.07 6.94 -13.95
CA ASP A 68 10.85 5.74 -14.25
C ASP A 68 9.94 4.53 -14.44
N SER A 69 10.39 3.59 -15.27
CA SER A 69 9.61 2.39 -15.55
C SER A 69 8.90 1.90 -14.30
N HIS A 70 9.64 1.79 -13.19
CA HIS A 70 9.07 1.34 -11.94
C HIS A 70 8.92 2.50 -10.95
N THR A 71 7.69 2.96 -10.76
CA THR A 71 7.41 4.06 -9.85
C THR A 71 5.92 4.19 -9.58
N PHE A 72 5.59 4.55 -8.35
CA PHE A 72 4.19 4.71 -7.95
C PHE A 72 4.08 5.31 -6.56
N THR A 73 2.98 6.00 -6.30
CA THR A 73 2.75 6.64 -5.01
C THR A 73 1.45 6.16 -4.38
N VAL A 74 1.30 6.39 -3.08
CA VAL A 74 0.10 5.99 -2.37
C VAL A 74 -0.44 7.13 -1.51
N ASN A 75 -1.38 7.90 -2.08
CA ASN A 75 -1.98 9.02 -1.37
C ASN A 75 -2.75 8.54 -0.14
N ALA A 76 -3.18 9.49 0.68
CA ALA A 76 -3.92 9.17 1.89
C ALA A 76 -5.02 10.20 2.16
N ALA A 77 -6.17 9.73 2.63
CA ALA A 77 -7.29 10.61 2.92
C ALA A 77 -6.83 11.84 3.70
N SER A 78 -6.21 11.61 4.86
CA SER A 78 -5.73 12.69 5.69
C SER A 78 -4.97 13.72 4.87
N GLY A 79 -4.10 13.24 3.99
CA GLY A 79 -3.31 14.13 3.15
C GLY A 79 -1.83 13.79 3.18
N GLU A 80 -1.51 12.53 2.93
CA GLU A 80 -0.12 12.08 2.93
C GLU A 80 0.18 11.27 1.68
N GLN A 81 1.43 11.36 1.21
CA GLN A 81 1.85 10.64 0.02
C GLN A 81 3.06 9.77 0.31
N TYR A 82 3.06 8.56 -0.26
CA TYR A 82 4.17 7.62 -0.04
C TYR A 82 4.91 7.36 -1.35
N LYS A 83 6.22 7.58 -1.33
CA LYS A 83 7.05 7.37 -2.52
C LYS A 83 7.70 5.99 -2.48
N LEU A 84 7.13 5.05 -3.21
CA LEU A 84 7.65 3.69 -3.27
C LEU A 84 7.94 3.28 -4.71
N ARG A 85 8.71 2.21 -4.88
CA ARG A 85 9.06 1.70 -6.20
C ARG A 85 9.09 0.18 -6.21
N ALA A 86 8.37 -0.42 -7.14
CA ALA A 86 8.32 -1.87 -7.26
C ALA A 86 9.68 -2.44 -7.64
N THR A 87 9.78 -3.76 -7.72
CA THR A 87 11.02 -4.42 -8.07
C THR A 87 11.25 -4.38 -9.58
N ASP A 88 10.17 -4.22 -10.33
CA ASP A 88 10.25 -4.16 -11.79
C ASP A 88 8.99 -3.54 -12.38
N ALA A 89 8.99 -3.37 -13.70
CA ALA A 89 7.84 -2.79 -14.39
C ALA A 89 6.66 -3.76 -14.40
N LYS A 90 6.94 -5.02 -14.09
CA LYS A 90 5.90 -6.04 -14.07
C LYS A 90 5.21 -6.09 -12.70
N GLU A 91 6.00 -6.01 -11.64
CA GLU A 91 5.47 -6.04 -10.28
C GLU A 91 4.83 -4.70 -9.92
N ARG A 92 5.13 -3.68 -10.70
CA ARG A 92 4.58 -2.34 -10.47
C ARG A 92 3.07 -2.34 -10.60
N GLN A 93 2.59 -2.66 -11.80
CA GLN A 93 1.15 -2.70 -12.05
C GLN A 93 0.42 -3.46 -10.96
N HIS A 94 0.97 -4.61 -10.57
CA HIS A 94 0.38 -5.44 -9.53
C HIS A 94 0.08 -4.61 -8.28
N TRP A 95 1.11 -4.01 -7.72
CA TRP A 95 0.96 -3.20 -6.52
C TRP A 95 -0.08 -2.10 -6.73
N VAL A 96 0.02 -1.40 -7.86
CA VAL A 96 -0.92 -0.34 -8.18
C VAL A 96 -2.36 -0.82 -8.08
N SER A 97 -2.67 -1.90 -8.80
CA SER A 97 -4.01 -2.46 -8.79
C SER A 97 -4.41 -2.91 -7.39
N ARG A 98 -3.65 -3.86 -6.85
CA ARG A 98 -3.92 -4.38 -5.52
C ARG A 98 -4.27 -3.25 -4.55
N LEU A 99 -3.39 -2.26 -4.46
CA LEU A 99 -3.61 -1.12 -3.57
C LEU A 99 -4.90 -0.39 -3.92
N GLN A 100 -5.19 -0.31 -5.22
CA GLN A 100 -6.38 0.37 -5.70
C GLN A 100 -7.64 -0.43 -5.34
N ILE A 101 -7.47 -1.74 -5.20
CA ILE A 101 -8.58 -2.62 -4.86
C ILE A 101 -8.86 -2.59 -3.35
N CYS A 102 -7.81 -2.72 -2.56
CA CYS A 102 -7.94 -2.71 -1.11
C CYS A 102 -8.41 -1.34 -0.61
N THR A 103 -7.78 -0.28 -1.11
CA THR A 103 -8.14 1.08 -0.72
C THR A 103 -9.65 1.31 -0.85
N GLN A 104 -10.22 0.83 -1.95
CA GLN A 104 -11.64 0.98 -2.20
C GLN A 104 -12.44 -0.04 -1.41
N HIS A 105 -12.12 -1.32 -1.61
CA HIS A 105 -12.82 -2.40 -0.91
C HIS A 105 -13.07 -2.03 0.55
N HIS A 106 -12.19 -1.20 1.11
CA HIS A 106 -12.32 -0.77 2.49
C HIS A 106 -13.11 0.52 2.59
N THR A 107 -12.57 1.60 2.02
CA THR A 107 -13.24 2.89 2.03
C THR A 107 -14.74 2.74 1.82
N GLU A 108 -15.13 1.72 1.07
CA GLU A 108 -16.53 1.47 0.78
C GLU A 108 -17.31 1.20 2.07
N ALA A 109 -16.92 0.16 2.78
CA ALA A 109 -17.58 -0.21 4.03
C ALA A 109 -17.98 1.03 4.82
N ILE A 110 -17.13 2.05 4.80
CA ILE A 110 -17.41 3.28 5.51
C ILE A 110 -18.54 4.06 4.85
N GLY A 111 -19.62 4.28 5.60
CA GLY A 111 -20.76 5.00 5.07
C GLY A 111 -20.34 6.12 4.13
N LYS A 112 -19.24 6.79 4.45
CA LYS A 112 -18.74 7.88 3.63
C LYS A 112 -17.85 7.35 2.51
N ASN A 113 -18.39 7.32 1.29
CA ASN A 113 -17.64 6.83 0.14
C ASN A 113 -18.01 7.62 -1.11
N ASN A 114 -17.03 8.28 -1.71
CA ASN A 114 -17.25 9.06 -2.92
C ASN A 114 -17.90 8.21 -4.02
N SER A 115 -18.94 8.75 -4.63
CA SER A 115 -19.66 8.04 -5.69
C SER A 115 -18.68 7.52 -6.74
N GLY A 116 -17.93 8.43 -7.36
CA GLY A 116 -16.97 8.04 -8.37
C GLY A 116 -17.64 7.53 -9.63
N PRO A 117 -17.05 7.86 -10.79
CA PRO A 117 -17.58 7.44 -12.09
C PRO A 117 -17.43 5.94 -12.32
N SER A 118 -17.96 5.45 -13.44
CA SER A 118 -17.89 4.04 -13.77
C SER A 118 -17.82 3.85 -15.29
N SER A 119 -17.11 2.81 -15.72
CA SER A 119 -16.97 2.51 -17.13
C SER A 119 -17.40 1.08 -17.44
N GLY A 120 -17.46 0.75 -18.73
CA GLY A 120 -17.87 -0.59 -19.13
C GLY A 120 -17.23 -1.02 -20.43
N GLY A 1 -21.29 -2.82 -9.88
CA GLY A 1 -20.15 -2.41 -9.07
C GLY A 1 -18.93 -3.28 -9.31
N SER A 2 -17.89 -3.05 -8.50
CA SER A 2 -16.66 -3.82 -8.63
C SER A 2 -16.49 -4.78 -7.46
N SER A 3 -16.56 -6.08 -7.75
CA SER A 3 -16.42 -7.10 -6.72
C SER A 3 -15.01 -7.69 -6.72
N GLY A 4 -14.63 -8.30 -5.61
CA GLY A 4 -13.31 -8.89 -5.49
C GLY A 4 -13.19 -9.84 -4.32
N SER A 5 -13.22 -11.14 -4.61
CA SER A 5 -13.13 -12.15 -3.57
C SER A 5 -11.67 -12.45 -3.22
N SER A 6 -10.84 -12.60 -4.26
CA SER A 6 -9.43 -12.90 -4.07
C SER A 6 -8.82 -11.98 -3.01
N GLY A 7 -8.08 -12.59 -2.08
CA GLY A 7 -7.47 -11.81 -1.01
C GLY A 7 -6.16 -12.43 -0.54
N GLU A 8 -5.15 -12.37 -1.38
CA GLU A 8 -3.84 -12.93 -1.05
C GLU A 8 -2.90 -11.85 -0.53
N ASN A 9 -2.30 -12.09 0.63
CA ASN A 9 -1.39 -11.12 1.24
C ASN A 9 -0.33 -10.68 0.23
N VAL A 10 -0.38 -9.41 -0.16
CA VAL A 10 0.57 -8.85 -1.11
C VAL A 10 1.78 -8.26 -0.40
N TYR A 11 2.97 -8.66 -0.83
CA TYR A 11 4.21 -8.16 -0.23
C TYR A 11 5.32 -8.08 -1.27
N GLY A 12 6.37 -7.34 -0.94
CA GLY A 12 7.50 -7.20 -1.85
C GLY A 12 8.48 -6.15 -1.41
N TYR A 13 9.76 -6.37 -1.69
CA TYR A 13 10.81 -5.44 -1.30
C TYR A 13 10.75 -4.17 -2.16
N LEU A 14 10.27 -3.08 -1.58
CA LEU A 14 10.17 -1.81 -2.28
C LEU A 14 11.21 -0.82 -1.78
N MET A 15 11.37 0.28 -2.50
CA MET A 15 12.33 1.31 -2.12
C MET A 15 11.62 2.59 -1.69
N LYS A 16 11.77 2.96 -0.43
CA LYS A 16 11.15 4.16 0.11
C LYS A 16 12.15 5.30 0.21
N TYR A 17 11.71 6.51 -0.11
CA TYR A 17 12.57 7.68 -0.06
C TYR A 17 12.64 8.24 1.36
N THR A 18 13.75 7.96 2.05
CA THR A 18 13.94 8.44 3.41
C THR A 18 14.22 9.94 3.43
N ASN A 19 15.18 10.37 2.62
CA ASN A 19 15.55 11.77 2.54
C ASN A 19 16.28 12.08 1.24
N LEU A 20 16.58 13.35 1.02
CA LEU A 20 17.28 13.78 -0.18
C LEU A 20 18.71 13.23 -0.22
N VAL A 21 19.48 13.54 0.83
CA VAL A 21 20.85 13.07 0.91
C VAL A 21 20.93 11.56 0.74
N THR A 22 20.17 10.84 1.55
CA THR A 22 20.16 9.38 1.48
C THR A 22 19.56 8.89 0.17
N GLY A 23 18.33 9.30 -0.10
CA GLY A 23 17.66 8.89 -1.33
C GLY A 23 16.69 7.76 -1.11
N TRP A 24 16.89 6.66 -1.83
CA TRP A 24 16.01 5.50 -1.70
C TRP A 24 16.65 4.42 -0.84
N GLN A 25 15.84 3.82 0.03
CA GLN A 25 16.33 2.78 0.92
C GLN A 25 15.47 1.51 0.82
N TYR A 26 16.11 0.40 0.45
CA TYR A 26 15.40 -0.87 0.32
C TYR A 26 14.73 -1.26 1.62
N ARG A 27 13.57 -1.90 1.51
CA ARG A 27 12.83 -2.34 2.68
C ARG A 27 11.78 -3.38 2.31
N PHE A 28 11.20 -4.03 3.31
CA PHE A 28 10.18 -5.04 3.08
C PHE A 28 8.80 -4.51 3.45
N PHE A 29 7.82 -4.78 2.58
CA PHE A 29 6.46 -4.33 2.82
C PHE A 29 5.49 -5.51 2.80
N VAL A 30 4.43 -5.41 3.60
CA VAL A 30 3.43 -6.46 3.69
C VAL A 30 2.03 -5.89 3.84
N LEU A 31 1.25 -5.94 2.77
CA LEU A 31 -0.11 -5.41 2.79
C LEU A 31 -1.00 -6.25 3.70
N ASN A 32 -1.92 -5.58 4.39
CA ASN A 32 -2.84 -6.26 5.30
C ASN A 32 -4.28 -6.13 4.82
N ASN A 33 -4.84 -7.22 4.30
CA ASN A 33 -6.21 -7.23 3.80
C ASN A 33 -7.21 -7.29 4.96
N GLU A 34 -7.07 -8.31 5.80
CA GLU A 34 -7.95 -8.48 6.95
C GLU A 34 -8.18 -7.15 7.67
N ALA A 35 -7.11 -6.37 7.81
CA ALA A 35 -7.19 -5.08 8.47
C ALA A 35 -7.33 -3.95 7.46
N GLY A 36 -6.40 -3.89 6.51
CA GLY A 36 -6.43 -2.85 5.49
C GLY A 36 -5.39 -1.78 5.72
N LEU A 37 -4.31 -2.15 6.41
CA LEU A 37 -3.23 -1.21 6.69
C LEU A 37 -1.95 -1.61 5.96
N LEU A 38 -1.18 -0.61 5.56
CA LEU A 38 0.08 -0.85 4.85
C LEU A 38 1.28 -0.59 5.76
N GLU A 39 2.02 -1.65 6.08
CA GLU A 39 3.19 -1.53 6.93
C GLU A 39 4.47 -1.89 6.17
N TYR A 40 5.61 -1.70 6.81
CA TYR A 40 6.89 -2.01 6.19
C TYR A 40 7.99 -2.18 7.24
N PHE A 41 8.56 -3.38 7.29
CA PHE A 41 9.61 -3.69 8.25
C PHE A 41 10.99 -3.65 7.58
N VAL A 42 12.01 -3.35 8.36
CA VAL A 42 13.37 -3.30 7.86
C VAL A 42 13.67 -4.47 6.94
N ASN A 43 13.24 -5.66 7.35
CA ASN A 43 13.46 -6.87 6.57
C ASN A 43 12.40 -7.93 6.89
N GLU A 44 12.55 -9.10 6.29
CA GLU A 44 11.61 -10.19 6.51
C GLU A 44 11.71 -10.71 7.95
N GLN A 45 12.94 -10.81 8.45
CA GLN A 45 13.16 -11.29 9.81
C GLN A 45 12.38 -10.47 10.81
N SER A 46 11.96 -9.28 10.41
CA SER A 46 11.20 -8.39 11.27
C SER A 46 9.70 -8.54 11.03
N ARG A 47 9.22 -9.78 11.10
CA ARG A 47 7.81 -10.06 10.89
C ARG A 47 6.98 -9.69 12.11
N ASN A 48 7.27 -10.35 13.23
CA ASN A 48 6.56 -10.08 14.48
C ASN A 48 6.93 -8.71 15.03
N GLN A 49 8.19 -8.34 14.89
CA GLN A 49 8.67 -7.05 15.38
C GLN A 49 7.71 -5.93 14.99
N LYS A 50 7.76 -4.84 15.74
CA LYS A 50 6.90 -3.69 15.48
C LYS A 50 7.25 -3.03 14.15
N PRO A 51 6.22 -2.65 13.38
CA PRO A 51 6.40 -2.00 12.08
C PRO A 51 6.96 -0.59 12.20
N ARG A 52 7.95 -0.28 11.37
CA ARG A 52 8.57 1.04 11.39
C ARG A 52 7.53 2.13 11.16
N GLY A 53 6.58 1.86 10.27
CA GLY A 53 5.55 2.83 9.97
C GLY A 53 4.38 2.22 9.21
N THR A 54 3.19 2.77 9.42
CA THR A 54 1.99 2.27 8.75
C THR A 54 1.23 3.39 8.06
N LEU A 55 0.49 3.05 7.01
CA LEU A 55 -0.27 4.04 6.26
C LEU A 55 -1.66 3.50 5.92
N GLN A 56 -2.69 4.22 6.34
CA GLN A 56 -4.07 3.83 6.08
C GLN A 56 -4.38 3.89 4.59
N LEU A 57 -5.09 2.88 4.10
CA LEU A 57 -5.46 2.83 2.68
C LEU A 57 -6.89 3.27 2.48
N ALA A 58 -7.75 2.92 3.43
CA ALA A 58 -9.17 3.28 3.35
C ALA A 58 -9.34 4.77 3.04
N GLY A 59 -9.65 5.07 1.80
CA GLY A 59 -9.84 6.46 1.39
C GLY A 59 -8.56 7.09 0.90
N ALA A 60 -7.74 6.32 0.20
CA ALA A 60 -6.48 6.82 -0.33
C ALA A 60 -6.49 6.85 -1.85
N VAL A 61 -5.48 7.48 -2.44
CA VAL A 61 -5.38 7.59 -3.89
C VAL A 61 -4.03 7.06 -4.38
N ILE A 62 -4.06 6.31 -5.47
CA ILE A 62 -2.85 5.75 -6.05
C ILE A 62 -2.57 6.35 -7.43
N SER A 63 -1.42 6.98 -7.57
CA SER A 63 -1.04 7.60 -8.84
C SER A 63 0.34 7.12 -9.28
N PRO A 64 0.37 6.19 -10.25
CA PRO A 64 1.61 5.63 -10.78
C PRO A 64 2.39 6.64 -11.62
N SER A 65 3.62 6.94 -11.18
CA SER A 65 4.46 7.89 -11.88
C SER A 65 4.88 7.33 -13.24
N ASP A 66 5.30 8.23 -14.13
CA ASP A 66 5.73 7.84 -15.47
C ASP A 66 7.20 8.20 -15.69
N GLU A 67 7.98 8.12 -14.62
CA GLU A 67 9.40 8.43 -14.70
C GLU A 67 10.21 7.19 -15.05
N ASP A 68 10.19 6.20 -14.16
CA ASP A 68 10.93 4.96 -14.38
C ASP A 68 9.97 3.80 -14.60
N SER A 69 10.45 2.77 -15.29
CA SER A 69 9.64 1.59 -15.57
C SER A 69 8.81 1.18 -14.35
N HIS A 70 9.49 1.07 -13.21
CA HIS A 70 8.82 0.68 -11.98
C HIS A 70 8.77 1.86 -11.00
N THR A 71 7.57 2.44 -10.84
CA THR A 71 7.39 3.57 -9.94
C THR A 71 5.91 3.81 -9.66
N PHE A 72 5.61 4.20 -8.42
CA PHE A 72 4.24 4.46 -8.01
C PHE A 72 4.20 5.14 -6.65
N THR A 73 3.13 5.90 -6.40
CA THR A 73 2.97 6.61 -5.14
C THR A 73 1.66 6.24 -4.46
N VAL A 74 1.67 6.23 -3.13
CA VAL A 74 0.48 5.89 -2.36
C VAL A 74 0.08 7.03 -1.44
N ASN A 75 -0.95 7.77 -1.83
CA ASN A 75 -1.44 8.89 -1.04
C ASN A 75 -2.26 8.40 0.14
N ALA A 76 -2.77 9.34 0.93
CA ALA A 76 -3.58 9.01 2.10
C ALA A 76 -4.65 10.07 2.35
N ALA A 77 -5.83 9.63 2.76
CA ALA A 77 -6.94 10.55 3.04
C ALA A 77 -6.46 11.74 3.85
N SER A 78 -5.73 11.48 4.92
CA SER A 78 -5.22 12.54 5.78
C SER A 78 -4.37 13.54 4.98
N GLY A 79 -3.35 13.02 4.30
CA GLY A 79 -2.49 13.87 3.50
C GLY A 79 -1.03 13.45 3.58
N GLU A 80 -0.74 12.26 3.06
CA GLU A 80 0.62 11.73 3.08
C GLU A 80 0.87 10.83 1.88
N GLN A 81 1.92 11.14 1.12
CA GLN A 81 2.27 10.35 -0.05
C GLN A 81 3.48 9.46 0.22
N TYR A 82 3.46 8.27 -0.36
CA TYR A 82 4.55 7.31 -0.18
C TYR A 82 5.27 7.04 -1.50
N LYS A 83 6.58 7.25 -1.51
CA LYS A 83 7.38 7.02 -2.70
C LYS A 83 8.02 5.64 -2.68
N LEU A 84 7.37 4.69 -3.34
CA LEU A 84 7.88 3.31 -3.39
C LEU A 84 8.25 2.94 -4.83
N ARG A 85 8.99 1.85 -4.96
CA ARG A 85 9.41 1.36 -6.27
C ARG A 85 9.37 -0.16 -6.34
N ALA A 86 8.50 -0.69 -7.17
CA ALA A 86 8.37 -2.14 -7.34
C ALA A 86 9.70 -2.77 -7.71
N THR A 87 9.70 -4.09 -7.88
CA THR A 87 10.91 -4.82 -8.24
C THR A 87 11.01 -4.99 -9.75
N ASP A 88 9.87 -5.11 -10.41
CA ASP A 88 9.83 -5.28 -11.86
C ASP A 88 8.59 -4.62 -12.45
N ALA A 89 8.67 -4.24 -13.72
CA ALA A 89 7.57 -3.60 -14.41
C ALA A 89 6.28 -4.41 -14.23
N LYS A 90 6.43 -5.70 -13.98
CA LYS A 90 5.28 -6.57 -13.79
C LYS A 90 4.73 -6.47 -12.37
N GLU A 91 5.63 -6.24 -11.41
CA GLU A 91 5.24 -6.11 -10.01
C GLU A 91 4.65 -4.73 -9.74
N ARG A 92 4.96 -3.78 -10.61
CA ARG A 92 4.46 -2.42 -10.47
C ARG A 92 2.95 -2.37 -10.56
N GLN A 93 2.42 -2.77 -11.71
CA GLN A 93 0.98 -2.78 -11.95
C GLN A 93 0.26 -3.53 -10.82
N HIS A 94 0.89 -4.59 -10.33
CA HIS A 94 0.30 -5.39 -9.25
C HIS A 94 -0.03 -4.52 -8.05
N TRP A 95 0.99 -3.91 -7.46
CA TRP A 95 0.81 -3.05 -6.30
C TRP A 95 -0.26 -2.00 -6.56
N VAL A 96 -0.02 -1.15 -7.55
CA VAL A 96 -0.97 -0.10 -7.91
C VAL A 96 -2.39 -0.64 -7.96
N SER A 97 -2.58 -1.74 -8.68
CA SER A 97 -3.90 -2.36 -8.81
C SER A 97 -4.37 -2.91 -7.47
N ARG A 98 -3.73 -3.99 -7.03
CA ARG A 98 -4.08 -4.63 -5.77
C ARG A 98 -4.49 -3.58 -4.72
N LEU A 99 -3.63 -2.59 -4.53
CA LEU A 99 -3.90 -1.53 -3.56
C LEU A 99 -5.16 -0.77 -3.93
N GLN A 100 -5.23 -0.31 -5.18
CA GLN A 100 -6.39 0.44 -5.66
C GLN A 100 -7.68 -0.32 -5.38
N ILE A 101 -7.57 -1.64 -5.25
CA ILE A 101 -8.74 -2.47 -4.97
C ILE A 101 -9.06 -2.49 -3.48
N CYS A 102 -8.03 -2.68 -2.66
CA CYS A 102 -8.20 -2.71 -1.20
C CYS A 102 -8.69 -1.37 -0.68
N THR A 103 -8.02 -0.30 -1.10
CA THR A 103 -8.38 1.05 -0.68
C THR A 103 -9.88 1.29 -0.83
N GLN A 104 -10.41 0.90 -1.98
CA GLN A 104 -11.84 1.07 -2.26
C GLN A 104 -12.67 0.04 -1.52
N HIS A 105 -12.33 -1.23 -1.72
CA HIS A 105 -13.05 -2.32 -1.06
C HIS A 105 -13.22 -2.05 0.43
N HIS A 106 -12.30 -1.27 0.99
CA HIS A 106 -12.35 -0.93 2.40
C HIS A 106 -13.14 0.35 2.63
N THR A 107 -12.59 1.46 2.14
CA THR A 107 -13.24 2.76 2.28
C THR A 107 -14.75 2.65 2.10
N GLU A 108 -15.16 1.74 1.22
CA GLU A 108 -16.59 1.53 0.96
C GLU A 108 -17.33 1.19 2.24
N ALA A 109 -16.79 0.24 3.00
CA ALA A 109 -17.40 -0.18 4.26
C ALA A 109 -17.66 1.01 5.17
N ILE A 110 -16.70 1.94 5.20
CA ILE A 110 -16.82 3.13 6.04
C ILE A 110 -18.17 3.81 5.83
N GLY A 111 -18.79 4.23 6.93
CA GLY A 111 -20.08 4.90 6.84
C GLY A 111 -20.30 5.89 7.96
N LYS A 112 -19.45 6.92 8.03
CA LYS A 112 -19.55 7.94 9.05
C LYS A 112 -19.70 9.32 8.44
N ASN A 113 -20.67 10.09 8.94
CA ASN A 113 -20.92 11.43 8.44
C ASN A 113 -19.98 12.44 9.10
N ASN A 114 -19.10 13.04 8.29
CA ASN A 114 -18.15 14.03 8.80
C ASN A 114 -18.63 15.44 8.52
N SER A 115 -18.29 16.36 9.42
CA SER A 115 -18.70 17.76 9.26
C SER A 115 -17.59 18.57 8.58
N GLY A 116 -17.97 19.71 8.02
CA GLY A 116 -17.00 20.56 7.34
C GLY A 116 -16.33 21.53 8.28
N PRO A 117 -15.22 22.13 7.82
CA PRO A 117 -14.45 23.09 8.62
C PRO A 117 -15.20 24.41 8.82
N SER A 118 -15.97 24.49 9.90
CA SER A 118 -16.74 25.69 10.19
C SER A 118 -16.62 26.07 11.67
N SER A 119 -16.78 27.35 11.96
CA SER A 119 -16.69 27.85 13.33
C SER A 119 -18.07 27.96 13.97
N GLY A 120 -18.98 28.65 13.29
CA GLY A 120 -20.33 28.82 13.80
C GLY A 120 -21.14 29.80 12.98
N GLY A 1 -16.40 -11.44 10.92
CA GLY A 1 -17.65 -11.62 10.21
C GLY A 1 -17.84 -13.04 9.71
N SER A 2 -17.82 -13.21 8.39
CA SER A 2 -17.99 -14.53 7.79
C SER A 2 -16.65 -15.22 7.59
N SER A 3 -16.46 -16.33 8.29
CA SER A 3 -15.21 -17.08 8.20
C SER A 3 -15.07 -17.74 6.82
N GLY A 4 -13.86 -17.75 6.30
CA GLY A 4 -13.62 -18.35 5.00
C GLY A 4 -12.35 -17.81 4.34
N SER A 5 -12.32 -16.50 4.12
CA SER A 5 -11.18 -15.87 3.49
C SER A 5 -9.88 -16.25 4.20
N SER A 6 -8.82 -16.45 3.43
CA SER A 6 -7.52 -16.82 3.98
C SER A 6 -6.68 -15.59 4.30
N GLY A 7 -6.57 -14.69 3.31
CA GLY A 7 -5.79 -13.48 3.50
C GLY A 7 -5.20 -12.97 2.21
N GLU A 8 -4.54 -13.86 1.47
CA GLU A 8 -3.92 -13.48 0.20
C GLU A 8 -3.23 -12.12 0.31
N ASN A 9 -2.54 -11.90 1.41
CA ASN A 9 -1.83 -10.64 1.64
C ASN A 9 -0.68 -10.48 0.67
N VAL A 10 -0.49 -9.26 0.18
CA VAL A 10 0.60 -8.98 -0.75
C VAL A 10 1.79 -8.35 -0.05
N TYR A 11 2.99 -8.77 -0.43
CA TYR A 11 4.21 -8.26 0.18
C TYR A 11 5.37 -8.31 -0.82
N GLY A 12 6.39 -7.49 -0.56
CA GLY A 12 7.55 -7.45 -1.44
C GLY A 12 8.55 -6.39 -1.04
N TYR A 13 9.82 -6.61 -1.38
CA TYR A 13 10.87 -5.66 -1.05
C TYR A 13 10.84 -4.46 -2.00
N LEU A 14 10.33 -3.34 -1.50
CA LEU A 14 10.24 -2.12 -2.29
C LEU A 14 11.28 -1.10 -1.83
N MET A 15 11.41 -0.01 -2.59
CA MET A 15 12.36 1.04 -2.27
C MET A 15 11.64 2.29 -1.79
N LYS A 16 11.70 2.54 -0.48
CA LYS A 16 11.05 3.71 0.10
C LYS A 16 12.07 4.84 0.32
N TYR A 17 11.74 6.02 -0.20
CA TYR A 17 12.61 7.18 -0.07
C TYR A 17 12.85 7.52 1.40
N THR A 18 13.78 6.81 2.02
CA THR A 18 14.12 7.03 3.42
C THR A 18 14.40 8.50 3.68
N ASN A 19 15.42 9.04 3.02
CA ASN A 19 15.80 10.44 3.19
C ASN A 19 16.51 10.96 1.94
N LEU A 20 16.97 12.20 2.02
CA LEU A 20 17.68 12.82 0.90
C LEU A 20 19.02 12.14 0.65
N VAL A 21 19.88 12.18 1.66
CA VAL A 21 21.20 11.56 1.55
C VAL A 21 21.09 10.10 1.17
N THR A 22 20.29 9.34 1.93
CA THR A 22 20.10 7.92 1.66
C THR A 22 19.28 7.70 0.41
N GLY A 23 18.54 8.74 -0.01
CA GLY A 23 17.72 8.64 -1.20
C GLY A 23 16.71 7.51 -1.11
N TRP A 24 17.02 6.38 -1.72
CA TRP A 24 16.12 5.23 -1.70
C TRP A 24 16.77 4.05 -0.99
N GLN A 25 16.03 3.45 -0.06
CA GLN A 25 16.52 2.32 0.70
C GLN A 25 15.60 1.11 0.55
N TYR A 26 16.19 -0.06 0.36
CA TYR A 26 15.42 -1.29 0.20
C TYR A 26 14.79 -1.71 1.52
N ARG A 27 13.46 -1.85 1.51
CA ARG A 27 12.72 -2.25 2.71
C ARG A 27 11.65 -3.28 2.37
N PHE A 28 11.18 -3.99 3.40
CA PHE A 28 10.15 -5.00 3.20
C PHE A 28 8.77 -4.46 3.56
N PHE A 29 7.83 -4.59 2.64
CA PHE A 29 6.47 -4.10 2.85
C PHE A 29 5.48 -5.26 2.93
N VAL A 30 4.45 -5.10 3.75
CA VAL A 30 3.43 -6.14 3.91
C VAL A 30 2.02 -5.53 3.94
N LEU A 31 1.28 -5.73 2.86
CA LEU A 31 -0.07 -5.20 2.76
C LEU A 31 -1.06 -6.05 3.58
N ASN A 32 -2.04 -5.40 4.19
CA ASN A 32 -3.04 -6.09 4.99
C ASN A 32 -4.42 -5.98 4.36
N ASN A 33 -5.04 -7.11 4.08
CA ASN A 33 -6.37 -7.15 3.48
C ASN A 33 -7.45 -7.19 4.56
N GLU A 34 -7.15 -7.84 5.68
CA GLU A 34 -8.09 -7.95 6.78
C GLU A 34 -8.22 -6.62 7.52
N ALA A 35 -7.09 -5.94 7.70
CA ALA A 35 -7.08 -4.66 8.39
C ALA A 35 -7.13 -3.50 7.41
N GLY A 36 -6.38 -3.62 6.31
CA GLY A 36 -6.34 -2.57 5.31
C GLY A 36 -5.28 -1.54 5.59
N LEU A 37 -4.23 -1.93 6.30
CA LEU A 37 -3.14 -1.03 6.63
C LEU A 37 -1.85 -1.48 5.96
N LEU A 38 -1.11 -0.52 5.41
CA LEU A 38 0.15 -0.81 4.74
C LEU A 38 1.34 -0.52 5.65
N GLU A 39 2.02 -1.58 6.08
CA GLU A 39 3.18 -1.43 6.95
C GLU A 39 4.47 -1.80 6.22
N TYR A 40 5.60 -1.55 6.87
CA TYR A 40 6.90 -1.84 6.28
C TYR A 40 7.95 -2.08 7.36
N PHE A 41 8.57 -3.26 7.33
CA PHE A 41 9.60 -3.60 8.31
C PHE A 41 10.98 -3.60 7.67
N VAL A 42 12.00 -3.37 8.48
CA VAL A 42 13.38 -3.34 8.00
C VAL A 42 13.65 -4.50 7.05
N ASN A 43 12.92 -5.60 7.25
CA ASN A 43 13.08 -6.78 6.41
C ASN A 43 12.02 -7.83 6.74
N GLU A 44 12.01 -8.91 5.97
CA GLU A 44 11.05 -9.99 6.17
C GLU A 44 11.27 -10.67 7.52
N GLN A 45 12.53 -10.68 7.97
CA GLN A 45 12.88 -11.30 9.24
C GLN A 45 12.19 -10.59 10.40
N SER A 46 11.55 -9.47 10.10
CA SER A 46 10.85 -8.70 11.13
C SER A 46 9.36 -8.65 10.84
N ARG A 47 8.69 -9.79 10.98
CA ARG A 47 7.26 -9.87 10.73
C ARG A 47 6.48 -9.80 12.04
N ASN A 48 7.03 -10.42 13.09
CA ASN A 48 6.39 -10.43 14.39
C ASN A 48 6.94 -9.31 15.28
N GLN A 49 7.30 -8.20 14.65
CA GLN A 49 7.85 -7.06 15.38
C GLN A 49 7.11 -5.78 15.02
N LYS A 50 7.26 -4.76 15.86
CA LYS A 50 6.60 -3.48 15.64
C LYS A 50 7.04 -2.87 14.31
N PRO A 51 6.06 -2.47 13.49
CA PRO A 51 6.33 -1.85 12.19
C PRO A 51 6.93 -0.47 12.31
N ARG A 52 7.92 -0.18 11.47
CA ARG A 52 8.59 1.12 11.48
C ARG A 52 7.61 2.23 11.13
N GLY A 53 6.61 1.90 10.33
CA GLY A 53 5.62 2.88 9.92
C GLY A 53 4.45 2.27 9.17
N THR A 54 3.27 2.83 9.34
CA THR A 54 2.08 2.34 8.68
C THR A 54 1.29 3.47 8.04
N LEU A 55 0.42 3.12 7.09
CA LEU A 55 -0.39 4.11 6.40
C LEU A 55 -1.77 3.54 6.07
N GLN A 56 -2.82 4.30 6.39
CA GLN A 56 -4.18 3.87 6.13
C GLN A 56 -4.49 3.95 4.64
N LEU A 57 -5.19 2.93 4.14
CA LEU A 57 -5.55 2.89 2.72
C LEU A 57 -7.01 3.30 2.51
N ALA A 58 -7.86 2.94 3.47
CA ALA A 58 -9.27 3.27 3.40
C ALA A 58 -9.47 4.73 3.01
N GLY A 59 -9.65 4.97 1.71
CA GLY A 59 -9.85 6.32 1.22
C GLY A 59 -8.57 6.93 0.68
N ALA A 60 -7.72 6.09 0.11
CA ALA A 60 -6.45 6.56 -0.46
C ALA A 60 -6.50 6.59 -1.98
N VAL A 61 -5.53 7.25 -2.59
CA VAL A 61 -5.46 7.35 -4.05
C VAL A 61 -4.09 6.95 -4.56
N ILE A 62 -4.07 6.16 -5.63
CA ILE A 62 -2.81 5.70 -6.23
C ILE A 62 -2.57 6.38 -7.57
N SER A 63 -1.42 7.02 -7.70
CA SER A 63 -1.06 7.70 -8.94
C SER A 63 0.34 7.32 -9.39
N PRO A 64 0.43 6.28 -10.24
CA PRO A 64 1.70 5.80 -10.76
C PRO A 64 2.35 6.78 -11.74
N SER A 65 3.64 7.05 -11.54
CA SER A 65 4.36 7.97 -12.41
C SER A 65 4.83 7.28 -13.67
N ASP A 66 5.49 8.03 -14.54
CA ASP A 66 5.99 7.49 -15.80
C ASP A 66 7.50 7.69 -15.92
N GLU A 67 8.02 8.68 -15.20
CA GLU A 67 9.44 8.97 -15.22
C GLU A 67 10.27 7.69 -15.27
N ASP A 68 10.34 7.01 -14.13
CA ASP A 68 11.09 5.76 -14.04
C ASP A 68 10.19 4.56 -14.29
N SER A 69 10.68 3.61 -15.09
CA SER A 69 9.91 2.42 -15.41
C SER A 69 9.11 1.94 -14.20
N HIS A 70 9.82 1.58 -13.13
CA HIS A 70 9.19 1.11 -11.91
C HIS A 70 9.07 2.24 -10.89
N THR A 71 7.86 2.75 -10.71
CA THR A 71 7.62 3.83 -9.76
C THR A 71 6.12 4.05 -9.55
N PHE A 72 5.76 4.46 -8.34
CA PHE A 72 4.37 4.71 -8.00
C PHE A 72 4.25 5.33 -6.60
N THR A 73 3.17 6.08 -6.40
CA THR A 73 2.94 6.74 -5.11
C THR A 73 1.64 6.26 -4.48
N VAL A 74 1.56 6.36 -3.16
CA VAL A 74 0.37 5.93 -2.43
C VAL A 74 -0.12 7.03 -1.48
N ASN A 75 -1.08 7.81 -1.94
CA ASN A 75 -1.64 8.90 -1.14
C ASN A 75 -2.47 8.34 0.02
N ALA A 76 -3.03 9.23 0.83
CA ALA A 76 -3.85 8.83 1.96
C ALA A 76 -4.96 9.85 2.23
N ALA A 77 -6.13 9.36 2.62
CA ALA A 77 -7.27 10.22 2.90
C ALA A 77 -6.84 11.43 3.73
N SER A 78 -6.35 11.17 4.94
CA SER A 78 -5.92 12.23 5.83
C SER A 78 -5.02 13.22 5.10
N GLY A 79 -4.05 12.70 4.36
CA GLY A 79 -3.13 13.56 3.63
C GLY A 79 -1.69 13.15 3.81
N GLU A 80 -1.26 12.12 3.07
CA GLU A 80 0.11 11.64 3.16
C GLU A 80 0.46 10.78 1.95
N GLN A 81 1.55 11.13 1.28
CA GLN A 81 1.99 10.39 0.10
C GLN A 81 3.16 9.48 0.44
N TYR A 82 3.19 8.30 -0.18
CA TYR A 82 4.25 7.34 0.06
C TYR A 82 5.04 7.05 -1.21
N LYS A 83 6.35 7.23 -1.15
CA LYS A 83 7.22 6.99 -2.30
C LYS A 83 7.76 5.57 -2.30
N LEU A 84 7.21 4.73 -3.15
CA LEU A 84 7.65 3.34 -3.24
C LEU A 84 8.02 2.97 -4.68
N ARG A 85 8.61 1.79 -4.85
CA ARG A 85 9.01 1.33 -6.16
C ARG A 85 8.89 -0.19 -6.26
N ALA A 86 8.18 -0.65 -7.28
CA ALA A 86 7.98 -2.09 -7.49
C ALA A 86 9.28 -2.75 -7.91
N THR A 87 9.31 -4.09 -7.84
CA THR A 87 10.50 -4.85 -8.22
C THR A 87 10.77 -4.73 -9.72
N ASP A 88 9.71 -4.52 -10.49
CA ASP A 88 9.84 -4.40 -11.95
C ASP A 88 8.56 -3.85 -12.55
N ALA A 89 8.63 -3.47 -13.83
CA ALA A 89 7.47 -2.93 -14.53
C ALA A 89 6.28 -3.88 -14.44
N LYS A 90 6.57 -5.18 -14.58
CA LYS A 90 5.53 -6.19 -14.52
C LYS A 90 4.94 -6.30 -13.12
N GLU A 91 5.68 -5.78 -12.13
CA GLU A 91 5.23 -5.82 -10.75
C GLU A 91 4.48 -4.54 -10.39
N ARG A 92 4.78 -3.46 -11.11
CA ARG A 92 4.14 -2.18 -10.87
C ARG A 92 2.62 -2.32 -10.86
N GLN A 93 2.07 -2.77 -11.98
CA GLN A 93 0.63 -2.95 -12.11
C GLN A 93 0.09 -3.79 -10.96
N HIS A 94 0.83 -4.83 -10.59
CA HIS A 94 0.43 -5.71 -9.51
C HIS A 94 0.11 -4.92 -8.24
N TRP A 95 1.08 -4.12 -7.81
CA TRP A 95 0.91 -3.30 -6.61
C TRP A 95 -0.21 -2.29 -6.79
N VAL A 96 0.00 -1.33 -7.70
CA VAL A 96 -1.00 -0.31 -7.97
C VAL A 96 -2.40 -0.89 -7.98
N SER A 97 -2.53 -2.11 -8.52
CA SER A 97 -3.82 -2.78 -8.60
C SER A 97 -4.27 -3.27 -7.22
N ARG A 98 -3.53 -4.24 -6.69
CA ARG A 98 -3.86 -4.80 -5.39
C ARG A 98 -4.20 -3.70 -4.38
N LEU A 99 -3.47 -2.60 -4.46
CA LEU A 99 -3.70 -1.47 -3.57
C LEU A 99 -4.98 -0.72 -3.94
N GLN A 100 -5.07 -0.33 -5.21
CA GLN A 100 -6.24 0.40 -5.70
C GLN A 100 -7.52 -0.35 -5.34
N ILE A 101 -7.40 -1.64 -5.06
CA ILE A 101 -8.55 -2.46 -4.70
C ILE A 101 -8.81 -2.40 -3.21
N CYS A 102 -7.81 -2.76 -2.42
CA CYS A 102 -7.94 -2.75 -0.97
C CYS A 102 -8.34 -1.36 -0.46
N THR A 103 -7.80 -0.33 -1.10
CA THR A 103 -8.10 1.05 -0.72
C THR A 103 -9.58 1.35 -0.84
N GLN A 104 -10.18 0.93 -1.96
CA GLN A 104 -11.59 1.15 -2.20
C GLN A 104 -12.44 0.12 -1.47
N HIS A 105 -12.23 -1.15 -1.79
CA HIS A 105 -12.96 -2.24 -1.15
C HIS A 105 -13.18 -1.95 0.33
N HIS A 106 -12.25 -1.22 0.94
CA HIS A 106 -12.35 -0.87 2.35
C HIS A 106 -13.15 0.41 2.54
N THR A 107 -12.62 1.52 2.00
CA THR A 107 -13.28 2.81 2.12
C THR A 107 -14.76 2.70 1.82
N GLU A 108 -15.12 1.75 0.95
CA GLU A 108 -16.52 1.55 0.58
C GLU A 108 -17.26 0.76 1.66
N ALA A 109 -16.54 -0.16 2.30
CA ALA A 109 -17.13 -0.97 3.36
C ALA A 109 -17.41 -0.15 4.61
N ILE A 110 -16.48 0.75 4.94
CA ILE A 110 -16.64 1.60 6.11
C ILE A 110 -18.03 2.22 6.16
N GLY A 111 -18.81 1.84 7.18
CA GLY A 111 -20.15 2.37 7.33
C GLY A 111 -21.05 1.44 8.11
N LYS A 112 -22.32 1.38 7.70
CA LYS A 112 -23.29 0.52 8.37
C LYS A 112 -22.67 -0.83 8.71
N ASN A 113 -23.12 -1.41 9.82
CA ASN A 113 -22.61 -2.71 10.26
C ASN A 113 -23.72 -3.76 10.25
N ASN A 114 -23.44 -4.91 9.64
CA ASN A 114 -24.42 -5.99 9.55
C ASN A 114 -23.73 -7.31 9.23
N SER A 115 -24.29 -8.40 9.75
CA SER A 115 -23.73 -9.73 9.52
C SER A 115 -23.86 -10.14 8.06
N GLY A 116 -25.04 -9.89 7.49
CA GLY A 116 -25.29 -10.24 6.10
C GLY A 116 -26.57 -11.01 5.91
N PRO A 117 -26.98 -11.19 4.65
CA PRO A 117 -28.21 -11.92 4.30
C PRO A 117 -28.09 -13.42 4.57
N SER A 118 -26.99 -14.01 4.10
CA SER A 118 -26.76 -15.44 4.28
C SER A 118 -25.26 -15.72 4.39
N SER A 119 -24.93 -16.84 5.04
CA SER A 119 -23.54 -17.23 5.22
C SER A 119 -23.43 -18.67 5.71
N GLY A 120 -22.89 -19.54 4.86
CA GLY A 120 -22.75 -20.94 5.22
C GLY A 120 -22.08 -21.75 4.13
N GLY A 1 -7.27 -14.04 -16.02
CA GLY A 1 -6.37 -14.57 -17.03
C GLY A 1 -4.95 -14.75 -16.50
N SER A 2 -4.82 -15.53 -15.43
CA SER A 2 -3.51 -15.77 -14.84
C SER A 2 -3.58 -16.93 -13.84
N SER A 3 -2.41 -17.47 -13.49
CA SER A 3 -2.33 -18.58 -12.55
C SER A 3 -3.37 -18.43 -11.45
N GLY A 4 -3.49 -17.21 -10.92
CA GLY A 4 -4.45 -16.96 -9.86
C GLY A 4 -3.79 -16.36 -8.63
N SER A 5 -4.62 -15.96 -7.66
CA SER A 5 -4.12 -15.36 -6.43
C SER A 5 -3.52 -16.43 -5.52
N SER A 6 -2.27 -16.22 -5.11
CA SER A 6 -1.60 -17.16 -4.22
C SER A 6 -2.27 -17.22 -2.86
N GLY A 7 -2.56 -16.05 -2.30
CA GLY A 7 -3.20 -15.99 -1.00
C GLY A 7 -3.99 -14.71 -0.80
N GLU A 8 -4.16 -14.31 0.45
CA GLU A 8 -4.92 -13.10 0.77
C GLU A 8 -4.01 -12.04 1.36
N ASN A 9 -2.84 -11.84 0.74
CA ASN A 9 -1.88 -10.86 1.22
C ASN A 9 -0.86 -10.54 0.13
N VAL A 10 -0.50 -9.25 0.03
CA VAL A 10 0.48 -8.81 -0.97
C VAL A 10 1.70 -8.19 -0.31
N TYR A 11 2.87 -8.75 -0.61
CA TYR A 11 4.12 -8.26 -0.05
C TYR A 11 5.21 -8.20 -1.10
N GLY A 12 6.25 -7.40 -0.83
CA GLY A 12 7.34 -7.26 -1.78
C GLY A 12 8.39 -6.27 -1.31
N TYR A 13 9.62 -6.47 -1.75
CA TYR A 13 10.73 -5.59 -1.36
C TYR A 13 10.75 -4.35 -2.25
N LEU A 14 10.23 -3.25 -1.73
CA LEU A 14 10.20 -1.99 -2.46
C LEU A 14 11.25 -1.02 -1.93
N MET A 15 11.39 0.12 -2.60
CA MET A 15 12.37 1.12 -2.20
C MET A 15 11.66 2.39 -1.71
N LYS A 16 11.95 2.77 -0.46
CA LYS A 16 11.35 3.96 0.13
C LYS A 16 12.37 5.09 0.24
N TYR A 17 11.91 6.30 -0.04
CA TYR A 17 12.80 7.47 0.02
C TYR A 17 13.04 7.88 1.46
N THR A 18 14.23 7.55 1.97
CA THR A 18 14.59 7.89 3.34
C THR A 18 15.01 9.35 3.46
N ASN A 19 15.79 9.82 2.47
CA ASN A 19 16.26 11.19 2.46
C ASN A 19 16.98 11.51 1.16
N LEU A 20 17.51 12.73 1.07
CA LEU A 20 18.24 13.16 -0.12
C LEU A 20 19.62 12.52 -0.18
N VAL A 21 20.45 12.82 0.81
CA VAL A 21 21.80 12.28 0.89
C VAL A 21 21.83 10.83 0.43
N THR A 22 21.00 10.00 1.05
CA THR A 22 20.92 8.59 0.71
C THR A 22 20.15 8.37 -0.59
N GLY A 23 18.94 8.88 -0.64
CA GLY A 23 18.12 8.73 -1.83
C GLY A 23 17.03 7.69 -1.66
N TRP A 24 17.29 6.49 -2.14
CA TRP A 24 16.32 5.40 -2.05
C TRP A 24 16.89 4.23 -1.25
N GLN A 25 16.10 3.72 -0.32
CA GLN A 25 16.53 2.59 0.51
C GLN A 25 15.61 1.40 0.33
N TYR A 26 16.18 0.19 0.39
CA TYR A 26 15.41 -1.04 0.23
C TYR A 26 14.69 -1.40 1.52
N ARG A 27 13.37 -1.55 1.44
CA ARG A 27 12.56 -1.90 2.60
C ARG A 27 11.49 -2.91 2.23
N PHE A 28 11.08 -3.71 3.20
CA PHE A 28 10.05 -4.73 2.98
C PHE A 28 8.66 -4.18 3.32
N PHE A 29 7.67 -4.57 2.53
CA PHE A 29 6.30 -4.12 2.75
C PHE A 29 5.34 -5.30 2.72
N VAL A 30 4.35 -5.27 3.62
CA VAL A 30 3.36 -6.33 3.70
C VAL A 30 1.96 -5.76 3.83
N LEU A 31 1.21 -5.77 2.72
CA LEU A 31 -0.15 -5.25 2.72
C LEU A 31 -1.08 -6.14 3.53
N ASN A 32 -2.05 -5.52 4.19
CA ASN A 32 -3.00 -6.26 5.01
C ASN A 32 -4.43 -6.13 4.44
N ASN A 33 -4.98 -7.25 4.00
CA ASN A 33 -6.33 -7.27 3.44
C ASN A 33 -7.38 -7.44 4.54
N GLU A 34 -7.04 -8.24 5.55
CA GLU A 34 -7.95 -8.49 6.66
C GLU A 34 -8.17 -7.21 7.47
N ALA A 35 -7.12 -6.44 7.65
CA ALA A 35 -7.21 -5.19 8.40
C ALA A 35 -7.35 -3.99 7.46
N GLY A 36 -6.50 -3.94 6.43
CA GLY A 36 -6.56 -2.84 5.49
C GLY A 36 -5.53 -1.78 5.78
N LEU A 37 -4.39 -2.18 6.33
CA LEU A 37 -3.31 -1.26 6.66
C LEU A 37 -2.02 -1.64 5.95
N LEU A 38 -1.27 -0.63 5.52
CA LEU A 38 -0.01 -0.86 4.84
C LEU A 38 1.17 -0.70 5.78
N GLU A 39 1.87 -1.81 6.04
CA GLU A 39 3.03 -1.80 6.93
C GLU A 39 4.30 -2.11 6.17
N TYR A 40 5.45 -1.85 6.80
CA TYR A 40 6.74 -2.10 6.18
C TYR A 40 7.82 -2.27 7.24
N PHE A 41 8.54 -3.39 7.17
CA PHE A 41 9.60 -3.68 8.13
C PHE A 41 10.97 -3.64 7.44
N VAL A 42 12.02 -3.53 8.24
CA VAL A 42 13.39 -3.48 7.72
C VAL A 42 13.66 -4.67 6.82
N ASN A 43 12.99 -5.79 7.08
CA ASN A 43 13.16 -7.00 6.29
C ASN A 43 12.12 -8.05 6.67
N GLU A 44 12.13 -9.17 5.94
CA GLU A 44 11.18 -10.24 6.20
C GLU A 44 11.52 -10.95 7.51
N GLN A 45 12.71 -10.71 8.02
CA GLN A 45 13.16 -11.32 9.27
C GLN A 45 12.51 -10.65 10.47
N SER A 46 12.04 -9.41 10.27
CA SER A 46 11.40 -8.66 11.34
C SER A 46 9.88 -8.64 11.15
N ARG A 47 9.29 -9.82 11.04
CA ARG A 47 7.84 -9.94 10.85
C ARG A 47 7.11 -9.73 12.17
N ASN A 48 7.46 -10.54 13.17
CA ASN A 48 6.84 -10.44 14.49
C ASN A 48 6.91 -9.01 15.02
N GLN A 49 8.11 -8.46 15.05
CA GLN A 49 8.30 -7.10 15.54
C GLN A 49 7.29 -6.14 14.92
N LYS A 50 7.18 -4.94 15.50
CA LYS A 50 6.25 -3.94 15.00
C LYS A 50 6.82 -3.24 13.76
N PRO A 51 5.92 -2.78 12.88
CA PRO A 51 6.32 -2.08 11.65
C PRO A 51 6.90 -0.70 11.93
N ARG A 52 7.93 -0.34 11.15
CA ARG A 52 8.59 0.95 11.32
C ARG A 52 7.64 2.09 10.97
N GLY A 53 6.74 1.84 10.02
CA GLY A 53 5.78 2.85 9.62
C GLY A 53 4.59 2.28 8.90
N THR A 54 3.39 2.60 9.39
CA THR A 54 2.16 2.09 8.79
C THR A 54 1.34 3.23 8.18
N LEU A 55 0.67 2.93 7.08
CA LEU A 55 -0.16 3.92 6.39
C LEU A 55 -1.54 3.37 6.08
N GLN A 56 -2.57 4.11 6.47
CA GLN A 56 -3.94 3.68 6.22
C GLN A 56 -4.29 3.78 4.74
N LEU A 57 -4.92 2.74 4.21
CA LEU A 57 -5.29 2.70 2.81
C LEU A 57 -6.77 3.07 2.63
N ALA A 58 -7.58 2.72 3.63
CA ALA A 58 -9.00 3.02 3.58
C ALA A 58 -9.26 4.45 3.13
N GLY A 59 -9.54 4.62 1.83
CA GLY A 59 -9.79 5.94 1.29
C GLY A 59 -8.54 6.60 0.76
N ALA A 60 -7.59 5.78 0.28
CA ALA A 60 -6.35 6.30 -0.25
C ALA A 60 -6.37 6.31 -1.79
N VAL A 61 -5.43 7.04 -2.38
CA VAL A 61 -5.34 7.12 -3.84
C VAL A 61 -3.99 6.64 -4.34
N ILE A 62 -3.96 6.14 -5.55
CA ILE A 62 -2.73 5.64 -6.16
C ILE A 62 -2.42 6.35 -7.47
N SER A 63 -1.32 7.10 -7.50
CA SER A 63 -0.92 7.82 -8.69
C SER A 63 0.42 7.32 -9.21
N PRO A 64 0.37 6.34 -10.14
CA PRO A 64 1.57 5.76 -10.72
C PRO A 64 2.30 6.73 -11.66
N SER A 65 3.53 7.07 -11.30
CA SER A 65 4.33 7.99 -12.11
C SER A 65 4.51 7.46 -13.52
N ASP A 66 5.12 8.27 -14.37
CA ASP A 66 5.36 7.90 -15.76
C ASP A 66 6.80 8.21 -16.18
N GLU A 67 7.64 8.48 -15.19
CA GLU A 67 9.04 8.81 -15.45
C GLU A 67 9.88 7.54 -15.54
N ASP A 68 10.11 6.90 -14.40
CA ASP A 68 10.90 5.68 -14.35
C ASP A 68 10.03 4.46 -14.59
N SER A 69 10.62 3.42 -15.16
CA SER A 69 9.89 2.19 -15.45
C SER A 69 9.00 1.79 -14.28
N HIS A 70 9.62 1.43 -13.16
CA HIS A 70 8.88 1.03 -11.97
C HIS A 70 8.79 2.18 -10.98
N THR A 71 7.59 2.73 -10.82
CA THR A 71 7.36 3.84 -9.91
C THR A 71 5.88 3.99 -9.57
N PHE A 72 5.60 4.45 -8.35
CA PHE A 72 4.23 4.62 -7.91
C PHE A 72 4.19 5.29 -6.53
N THR A 73 3.08 5.96 -6.24
CA THR A 73 2.92 6.64 -4.96
C THR A 73 1.56 6.30 -4.33
N VAL A 74 1.53 6.28 -2.99
CA VAL A 74 0.31 5.97 -2.27
C VAL A 74 -0.16 7.17 -1.46
N ASN A 75 -1.15 7.89 -2.00
CA ASN A 75 -1.70 9.06 -1.32
C ASN A 75 -2.69 8.66 -0.23
N ALA A 76 -2.92 9.57 0.71
CA ALA A 76 -3.84 9.31 1.81
C ALA A 76 -4.93 10.38 1.88
N ALA A 77 -6.18 9.94 1.99
CA ALA A 77 -7.31 10.86 2.07
C ALA A 77 -7.03 11.98 3.06
N SER A 78 -6.14 11.72 4.01
CA SER A 78 -5.79 12.71 5.02
C SER A 78 -4.93 13.82 4.42
N GLY A 79 -3.87 13.43 3.72
CA GLY A 79 -2.99 14.39 3.10
C GLY A 79 -1.53 13.97 3.16
N GLU A 80 -1.28 12.68 2.92
CA GLU A 80 0.07 12.16 2.96
C GLU A 80 0.39 11.41 1.66
N GLN A 81 1.67 11.34 1.32
CA GLN A 81 2.11 10.65 0.11
C GLN A 81 3.31 9.76 0.39
N TYR A 82 3.30 8.57 -0.17
CA TYR A 82 4.39 7.62 0.02
C TYR A 82 5.12 7.35 -1.29
N LYS A 83 6.44 7.41 -1.25
CA LYS A 83 7.26 7.17 -2.43
C LYS A 83 7.86 5.77 -2.41
N LEU A 84 7.27 4.87 -3.19
CA LEU A 84 7.75 3.50 -3.26
C LEU A 84 8.11 3.12 -4.69
N ARG A 85 8.86 2.04 -4.85
CA ARG A 85 9.26 1.57 -6.17
C ARG A 85 9.19 0.05 -6.25
N ALA A 86 8.47 -0.46 -7.25
CA ALA A 86 8.32 -1.90 -7.42
C ALA A 86 9.67 -2.54 -7.78
N THR A 87 9.70 -3.87 -7.70
CA THR A 87 10.92 -4.61 -8.00
C THR A 87 11.06 -4.86 -9.51
N ASP A 88 9.94 -4.77 -10.22
CA ASP A 88 9.93 -4.99 -11.66
C ASP A 88 8.73 -4.31 -12.30
N ALA A 89 8.84 -4.02 -13.59
CA ALA A 89 7.77 -3.37 -14.33
C ALA A 89 6.49 -4.19 -14.27
N LYS A 90 6.63 -5.49 -14.02
CA LYS A 90 5.48 -6.38 -13.94
C LYS A 90 4.94 -6.44 -12.51
N GLU A 91 5.78 -6.04 -11.55
CA GLU A 91 5.39 -6.05 -10.15
C GLU A 91 4.63 -4.79 -9.79
N ARG A 92 4.84 -3.73 -10.57
CA ARG A 92 4.19 -2.45 -10.33
C ARG A 92 2.67 -2.61 -10.40
N GLN A 93 2.18 -3.04 -11.56
CA GLN A 93 0.75 -3.22 -11.77
C GLN A 93 0.13 -4.00 -10.63
N HIS A 94 0.86 -5.00 -10.12
CA HIS A 94 0.38 -5.83 -9.03
C HIS A 94 0.13 -4.98 -7.79
N TRP A 95 1.12 -4.18 -7.41
CA TRP A 95 1.00 -3.31 -6.24
C TRP A 95 -0.05 -2.23 -6.45
N VAL A 96 0.11 -1.45 -7.53
CA VAL A 96 -0.83 -0.39 -7.84
C VAL A 96 -2.25 -0.93 -7.97
N SER A 97 -2.38 -2.09 -8.59
CA SER A 97 -3.69 -2.71 -8.78
C SER A 97 -4.28 -3.15 -7.44
N ARG A 98 -3.68 -4.18 -6.84
CA ARG A 98 -4.16 -4.69 -5.56
C ARG A 98 -4.54 -3.54 -4.62
N LEU A 99 -3.63 -2.58 -4.48
CA LEU A 99 -3.88 -1.43 -3.61
C LEU A 99 -5.12 -0.66 -4.06
N GLN A 100 -5.14 -0.28 -5.34
CA GLN A 100 -6.27 0.46 -5.89
C GLN A 100 -7.59 -0.26 -5.59
N ILE A 101 -7.50 -1.54 -5.30
CA ILE A 101 -8.68 -2.33 -4.99
C ILE A 101 -8.94 -2.39 -3.49
N CYS A 102 -7.91 -2.69 -2.72
CA CYS A 102 -8.02 -2.76 -1.27
C CYS A 102 -8.29 -1.38 -0.67
N THR A 103 -7.95 -0.34 -1.43
CA THR A 103 -8.15 1.03 -0.97
C THR A 103 -9.62 1.43 -1.11
N GLN A 104 -10.27 0.95 -2.15
CA GLN A 104 -11.68 1.26 -2.39
C GLN A 104 -12.59 0.25 -1.72
N HIS A 105 -12.15 -1.01 -1.69
CA HIS A 105 -12.92 -2.08 -1.08
C HIS A 105 -13.16 -1.79 0.40
N HIS A 106 -12.17 -1.18 1.05
CA HIS A 106 -12.27 -0.85 2.46
C HIS A 106 -13.08 0.42 2.67
N THR A 107 -12.56 1.54 2.17
CA THR A 107 -13.23 2.82 2.31
C THR A 107 -14.74 2.68 2.14
N GLU A 108 -15.15 1.72 1.31
CA GLU A 108 -16.57 1.47 1.07
C GLU A 108 -17.31 1.18 2.38
N ALA A 109 -16.87 0.15 3.08
CA ALA A 109 -17.48 -0.22 4.35
C ALA A 109 -17.62 0.97 5.28
N ILE A 110 -16.53 1.72 5.43
CA ILE A 110 -16.52 2.90 6.29
C ILE A 110 -17.64 3.87 5.90
N GLY A 111 -18.61 4.02 6.78
CA GLY A 111 -19.72 4.92 6.51
C GLY A 111 -20.93 4.64 7.40
N LYS A 112 -22.12 4.66 6.81
CA LYS A 112 -23.34 4.41 7.55
C LYS A 112 -23.64 2.91 7.63
N ASN A 113 -23.90 2.43 8.84
CA ASN A 113 -24.19 1.01 9.04
C ASN A 113 -24.96 0.80 10.35
N ASN A 114 -25.52 -0.38 10.51
CA ASN A 114 -26.28 -0.71 11.71
C ASN A 114 -25.55 -0.22 12.97
N SER A 115 -26.31 0.32 13.91
CA SER A 115 -25.74 0.84 15.14
C SER A 115 -24.57 -0.04 15.60
N GLY A 116 -23.47 0.61 15.98
CA GLY A 116 -22.30 -0.11 16.43
C GLY A 116 -21.12 0.80 16.72
N PRO A 117 -21.09 1.39 17.91
CA PRO A 117 -20.02 2.30 18.32
C PRO A 117 -18.70 1.58 18.54
N SER A 118 -17.62 2.35 18.62
CA SER A 118 -16.29 1.77 18.81
C SER A 118 -16.27 0.86 20.04
N SER A 119 -15.22 0.04 20.14
CA SER A 119 -15.09 -0.88 21.26
C SER A 119 -13.62 -1.06 21.64
N GLY A 120 -13.38 -1.31 22.93
CA GLY A 120 -12.03 -1.49 23.40
C GLY A 120 -11.17 -0.25 23.22
N GLY A 1 -14.07 -15.68 -11.30
CA GLY A 1 -13.34 -14.58 -11.92
C GLY A 1 -12.13 -14.16 -11.10
N SER A 2 -10.97 -14.16 -11.75
CA SER A 2 -9.73 -13.79 -11.07
C SER A 2 -9.83 -12.38 -10.49
N SER A 3 -8.96 -12.08 -9.53
CA SER A 3 -8.97 -10.77 -8.89
C SER A 3 -10.37 -10.37 -8.46
N GLY A 4 -11.11 -11.33 -7.90
CA GLY A 4 -12.46 -11.06 -7.46
C GLY A 4 -12.73 -11.57 -6.05
N SER A 5 -13.29 -12.77 -5.96
CA SER A 5 -13.59 -13.37 -4.67
C SER A 5 -12.32 -13.65 -3.87
N SER A 6 -11.42 -14.42 -4.47
CA SER A 6 -10.16 -14.75 -3.82
C SER A 6 -9.47 -13.51 -3.28
N GLY A 7 -8.45 -13.72 -2.44
CA GLY A 7 -7.73 -12.60 -1.86
C GLY A 7 -6.63 -13.05 -0.92
N GLU A 8 -5.40 -12.66 -1.23
CA GLU A 8 -4.25 -13.03 -0.40
C GLU A 8 -3.45 -11.80 -0.01
N ASN A 9 -2.47 -11.99 0.88
CA ASN A 9 -1.64 -10.89 1.34
C ASN A 9 -0.58 -10.53 0.30
N VAL A 10 -0.47 -9.24 0.01
CA VAL A 10 0.51 -8.76 -0.97
C VAL A 10 1.72 -8.14 -0.29
N TYR A 11 2.90 -8.67 -0.59
CA TYR A 11 4.13 -8.18 -0.01
C TYR A 11 5.27 -8.20 -1.03
N GLY A 12 6.35 -7.49 -0.72
CA GLY A 12 7.49 -7.44 -1.61
C GLY A 12 8.49 -6.37 -1.22
N TYR A 13 9.76 -6.63 -1.49
CA TYR A 13 10.82 -5.68 -1.17
C TYR A 13 10.76 -4.46 -2.09
N LEU A 14 10.27 -3.35 -1.55
CA LEU A 14 10.16 -2.12 -2.32
C LEU A 14 11.16 -1.07 -1.82
N MET A 15 11.48 -0.11 -2.68
CA MET A 15 12.42 0.95 -2.32
C MET A 15 11.67 2.21 -1.89
N LYS A 16 11.81 2.56 -0.61
CA LYS A 16 11.16 3.75 -0.07
C LYS A 16 12.09 4.96 -0.13
N TYR A 17 11.55 6.09 -0.56
CA TYR A 17 12.32 7.32 -0.66
C TYR A 17 12.22 8.14 0.62
N THR A 18 13.35 8.69 1.05
CA THR A 18 13.38 9.50 2.27
C THR A 18 14.01 10.87 2.01
N ASN A 19 15.12 10.87 1.26
CA ASN A 19 15.81 12.10 0.93
C ASN A 19 16.92 11.86 -0.09
N LEU A 20 17.48 12.93 -0.62
CA LEU A 20 18.56 12.83 -1.60
C LEU A 20 19.80 12.20 -0.98
N VAL A 21 20.37 12.88 0.01
CA VAL A 21 21.56 12.39 0.70
C VAL A 21 21.46 10.90 0.97
N THR A 22 20.39 10.49 1.64
CA THR A 22 20.18 9.10 1.97
C THR A 22 19.77 8.30 0.73
N GLY A 23 19.10 8.96 -0.20
CA GLY A 23 18.68 8.29 -1.42
C GLY A 23 17.77 7.11 -1.15
N TRP A 24 17.09 6.64 -2.18
CA TRP A 24 16.18 5.51 -2.04
C TRP A 24 16.82 4.39 -1.22
N GLN A 25 16.06 3.83 -0.29
CA GLN A 25 16.56 2.77 0.56
C GLN A 25 15.68 1.53 0.44
N TYR A 26 16.31 0.37 0.27
CA TYR A 26 15.60 -0.89 0.14
C TYR A 26 14.92 -1.28 1.45
N ARG A 27 13.70 -1.78 1.36
CA ARG A 27 12.94 -2.19 2.53
C ARG A 27 11.83 -3.16 2.16
N PHE A 28 11.30 -3.86 3.16
CA PHE A 28 10.23 -4.82 2.93
C PHE A 28 8.87 -4.23 3.29
N PHE A 29 7.84 -4.67 2.59
CA PHE A 29 6.48 -4.19 2.84
C PHE A 29 5.49 -5.34 2.89
N VAL A 30 4.41 -5.14 3.64
CA VAL A 30 3.38 -6.17 3.78
C VAL A 30 1.99 -5.55 3.85
N LEU A 31 1.16 -5.85 2.86
CA LEU A 31 -0.20 -5.32 2.81
C LEU A 31 -1.14 -6.15 3.67
N ASN A 32 -2.10 -5.49 4.31
CA ASN A 32 -3.07 -6.16 5.16
C ASN A 32 -4.47 -6.06 4.57
N ASN A 33 -4.98 -7.19 4.08
CA ASN A 33 -6.31 -7.23 3.49
C ASN A 33 -7.39 -7.28 4.58
N GLU A 34 -7.16 -8.10 5.60
CA GLU A 34 -8.10 -8.25 6.70
C GLU A 34 -8.25 -6.93 7.46
N ALA A 35 -7.13 -6.26 7.70
CA ALA A 35 -7.12 -4.99 8.41
C ALA A 35 -7.25 -3.82 7.44
N GLY A 36 -6.42 -3.83 6.39
CA GLY A 36 -6.46 -2.75 5.41
C GLY A 36 -5.40 -1.69 5.68
N LEU A 37 -4.33 -2.08 6.36
CA LEU A 37 -3.25 -1.16 6.67
C LEU A 37 -1.98 -1.54 5.92
N LEU A 38 -1.19 -0.54 5.57
CA LEU A 38 0.07 -0.76 4.85
C LEU A 38 1.26 -0.46 5.74
N GLU A 39 2.00 -1.52 6.09
CA GLU A 39 3.19 -1.36 6.93
C GLU A 39 4.46 -1.69 6.15
N TYR A 40 5.60 -1.40 6.76
CA TYR A 40 6.89 -1.66 6.12
C TYR A 40 7.98 -1.90 7.17
N PHE A 41 8.57 -3.10 7.14
CA PHE A 41 9.62 -3.45 8.08
C PHE A 41 10.98 -3.50 7.38
N VAL A 42 12.04 -3.32 8.16
CA VAL A 42 13.40 -3.35 7.62
C VAL A 42 13.62 -4.58 6.74
N ASN A 43 13.25 -5.75 7.26
CA ASN A 43 13.41 -7.00 6.53
C ASN A 43 12.25 -7.94 6.82
N GLU A 44 12.04 -8.90 5.91
CA GLU A 44 10.96 -9.87 6.07
C GLU A 44 11.02 -10.52 7.44
N GLN A 45 12.22 -10.85 7.89
CA GLN A 45 12.41 -11.48 9.19
C GLN A 45 11.90 -10.58 10.31
N SER A 46 11.87 -9.28 10.06
CA SER A 46 11.41 -8.32 11.05
C SER A 46 9.95 -7.94 10.80
N ARG A 47 9.22 -8.83 10.12
CA ARG A 47 7.82 -8.59 9.82
C ARG A 47 6.96 -8.69 11.08
N ASN A 48 7.26 -9.66 11.92
CA ASN A 48 6.52 -9.86 13.16
C ASN A 48 6.82 -8.75 14.16
N GLN A 49 8.09 -8.32 14.20
CA GLN A 49 8.51 -7.27 15.11
C GLN A 49 7.72 -5.99 14.86
N LYS A 50 7.74 -5.08 15.84
CA LYS A 50 7.03 -3.81 15.71
C LYS A 50 7.32 -3.16 14.37
N PRO A 51 6.25 -2.77 13.66
CA PRO A 51 6.36 -2.12 12.34
C PRO A 51 6.93 -0.71 12.44
N ARG A 52 7.83 -0.38 11.51
CA ARG A 52 8.46 0.93 11.49
C ARG A 52 7.41 2.03 11.28
N GLY A 53 6.49 1.79 10.36
CA GLY A 53 5.45 2.76 10.07
C GLY A 53 4.24 2.14 9.41
N THR A 54 3.08 2.78 9.57
CA THR A 54 1.85 2.28 8.99
C THR A 54 1.08 3.39 8.29
N LEU A 55 0.50 3.08 7.13
CA LEU A 55 -0.26 4.06 6.37
C LEU A 55 -1.64 3.51 6.01
N GLN A 56 -2.68 4.18 6.49
CA GLN A 56 -4.05 3.76 6.22
C GLN A 56 -4.38 3.89 4.74
N LEU A 57 -5.18 2.96 4.23
CA LEU A 57 -5.57 2.97 2.82
C LEU A 57 -6.98 3.49 2.65
N ALA A 58 -7.86 3.13 3.59
CA ALA A 58 -9.25 3.57 3.55
C ALA A 58 -9.36 5.02 3.10
N GLY A 59 -9.61 5.21 1.80
CA GLY A 59 -9.73 6.56 1.27
C GLY A 59 -8.41 7.09 0.72
N ALA A 60 -7.59 6.18 0.21
CA ALA A 60 -6.29 6.56 -0.35
C ALA A 60 -6.32 6.52 -1.87
N VAL A 61 -5.45 7.31 -2.49
CA VAL A 61 -5.36 7.36 -3.95
C VAL A 61 -4.01 6.86 -4.44
N ILE A 62 -4.03 6.16 -5.56
CA ILE A 62 -2.80 5.62 -6.14
C ILE A 62 -2.45 6.34 -7.44
N SER A 63 -1.33 7.05 -7.43
CA SER A 63 -0.88 7.79 -8.61
C SER A 63 0.48 7.29 -9.07
N PRO A 64 0.47 6.32 -10.01
CA PRO A 64 1.70 5.74 -10.56
C PRO A 64 2.46 6.72 -11.44
N SER A 65 3.73 6.96 -11.10
CA SER A 65 4.56 7.88 -11.86
C SER A 65 4.85 7.32 -13.25
N ASP A 66 5.25 8.20 -14.16
CA ASP A 66 5.55 7.81 -15.53
C ASP A 66 7.00 8.14 -15.88
N GLU A 67 7.84 8.27 -14.85
CA GLU A 67 9.24 8.59 -15.05
C GLU A 67 10.04 7.32 -15.32
N ASP A 68 10.18 6.48 -14.30
CA ASP A 68 10.92 5.24 -14.43
C ASP A 68 9.98 4.06 -14.71
N SER A 69 10.53 2.98 -15.26
CA SER A 69 9.74 1.80 -15.58
C SER A 69 8.99 1.31 -14.35
N HIS A 70 9.70 1.20 -13.23
CA HIS A 70 9.10 0.73 -11.98
C HIS A 70 9.01 1.87 -10.96
N THR A 71 7.80 2.39 -10.77
CA THR A 71 7.57 3.48 -9.83
C THR A 71 6.09 3.66 -9.54
N PHE A 72 5.78 4.11 -8.32
CA PHE A 72 4.39 4.33 -7.92
C PHE A 72 4.32 4.95 -6.54
N THR A 73 3.21 5.62 -6.25
CA THR A 73 3.03 6.28 -4.96
C THR A 73 1.69 5.89 -4.35
N VAL A 74 1.54 6.12 -3.04
CA VAL A 74 0.31 5.79 -2.33
C VAL A 74 -0.14 6.97 -1.47
N ASN A 75 -1.10 7.74 -1.99
CA ASN A 75 -1.64 8.89 -1.27
C ASN A 75 -2.49 8.44 -0.09
N ALA A 76 -2.99 9.41 0.67
CA ALA A 76 -3.83 9.12 1.83
C ALA A 76 -4.93 10.17 1.99
N ALA A 77 -6.11 9.72 2.40
CA ALA A 77 -7.24 10.62 2.60
C ALA A 77 -6.85 11.83 3.44
N SER A 78 -6.08 11.58 4.49
CA SER A 78 -5.63 12.64 5.39
C SER A 78 -4.79 13.66 4.64
N GLY A 79 -3.69 13.19 4.05
CA GLY A 79 -2.81 14.08 3.31
C GLY A 79 -1.35 13.64 3.38
N GLU A 80 -1.10 12.37 3.13
CA GLU A 80 0.25 11.83 3.18
C GLU A 80 0.50 10.90 1.99
N GLN A 81 1.60 11.14 1.28
CA GLN A 81 1.95 10.33 0.13
C GLN A 81 3.13 9.42 0.45
N TYR A 82 3.12 8.22 -0.12
CA TYR A 82 4.19 7.25 0.11
C TYR A 82 4.92 6.92 -1.20
N LYS A 83 6.22 7.11 -1.21
CA LYS A 83 7.03 6.81 -2.39
C LYS A 83 7.56 5.38 -2.36
N LEU A 84 7.14 4.58 -3.34
CA LEU A 84 7.58 3.20 -3.42
C LEU A 84 7.91 2.82 -4.86
N ARG A 85 8.73 1.77 -5.02
CA ARG A 85 9.13 1.32 -6.34
C ARG A 85 9.04 -0.20 -6.44
N ALA A 86 8.32 -0.69 -7.45
CA ALA A 86 8.15 -2.12 -7.65
C ALA A 86 9.48 -2.78 -8.00
N THR A 87 9.52 -4.11 -7.92
CA THR A 87 10.73 -4.87 -8.23
C THR A 87 11.00 -4.89 -9.72
N ASP A 88 9.94 -4.86 -10.51
CA ASP A 88 10.06 -4.87 -11.97
C ASP A 88 8.87 -4.17 -12.63
N ALA A 89 8.82 -4.21 -13.95
CA ALA A 89 7.75 -3.58 -14.70
C ALA A 89 6.44 -4.34 -14.52
N LYS A 90 6.53 -5.55 -13.98
CA LYS A 90 5.35 -6.38 -13.75
C LYS A 90 4.80 -6.16 -12.35
N GLU A 91 5.68 -6.16 -11.36
CA GLU A 91 5.28 -5.96 -9.97
C GLU A 91 4.65 -4.58 -9.78
N ARG A 92 4.94 -3.68 -10.71
CA ARG A 92 4.40 -2.32 -10.64
C ARG A 92 2.88 -2.34 -10.75
N GLN A 93 2.36 -2.76 -11.89
CA GLN A 93 0.93 -2.82 -12.11
C GLN A 93 0.23 -3.59 -10.99
N HIS A 94 0.89 -4.64 -10.52
CA HIS A 94 0.33 -5.46 -9.44
C HIS A 94 0.04 -4.61 -8.20
N TRP A 95 1.08 -3.93 -7.71
CA TRP A 95 0.94 -3.08 -6.53
C TRP A 95 -0.13 -2.02 -6.75
N VAL A 96 0.05 -1.20 -7.79
CA VAL A 96 -0.90 -0.14 -8.11
C VAL A 96 -2.33 -0.66 -8.05
N SER A 97 -2.60 -1.74 -8.78
CA SER A 97 -3.93 -2.33 -8.82
C SER A 97 -4.33 -2.86 -7.45
N ARG A 98 -3.60 -3.86 -6.97
CA ARG A 98 -3.87 -4.46 -5.67
C ARG A 98 -4.26 -3.39 -4.65
N LEU A 99 -3.46 -2.34 -4.57
CA LEU A 99 -3.72 -1.25 -3.64
C LEU A 99 -5.02 -0.51 -4.00
N GLN A 100 -5.22 -0.31 -5.30
CA GLN A 100 -6.42 0.38 -5.78
C GLN A 100 -7.68 -0.39 -5.41
N ILE A 101 -7.51 -1.69 -5.11
CA ILE A 101 -8.63 -2.54 -4.75
C ILE A 101 -8.89 -2.49 -3.25
N CYS A 102 -7.82 -2.62 -2.47
CA CYS A 102 -7.93 -2.60 -1.01
C CYS A 102 -8.38 -1.23 -0.52
N THR A 103 -7.79 -0.18 -1.08
CA THR A 103 -8.12 1.19 -0.70
C THR A 103 -9.61 1.46 -0.88
N GLN A 104 -10.19 0.84 -1.91
CA GLN A 104 -11.62 1.02 -2.20
C GLN A 104 -12.45 0.00 -1.43
N HIS A 105 -12.26 -1.27 -1.74
CA HIS A 105 -13.01 -2.34 -1.08
C HIS A 105 -13.22 -2.02 0.40
N HIS A 106 -12.28 -1.27 0.97
CA HIS A 106 -12.37 -0.89 2.38
C HIS A 106 -13.18 0.38 2.55
N THR A 107 -12.64 1.49 2.05
CA THR A 107 -13.32 2.78 2.15
C THR A 107 -14.80 2.65 1.86
N GLU A 108 -15.15 1.68 1.02
CA GLU A 108 -16.55 1.45 0.67
C GLU A 108 -17.39 1.19 1.91
N ALA A 109 -16.98 0.20 2.70
CA ALA A 109 -17.69 -0.16 3.91
C ALA A 109 -18.25 1.08 4.61
N ILE A 110 -17.41 2.10 4.76
CA ILE A 110 -17.82 3.34 5.40
C ILE A 110 -19.18 3.79 4.89
N GLY A 111 -20.09 4.07 5.83
CA GLY A 111 -21.42 4.52 5.45
C GLY A 111 -21.99 5.54 6.42
N LYS A 112 -21.89 5.24 7.72
CA LYS A 112 -22.39 6.14 8.74
C LYS A 112 -23.78 6.67 8.38
N ASN A 113 -24.62 5.78 7.86
CA ASN A 113 -25.98 6.15 7.47
C ASN A 113 -26.93 4.96 7.63
N ASN A 114 -28.08 5.22 8.24
CA ASN A 114 -29.08 4.17 8.46
C ASN A 114 -29.57 3.61 7.13
N SER A 115 -29.23 2.36 6.87
CA SER A 115 -29.64 1.70 5.63
C SER A 115 -30.28 0.35 5.92
N GLY A 116 -30.78 -0.29 4.87
CA GLY A 116 -31.42 -1.59 5.03
C GLY A 116 -30.83 -2.64 4.11
N PRO A 117 -29.69 -3.22 4.52
CA PRO A 117 -29.00 -4.25 3.74
C PRO A 117 -29.77 -5.56 3.70
N SER A 118 -29.15 -6.60 3.13
CA SER A 118 -29.78 -7.91 3.04
C SER A 118 -29.19 -8.87 4.07
N SER A 119 -30.05 -9.66 4.69
CA SER A 119 -29.62 -10.62 5.71
C SER A 119 -29.96 -12.05 5.28
N GLY A 120 -28.96 -12.92 5.30
CA GLY A 120 -29.18 -14.30 4.92
C GLY A 120 -29.35 -15.21 6.12
N GLY A 1 -16.18 -5.76 -7.75
CA GLY A 1 -16.48 -5.71 -6.33
C GLY A 1 -17.05 -7.01 -5.81
N SER A 2 -16.24 -8.06 -5.85
CA SER A 2 -16.67 -9.38 -5.39
C SER A 2 -15.54 -10.11 -4.68
N SER A 3 -15.85 -10.71 -3.54
CA SER A 3 -14.85 -11.43 -2.75
C SER A 3 -15.22 -12.91 -2.64
N GLY A 4 -14.36 -13.77 -3.19
CA GLY A 4 -14.62 -15.19 -3.14
C GLY A 4 -13.67 -15.91 -2.22
N SER A 5 -13.49 -17.22 -2.43
CA SER A 5 -12.61 -18.02 -1.60
C SER A 5 -11.16 -17.59 -1.78
N SER A 6 -10.79 -16.51 -1.11
CA SER A 6 -9.44 -15.98 -1.19
C SER A 6 -8.91 -15.63 0.20
N GLY A 7 -7.58 -15.66 0.35
CA GLY A 7 -6.97 -15.35 1.63
C GLY A 7 -5.46 -15.27 1.55
N GLU A 8 -4.96 -14.24 0.87
CA GLU A 8 -3.52 -14.07 0.71
C GLU A 8 -3.16 -12.59 0.71
N ASN A 9 -2.14 -12.23 1.49
CA ASN A 9 -1.70 -10.84 1.57
C ASN A 9 -0.54 -10.59 0.61
N VAL A 10 -0.40 -9.33 0.19
CA VAL A 10 0.66 -8.96 -0.74
C VAL A 10 1.85 -8.38 0.01
N TYR A 11 3.05 -8.79 -0.38
CA TYR A 11 4.28 -8.32 0.25
C TYR A 11 5.44 -8.34 -0.74
N GLY A 12 6.46 -7.53 -0.45
CA GLY A 12 7.62 -7.47 -1.31
C GLY A 12 8.65 -6.48 -0.83
N TYR A 13 9.69 -6.26 -1.64
CA TYR A 13 10.75 -5.33 -1.27
C TYR A 13 10.73 -4.10 -2.18
N LEU A 14 10.21 -3.00 -1.65
CA LEU A 14 10.12 -1.75 -2.40
C LEU A 14 11.12 -0.72 -1.87
N MET A 15 11.36 0.31 -2.66
CA MET A 15 12.30 1.36 -2.27
C MET A 15 11.55 2.62 -1.85
N LYS A 16 11.62 2.94 -0.55
CA LYS A 16 10.94 4.12 -0.01
C LYS A 16 11.92 5.28 0.13
N TYR A 17 11.52 6.45 -0.36
CA TYR A 17 12.36 7.64 -0.28
C TYR A 17 12.49 8.12 1.16
N THR A 18 13.57 7.71 1.83
CA THR A 18 13.81 8.11 3.20
C THR A 18 14.10 9.60 3.31
N ASN A 19 15.07 10.06 2.53
CA ASN A 19 15.45 11.47 2.54
C ASN A 19 16.10 11.86 1.22
N LEU A 20 16.42 13.15 1.08
CA LEU A 20 17.06 13.65 -0.13
C LEU A 20 18.50 13.16 -0.25
N VAL A 21 19.29 13.43 0.78
CA VAL A 21 20.69 13.00 0.80
C VAL A 21 20.82 11.52 0.50
N THR A 22 20.12 10.69 1.29
CA THR A 22 20.15 9.25 1.10
C THR A 22 19.53 8.85 -0.23
N GLY A 23 18.32 9.34 -0.49
CA GLY A 23 17.64 9.02 -1.73
C GLY A 23 16.62 7.91 -1.56
N TRP A 24 17.03 6.68 -1.87
CA TRP A 24 16.15 5.52 -1.75
C TRP A 24 16.82 4.40 -0.98
N GLN A 25 16.02 3.45 -0.51
CA GLN A 25 16.54 2.33 0.26
C GLN A 25 15.54 1.17 0.28
N TYR A 26 16.01 -0.02 -0.07
CA TYR A 26 15.15 -1.20 -0.10
C TYR A 26 14.43 -1.38 1.24
N ARG A 27 13.16 -1.73 1.17
CA ARG A 27 12.36 -1.93 2.37
C ARG A 27 11.31 -3.03 2.15
N PHE A 28 10.97 -3.73 3.22
CA PHE A 28 9.98 -4.81 3.15
C PHE A 28 8.59 -4.29 3.51
N PHE A 29 7.60 -4.63 2.68
CA PHE A 29 6.23 -4.20 2.93
C PHE A 29 5.28 -5.40 2.98
N VAL A 30 4.29 -5.33 3.86
CA VAL A 30 3.33 -6.41 4.01
C VAL A 30 1.90 -5.87 4.07
N LEU A 31 1.25 -5.81 2.92
CA LEU A 31 -0.12 -5.32 2.85
C LEU A 31 -1.06 -6.14 3.72
N ASN A 32 -2.01 -5.48 4.35
CA ASN A 32 -2.97 -6.16 5.22
C ASN A 32 -4.40 -5.95 4.73
N ASN A 33 -5.01 -7.02 4.25
CA ASN A 33 -6.38 -6.95 3.75
C ASN A 33 -7.39 -6.94 4.89
N GLU A 34 -7.43 -8.04 5.65
CA GLU A 34 -8.34 -8.15 6.77
C GLU A 34 -8.34 -6.87 7.61
N ALA A 35 -7.15 -6.29 7.79
CA ALA A 35 -7.01 -5.07 8.56
C ALA A 35 -7.18 -3.83 7.68
N GLY A 36 -6.46 -3.81 6.57
CA GLY A 36 -6.54 -2.69 5.66
C GLY A 36 -5.46 -1.65 5.91
N LEU A 37 -4.37 -2.09 6.54
CA LEU A 37 -3.26 -1.18 6.84
C LEU A 37 -1.99 -1.64 6.15
N LEU A 38 -1.20 -0.68 5.67
CA LEU A 38 0.05 -0.99 4.98
C LEU A 38 1.25 -0.77 5.90
N GLU A 39 1.91 -1.86 6.27
CA GLU A 39 3.07 -1.78 7.14
C GLU A 39 4.36 -2.12 6.38
N TYR A 40 5.50 -1.83 6.99
CA TYR A 40 6.79 -2.09 6.37
C TYR A 40 7.88 -2.27 7.43
N PHE A 41 8.63 -3.36 7.31
CA PHE A 41 9.70 -3.64 8.25
C PHE A 41 11.04 -3.74 7.54
N VAL A 42 12.12 -3.79 8.32
CA VAL A 42 13.47 -3.88 7.76
C VAL A 42 13.59 -5.06 6.80
N ASN A 43 12.89 -6.14 7.12
CA ASN A 43 12.92 -7.34 6.28
C ASN A 43 11.94 -8.39 6.80
N GLU A 44 11.85 -9.51 6.10
CA GLU A 44 10.95 -10.59 6.48
C GLU A 44 11.34 -11.16 7.84
N GLN A 45 12.57 -10.90 8.26
CA GLN A 45 13.07 -11.39 9.54
C GLN A 45 12.75 -10.40 10.66
N SER A 46 12.02 -9.35 10.31
CA SER A 46 11.65 -8.32 11.29
C SER A 46 10.15 -8.06 11.25
N ARG A 47 9.38 -9.08 10.88
CA ARG A 47 7.93 -8.96 10.80
C ARG A 47 7.33 -8.76 12.19
N ASN A 48 7.53 -9.76 13.05
CA ASN A 48 7.00 -9.69 14.42
C ASN A 48 7.33 -8.35 15.07
N GLN A 49 8.61 -7.99 15.03
CA GLN A 49 9.05 -6.73 15.62
C GLN A 49 8.13 -5.58 15.21
N LYS A 50 8.07 -4.55 16.05
CA LYS A 50 7.24 -3.39 15.78
C LYS A 50 7.51 -2.83 14.39
N PRO A 51 6.43 -2.47 13.68
CA PRO A 51 6.52 -1.91 12.32
C PRO A 51 7.11 -0.51 12.32
N ARG A 52 8.10 -0.30 11.44
CA ARG A 52 8.75 1.00 11.34
C ARG A 52 7.73 2.10 11.07
N GLY A 53 6.65 1.74 10.39
CA GLY A 53 5.62 2.71 10.08
C GLY A 53 4.41 2.08 9.40
N THR A 54 3.27 2.76 9.48
CA THR A 54 2.05 2.25 8.87
C THR A 54 1.27 3.38 8.20
N LEU A 55 0.64 3.07 7.07
CA LEU A 55 -0.13 4.06 6.33
C LEU A 55 -1.53 3.51 6.01
N GLN A 56 -2.56 4.23 6.46
CA GLN A 56 -3.93 3.82 6.23
C GLN A 56 -4.29 3.95 4.76
N LEU A 57 -5.03 2.97 4.24
CA LEU A 57 -5.44 2.97 2.84
C LEU A 57 -6.88 3.45 2.70
N ALA A 58 -7.72 3.06 3.64
CA ALA A 58 -9.13 3.45 3.62
C ALA A 58 -9.28 4.92 3.22
N GLY A 59 -9.60 5.15 1.95
CA GLY A 59 -9.77 6.51 1.47
C GLY A 59 -8.49 7.10 0.94
N ALA A 60 -7.70 6.28 0.26
CA ALA A 60 -6.43 6.72 -0.31
C ALA A 60 -6.46 6.67 -1.83
N VAL A 61 -5.43 7.23 -2.46
CA VAL A 61 -5.34 7.25 -3.92
C VAL A 61 -3.95 6.83 -4.39
N ILE A 62 -3.91 6.01 -5.43
CA ILE A 62 -2.65 5.54 -5.97
C ILE A 62 -2.45 6.05 -7.40
N SER A 63 -1.31 6.69 -7.64
CA SER A 63 -0.99 7.22 -8.96
C SER A 63 0.39 6.76 -9.42
N PRO A 64 0.42 5.97 -10.51
CA PRO A 64 1.67 5.45 -11.07
C PRO A 64 2.51 6.55 -11.72
N SER A 65 3.58 6.95 -11.03
CA SER A 65 4.47 7.98 -11.53
C SER A 65 4.88 7.70 -12.98
N ASP A 66 5.46 8.70 -13.63
CA ASP A 66 5.89 8.55 -15.02
C ASP A 66 7.37 8.91 -15.16
N GLU A 67 8.09 8.89 -14.04
CA GLU A 67 9.51 9.22 -14.04
C GLU A 67 10.34 8.00 -14.44
N ASP A 68 10.02 6.85 -13.85
CA ASP A 68 10.74 5.61 -14.15
C ASP A 68 9.76 4.49 -14.45
N SER A 69 10.15 3.61 -15.38
CA SER A 69 9.31 2.49 -15.78
C SER A 69 8.54 1.93 -14.59
N HIS A 70 9.26 1.60 -13.53
CA HIS A 70 8.66 1.06 -12.32
C HIS A 70 8.60 2.12 -11.22
N THR A 71 7.40 2.63 -10.96
CA THR A 71 7.21 3.65 -9.93
C THR A 71 5.73 3.85 -9.62
N PHE A 72 5.44 4.30 -8.40
CA PHE A 72 4.08 4.53 -7.98
C PHE A 72 4.03 5.18 -6.60
N THR A 73 2.88 5.76 -6.26
CA THR A 73 2.71 6.42 -4.97
C THR A 73 1.41 5.99 -4.31
N VAL A 74 1.33 6.19 -2.99
CA VAL A 74 0.13 5.83 -2.24
C VAL A 74 -0.33 6.98 -1.36
N ASN A 75 -1.21 7.82 -1.89
CA ASN A 75 -1.73 8.96 -1.16
C ASN A 75 -2.62 8.50 0.00
N ALA A 76 -3.23 9.46 0.69
CA ALA A 76 -4.10 9.16 1.80
C ALA A 76 -5.09 10.30 2.05
N ALA A 77 -6.32 9.95 2.39
CA ALA A 77 -7.37 10.94 2.65
C ALA A 77 -6.80 12.11 3.47
N SER A 78 -6.16 11.78 4.58
CA SER A 78 -5.59 12.80 5.45
C SER A 78 -4.71 13.77 4.66
N GLY A 79 -3.72 13.23 3.96
CA GLY A 79 -2.83 14.07 3.17
C GLY A 79 -1.39 13.59 3.21
N GLU A 80 -1.22 12.28 3.08
CA GLU A 80 0.12 11.69 3.10
C GLU A 80 0.30 10.70 1.96
N GLN A 81 1.45 10.79 1.28
CA GLN A 81 1.74 9.90 0.16
C GLN A 81 3.04 9.13 0.40
N TYR A 82 3.13 7.94 -0.17
CA TYR A 82 4.31 7.10 -0.02
C TYR A 82 5.00 6.90 -1.36
N LYS A 83 6.31 7.21 -1.40
CA LYS A 83 7.09 7.06 -2.61
C LYS A 83 7.80 5.71 -2.64
N LEU A 84 7.18 4.74 -3.30
CA LEU A 84 7.75 3.40 -3.40
C LEU A 84 8.19 3.11 -4.84
N ARG A 85 8.76 1.92 -5.04
CA ARG A 85 9.22 1.51 -6.37
C ARG A 85 9.23 0.00 -6.50
N ALA A 86 8.34 -0.51 -7.35
CA ALA A 86 8.23 -1.95 -7.57
C ALA A 86 9.55 -2.52 -8.10
N THR A 87 9.78 -3.80 -7.84
CA THR A 87 11.00 -4.47 -8.29
C THR A 87 11.15 -4.36 -9.81
N ASP A 88 10.04 -4.45 -10.52
CA ASP A 88 10.05 -4.36 -11.97
C ASP A 88 8.73 -3.79 -12.49
N ALA A 89 8.61 -3.70 -13.81
CA ALA A 89 7.40 -3.18 -14.43
C ALA A 89 6.19 -4.02 -14.08
N LYS A 90 6.34 -5.35 -14.18
CA LYS A 90 5.25 -6.27 -13.88
C LYS A 90 4.77 -6.08 -12.44
N GLU A 91 5.71 -6.05 -11.51
CA GLU A 91 5.38 -5.87 -10.09
C GLU A 91 4.77 -4.49 -9.84
N ARG A 92 4.91 -3.61 -10.82
CA ARG A 92 4.36 -2.26 -10.71
C ARG A 92 2.84 -2.28 -10.73
N GLN A 93 2.28 -2.59 -11.89
CA GLN A 93 0.82 -2.63 -12.05
C GLN A 93 0.19 -3.49 -10.95
N HIS A 94 0.88 -4.56 -10.58
CA HIS A 94 0.38 -5.46 -9.54
C HIS A 94 0.12 -4.70 -8.24
N TRP A 95 1.11 -3.93 -7.80
CA TRP A 95 1.00 -3.15 -6.58
C TRP A 95 -0.06 -2.07 -6.72
N VAL A 96 0.06 -1.26 -7.77
CA VAL A 96 -0.89 -0.18 -8.03
C VAL A 96 -2.32 -0.70 -7.99
N SER A 97 -2.57 -1.81 -8.68
CA SER A 97 -3.90 -2.40 -8.73
C SER A 97 -4.28 -2.99 -7.37
N ARG A 98 -3.57 -4.04 -6.97
CA ARG A 98 -3.84 -4.70 -5.70
C ARG A 98 -4.13 -3.67 -4.60
N LEU A 99 -3.32 -2.61 -4.57
CA LEU A 99 -3.49 -1.56 -3.57
C LEU A 99 -4.74 -0.73 -3.86
N GLN A 100 -4.90 -0.34 -5.11
CA GLN A 100 -6.06 0.47 -5.51
C GLN A 100 -7.36 -0.27 -5.19
N ILE A 101 -7.27 -1.59 -5.05
CA ILE A 101 -8.43 -2.41 -4.75
C ILE A 101 -8.73 -2.42 -3.25
N CYS A 102 -7.72 -2.75 -2.46
CA CYS A 102 -7.87 -2.80 -1.00
C CYS A 102 -8.15 -1.40 -0.44
N THR A 103 -7.60 -0.39 -1.10
CA THR A 103 -7.80 0.99 -0.66
C THR A 103 -9.25 1.44 -0.88
N GLN A 104 -9.84 0.99 -1.98
CA GLN A 104 -11.21 1.35 -2.30
C GLN A 104 -12.20 0.41 -1.62
N HIS A 105 -12.12 -0.88 -1.96
CA HIS A 105 -12.99 -1.88 -1.37
C HIS A 105 -13.22 -1.61 0.11
N HIS A 106 -12.26 -0.93 0.74
CA HIS A 106 -12.35 -0.61 2.16
C HIS A 106 -13.12 0.69 2.37
N THR A 107 -12.71 1.74 1.66
CA THR A 107 -13.35 3.03 1.77
C THR A 107 -14.83 2.95 1.38
N GLU A 108 -15.14 2.03 0.48
CA GLU A 108 -16.52 1.84 0.02
C GLU A 108 -17.44 1.54 1.19
N ALA A 109 -16.91 0.86 2.20
CA ALA A 109 -17.69 0.51 3.38
C ALA A 109 -18.32 1.74 4.01
N ILE A 110 -17.65 2.88 3.88
CA ILE A 110 -18.15 4.13 4.43
C ILE A 110 -19.52 4.48 3.86
N GLY A 111 -20.36 5.11 4.67
CA GLY A 111 -21.68 5.49 4.22
C GLY A 111 -22.68 5.59 5.37
N LYS A 112 -23.95 5.77 5.03
CA LYS A 112 -25.01 5.88 6.03
C LYS A 112 -24.77 7.08 6.94
N ASN A 113 -24.43 8.22 6.33
CA ASN A 113 -24.19 9.45 7.09
C ASN A 113 -24.56 10.67 6.27
N ASN A 114 -24.92 11.75 6.95
CA ASN A 114 -25.31 12.99 6.29
C ASN A 114 -24.08 13.83 5.97
N SER A 115 -24.26 14.83 5.10
CA SER A 115 -23.17 15.71 4.71
C SER A 115 -22.99 16.83 5.73
N GLY A 116 -21.83 17.48 5.68
CA GLY A 116 -21.55 18.57 6.61
C GLY A 116 -21.42 19.91 5.90
N PRO A 117 -20.76 20.86 6.56
CA PRO A 117 -20.53 22.21 6.01
C PRO A 117 -19.57 22.20 4.83
N SER A 118 -20.05 22.65 3.68
CA SER A 118 -19.22 22.70 2.48
C SER A 118 -19.74 23.75 1.51
N SER A 119 -18.98 23.99 0.44
CA SER A 119 -19.36 24.97 -0.57
C SER A 119 -20.25 24.34 -1.64
N GLY A 120 -21.30 25.06 -2.02
CA GLY A 120 -22.22 24.56 -3.02
C GLY A 120 -22.97 23.33 -2.56
N GLY A 1 -14.47 -14.69 -6.00
CA GLY A 1 -15.32 -14.27 -7.08
C GLY A 1 -16.72 -13.88 -6.61
N SER A 2 -17.41 -14.81 -5.99
CA SER A 2 -18.76 -14.56 -5.49
C SER A 2 -19.20 -15.65 -4.52
N SER A 3 -19.86 -15.26 -3.45
CA SER A 3 -20.33 -16.20 -2.44
C SER A 3 -19.25 -17.22 -2.11
N GLY A 4 -18.02 -16.75 -1.95
CA GLY A 4 -16.91 -17.63 -1.63
C GLY A 4 -15.58 -17.08 -2.08
N SER A 5 -15.04 -16.14 -1.30
CA SER A 5 -13.75 -15.53 -1.63
C SER A 5 -12.83 -15.54 -0.42
N SER A 6 -11.70 -16.23 -0.57
CA SER A 6 -10.71 -16.33 0.51
C SER A 6 -9.73 -15.16 0.46
N GLY A 7 -9.70 -14.38 1.53
CA GLY A 7 -8.80 -13.23 1.59
C GLY A 7 -7.39 -13.59 1.15
N GLU A 8 -6.54 -12.57 1.04
CA GLU A 8 -5.16 -12.79 0.63
C GLU A 8 -4.25 -11.68 1.16
N ASN A 9 -2.94 -11.92 1.13
CA ASN A 9 -1.98 -10.94 1.61
C ASN A 9 -0.92 -10.65 0.55
N VAL A 10 -0.57 -9.38 0.40
CA VAL A 10 0.43 -8.98 -0.58
C VAL A 10 1.66 -8.39 0.10
N TYR A 11 2.84 -8.89 -0.28
CA TYR A 11 4.09 -8.41 0.30
C TYR A 11 5.22 -8.47 -0.73
N GLY A 12 6.32 -7.78 -0.43
CA GLY A 12 7.45 -7.77 -1.33
C GLY A 12 8.48 -6.71 -0.96
N TYR A 13 9.69 -6.87 -1.48
CA TYR A 13 10.76 -5.92 -1.19
C TYR A 13 10.65 -4.68 -2.07
N LEU A 14 10.29 -3.56 -1.45
CA LEU A 14 10.14 -2.30 -2.18
C LEU A 14 11.08 -1.23 -1.62
N MET A 15 11.37 -0.22 -2.44
CA MET A 15 12.25 0.86 -2.01
C MET A 15 11.45 2.02 -1.42
N LYS A 16 12.01 2.66 -0.40
CA LYS A 16 11.35 3.78 0.26
C LYS A 16 12.32 4.94 0.46
N TYR A 17 11.88 6.14 0.10
CA TYR A 17 12.71 7.34 0.25
C TYR A 17 12.91 7.68 1.72
N THR A 18 14.08 7.31 2.25
CA THR A 18 14.41 7.58 3.64
C THR A 18 14.80 9.03 3.84
N ASN A 19 15.50 9.59 2.86
CA ASN A 19 15.93 10.98 2.93
C ASN A 19 16.55 11.42 1.61
N LEU A 20 17.02 12.66 1.56
CA LEU A 20 17.64 13.20 0.36
C LEU A 20 19.04 12.63 0.16
N VAL A 21 19.90 12.84 1.15
CA VAL A 21 21.27 12.35 1.09
C VAL A 21 21.31 10.87 0.69
N THR A 22 20.60 10.04 1.46
CA THR A 22 20.55 8.62 1.19
C THR A 22 19.85 8.33 -0.12
N GLY A 23 18.66 8.89 -0.28
CA GLY A 23 17.89 8.68 -1.50
C GLY A 23 16.83 7.61 -1.34
N TRP A 24 17.17 6.38 -1.71
CA TRP A 24 16.23 5.27 -1.62
C TRP A 24 16.88 4.08 -0.92
N GLN A 25 16.06 3.16 -0.44
CA GLN A 25 16.54 1.97 0.25
C GLN A 25 15.53 0.83 0.16
N TYR A 26 16.03 -0.37 -0.11
CA TYR A 26 15.17 -1.55 -0.23
C TYR A 26 14.66 -1.98 1.14
N ARG A 27 13.38 -2.29 1.22
CA ARG A 27 12.77 -2.73 2.47
C ARG A 27 11.64 -3.71 2.21
N PHE A 28 11.18 -4.39 3.26
CA PHE A 28 10.11 -5.36 3.14
C PHE A 28 8.76 -4.74 3.50
N PHE A 29 7.76 -4.98 2.67
CA PHE A 29 6.43 -4.43 2.90
C PHE A 29 5.39 -5.56 3.00
N VAL A 30 4.44 -5.39 3.91
CA VAL A 30 3.39 -6.38 4.11
C VAL A 30 2.01 -5.72 4.20
N LEU A 31 1.24 -5.85 3.12
CA LEU A 31 -0.09 -5.26 3.07
C LEU A 31 -1.06 -6.05 3.94
N ASN A 32 -1.99 -5.34 4.59
CA ASN A 32 -2.97 -5.98 5.46
C ASN A 32 -4.37 -5.86 4.86
N ASN A 33 -5.02 -7.01 4.64
CA ASN A 33 -6.36 -7.02 4.08
C ASN A 33 -7.42 -7.02 5.19
N GLU A 34 -7.19 -7.83 6.21
CA GLU A 34 -8.11 -7.93 7.33
C GLU A 34 -8.28 -6.57 8.01
N ALA A 35 -7.16 -5.90 8.26
CA ALA A 35 -7.19 -4.59 8.90
C ALA A 35 -7.26 -3.47 7.87
N GLY A 36 -6.40 -3.54 6.86
CA GLY A 36 -6.38 -2.52 5.83
C GLY A 36 -5.33 -1.46 6.08
N LEU A 37 -4.15 -1.88 6.50
CA LEU A 37 -3.05 -0.96 6.77
C LEU A 37 -1.78 -1.40 6.06
N LEU A 38 -1.04 -0.42 5.54
CA LEU A 38 0.21 -0.70 4.83
C LEU A 38 1.41 -0.42 5.72
N GLU A 39 2.14 -1.48 6.07
CA GLU A 39 3.32 -1.35 6.92
C GLU A 39 4.57 -1.83 6.20
N TYR A 40 5.73 -1.47 6.74
CA TYR A 40 7.00 -1.87 6.14
C TYR A 40 8.06 -2.13 7.21
N PHE A 41 8.78 -3.23 7.07
CA PHE A 41 9.82 -3.59 8.03
C PHE A 41 11.15 -3.83 7.32
N VAL A 42 12.24 -3.80 8.09
CA VAL A 42 13.57 -4.02 7.55
C VAL A 42 13.58 -5.19 6.56
N ASN A 43 13.00 -6.31 6.99
CA ASN A 43 12.95 -7.51 6.15
C ASN A 43 11.82 -8.43 6.60
N GLU A 44 11.61 -9.51 5.85
CA GLU A 44 10.57 -10.47 6.17
C GLU A 44 10.75 -11.03 7.58
N GLN A 45 12.00 -11.30 7.95
CA GLN A 45 12.32 -11.83 9.27
C GLN A 45 11.88 -10.87 10.36
N SER A 46 11.85 -9.58 10.04
CA SER A 46 11.45 -8.56 11.00
C SER A 46 9.99 -8.14 10.78
N ARG A 47 9.15 -9.11 10.48
CA ARG A 47 7.74 -8.85 10.24
C ARG A 47 6.95 -8.89 11.54
N ASN A 48 7.50 -9.58 12.54
CA ASN A 48 6.85 -9.71 13.84
C ASN A 48 7.08 -8.45 14.68
N GLN A 49 8.34 -8.03 14.78
CA GLN A 49 8.69 -6.85 15.55
C GLN A 49 7.82 -5.66 15.15
N LYS A 50 7.84 -4.61 15.98
CA LYS A 50 7.06 -3.41 15.73
C LYS A 50 7.40 -2.82 14.37
N PRO A 51 6.38 -2.41 13.62
CA PRO A 51 6.54 -1.82 12.28
C PRO A 51 7.18 -0.43 12.35
N ARG A 52 8.03 -0.14 11.38
CA ARG A 52 8.71 1.16 11.34
C ARG A 52 7.71 2.28 11.06
N GLY A 53 6.70 1.99 10.25
CA GLY A 53 5.68 2.98 9.93
C GLY A 53 4.48 2.37 9.24
N THR A 54 3.31 2.93 9.52
CA THR A 54 2.06 2.44 8.93
C THR A 54 1.31 3.56 8.22
N LEU A 55 0.49 3.19 7.25
CA LEU A 55 -0.29 4.16 6.48
C LEU A 55 -1.66 3.61 6.14
N GLN A 56 -2.70 4.38 6.44
CA GLN A 56 -4.07 3.96 6.16
C GLN A 56 -4.37 4.05 4.66
N LEU A 57 -5.10 3.06 4.15
CA LEU A 57 -5.44 3.01 2.74
C LEU A 57 -6.90 3.43 2.52
N ALA A 58 -7.75 3.07 3.47
CA ALA A 58 -9.17 3.42 3.39
C ALA A 58 -9.37 4.86 2.95
N GLY A 59 -9.67 5.05 1.68
CA GLY A 59 -9.87 6.38 1.15
C GLY A 59 -8.59 7.00 0.63
N ALA A 60 -7.74 6.18 0.03
CA ALA A 60 -6.47 6.65 -0.52
C ALA A 60 -6.48 6.61 -2.04
N VAL A 61 -5.68 7.46 -2.66
CA VAL A 61 -5.59 7.52 -4.12
C VAL A 61 -4.23 7.00 -4.61
N ILE A 62 -4.25 6.29 -5.73
CA ILE A 62 -3.02 5.74 -6.30
C ILE A 62 -2.72 6.38 -7.65
N SER A 63 -1.63 7.13 -7.71
CA SER A 63 -1.23 7.80 -8.95
C SER A 63 0.16 7.35 -9.38
N PRO A 64 0.21 6.30 -10.22
CA PRO A 64 1.48 5.75 -10.72
C PRO A 64 2.17 6.69 -11.70
N SER A 65 3.23 7.33 -11.24
CA SER A 65 3.98 8.27 -12.08
C SER A 65 4.39 7.61 -13.38
N ASP A 66 4.83 8.42 -14.34
CA ASP A 66 5.26 7.92 -15.64
C ASP A 66 6.66 8.41 -15.98
N GLU A 67 7.45 8.68 -14.94
CA GLU A 67 8.82 9.16 -15.13
C GLU A 67 9.78 8.00 -15.37
N ASP A 68 9.81 7.06 -14.43
CA ASP A 68 10.68 5.90 -14.53
C ASP A 68 9.87 4.62 -14.71
N SER A 69 10.48 3.62 -15.33
CA SER A 69 9.81 2.34 -15.56
C SER A 69 9.01 1.91 -14.33
N HIS A 70 9.71 1.75 -13.20
CA HIS A 70 9.07 1.35 -11.96
C HIS A 70 8.96 2.53 -10.99
N THR A 71 7.76 3.07 -10.86
CA THR A 71 7.53 4.19 -9.96
C THR A 71 6.04 4.42 -9.73
N PHE A 72 5.68 4.82 -8.52
CA PHE A 72 4.29 5.07 -8.17
C PHE A 72 4.18 5.74 -6.81
N THR A 73 2.97 6.19 -6.47
CA THR A 73 2.73 6.85 -5.19
C THR A 73 1.42 6.40 -4.57
N VAL A 74 1.30 6.54 -3.26
CA VAL A 74 0.10 6.16 -2.54
C VAL A 74 -0.41 7.28 -1.64
N ASN A 75 -1.35 8.06 -2.17
CA ASN A 75 -1.92 9.18 -1.42
C ASN A 75 -2.68 8.68 -0.19
N ALA A 76 -3.13 9.61 0.64
CA ALA A 76 -3.87 9.27 1.84
C ALA A 76 -5.04 10.22 2.05
N ALA A 77 -6.14 9.70 2.57
CA ALA A 77 -7.33 10.50 2.83
C ALA A 77 -6.97 11.81 3.52
N SER A 78 -6.18 11.70 4.59
CA SER A 78 -5.76 12.88 5.35
C SER A 78 -4.99 13.84 4.46
N GLY A 79 -3.93 13.34 3.82
CA GLY A 79 -3.12 14.18 2.95
C GLY A 79 -1.66 13.78 2.97
N GLU A 80 -1.40 12.49 2.87
CA GLU A 80 -0.03 11.98 2.87
C GLU A 80 0.22 11.10 1.64
N GLN A 81 1.48 11.05 1.21
CA GLN A 81 1.86 10.25 0.06
C GLN A 81 3.10 9.41 0.36
N TYR A 82 3.16 8.22 -0.24
CA TYR A 82 4.28 7.32 -0.04
C TYR A 82 5.06 7.12 -1.34
N LYS A 83 6.36 7.36 -1.27
CA LYS A 83 7.22 7.19 -2.45
C LYS A 83 7.85 5.80 -2.48
N LEU A 84 7.28 4.92 -3.30
CA LEU A 84 7.78 3.56 -3.43
C LEU A 84 8.20 3.26 -4.87
N ARG A 85 9.02 2.23 -5.04
CA ARG A 85 9.49 1.84 -6.36
C ARG A 85 9.45 0.33 -6.53
N ALA A 86 8.48 -0.15 -7.29
CA ALA A 86 8.33 -1.58 -7.54
C ALA A 86 9.66 -2.22 -7.91
N THR A 87 9.74 -3.54 -7.79
CA THR A 87 10.95 -4.27 -8.12
C THR A 87 11.13 -4.40 -9.62
N ASP A 88 10.03 -4.27 -10.36
CA ASP A 88 10.07 -4.36 -11.81
C ASP A 88 8.80 -3.78 -12.43
N ALA A 89 8.88 -3.42 -13.70
CA ALA A 89 7.74 -2.85 -14.41
C ALA A 89 6.54 -3.79 -14.36
N LYS A 90 6.78 -5.04 -13.98
CA LYS A 90 5.71 -6.03 -13.89
C LYS A 90 5.14 -6.07 -12.48
N GLU A 91 5.94 -5.68 -11.49
CA GLU A 91 5.50 -5.66 -10.11
C GLU A 91 4.75 -4.37 -9.78
N ARG A 92 4.90 -3.38 -10.65
CA ARG A 92 4.24 -2.09 -10.45
C ARG A 92 2.72 -2.24 -10.52
N GLN A 93 2.22 -2.60 -11.70
CA GLN A 93 0.79 -2.78 -11.91
C GLN A 93 0.19 -3.64 -10.81
N HIS A 94 0.94 -4.66 -10.39
CA HIS A 94 0.48 -5.56 -9.35
C HIS A 94 0.21 -4.81 -8.04
N TRP A 95 1.17 -4.01 -7.61
CA TRP A 95 1.04 -3.23 -6.39
C TRP A 95 0.00 -2.14 -6.55
N VAL A 96 0.08 -1.40 -7.65
CA VAL A 96 -0.86 -0.32 -7.92
C VAL A 96 -2.30 -0.83 -7.92
N SER A 97 -2.55 -1.89 -8.69
CA SER A 97 -3.88 -2.47 -8.76
C SER A 97 -4.33 -2.98 -7.41
N ARG A 98 -3.58 -3.92 -6.85
CA ARG A 98 -3.90 -4.49 -5.55
C ARG A 98 -4.31 -3.40 -4.56
N LEU A 99 -3.48 -2.38 -4.42
CA LEU A 99 -3.76 -1.28 -3.51
C LEU A 99 -5.04 -0.57 -3.91
N GLN A 100 -5.17 -0.26 -5.20
CA GLN A 100 -6.35 0.43 -5.71
C GLN A 100 -7.62 -0.36 -5.40
N ILE A 101 -7.46 -1.67 -5.22
CA ILE A 101 -8.59 -2.54 -4.92
C ILE A 101 -8.83 -2.64 -3.42
N CYS A 102 -7.75 -2.83 -2.67
CA CYS A 102 -7.84 -2.95 -1.22
C CYS A 102 -8.22 -1.60 -0.60
N THR A 103 -7.91 -0.53 -1.30
CA THR A 103 -8.23 0.82 -0.81
C THR A 103 -9.71 1.13 -0.98
N GLN A 104 -10.28 0.70 -2.11
CA GLN A 104 -11.69 0.94 -2.39
C GLN A 104 -12.56 -0.09 -1.67
N HIS A 105 -12.19 -1.37 -1.79
CA HIS A 105 -12.94 -2.44 -1.17
C HIS A 105 -13.14 -2.17 0.32
N HIS A 106 -12.28 -1.33 0.89
CA HIS A 106 -12.38 -0.98 2.30
C HIS A 106 -13.20 0.30 2.49
N THR A 107 -12.73 1.39 1.90
CA THR A 107 -13.40 2.67 2.00
C THR A 107 -14.89 2.53 1.71
N GLU A 108 -15.24 1.58 0.85
CA GLU A 108 -16.64 1.35 0.49
C GLU A 108 -17.35 0.57 1.59
N ALA A 109 -16.69 -0.46 2.12
CA ALA A 109 -17.27 -1.28 3.17
C ALA A 109 -17.60 -0.44 4.39
N ILE A 110 -16.67 0.42 4.80
CA ILE A 110 -16.86 1.28 5.96
C ILE A 110 -18.29 1.82 6.01
N GLY A 111 -18.99 1.54 7.11
CA GLY A 111 -20.35 2.00 7.26
C GLY A 111 -20.43 3.46 7.68
N LYS A 112 -20.96 3.70 8.86
CA LYS A 112 -21.10 5.06 9.39
C LYS A 112 -19.77 5.55 9.95
N ASN A 113 -19.23 4.80 10.91
CA ASN A 113 -17.95 5.17 11.53
C ASN A 113 -16.97 5.70 10.50
N ASN A 114 -15.96 6.42 10.97
CA ASN A 114 -14.95 6.99 10.08
C ASN A 114 -13.55 6.73 10.62
N SER A 115 -13.37 6.95 11.92
CA SER A 115 -12.07 6.75 12.57
C SER A 115 -11.82 5.26 12.80
N GLY A 116 -12.80 4.57 13.37
CA GLY A 116 -12.66 3.15 13.63
C GLY A 116 -12.28 2.87 15.08
N PRO A 117 -11.69 1.69 15.32
CA PRO A 117 -11.28 1.28 16.67
C PRO A 117 -10.09 2.09 17.18
N SER A 118 -9.65 3.06 16.39
CA SER A 118 -8.53 3.90 16.76
C SER A 118 -8.64 4.35 18.21
N SER A 119 -7.66 3.95 19.03
CA SER A 119 -7.66 4.31 20.44
C SER A 119 -6.71 5.47 20.70
N GLY A 120 -6.91 6.16 21.82
CA GLY A 120 -6.07 7.28 22.18
C GLY A 120 -6.38 7.84 23.55
N GLY A 1 -23.19 -4.36 -1.27
CA GLY A 1 -23.71 -5.02 -0.09
C GLY A 1 -22.63 -5.74 0.70
N SER A 2 -22.94 -6.08 1.95
CA SER A 2 -21.99 -6.77 2.81
C SER A 2 -21.32 -7.93 2.09
N SER A 3 -20.00 -7.87 1.98
CA SER A 3 -19.24 -8.91 1.31
C SER A 3 -17.74 -8.71 1.51
N GLY A 4 -16.98 -9.79 1.35
CA GLY A 4 -15.54 -9.71 1.52
C GLY A 4 -14.82 -10.92 0.95
N SER A 5 -14.90 -11.09 -0.36
CA SER A 5 -14.26 -12.22 -1.03
C SER A 5 -12.90 -12.52 -0.40
N SER A 6 -12.71 -13.77 0.00
CA SER A 6 -11.46 -14.19 0.63
C SER A 6 -10.30 -14.05 -0.35
N GLY A 7 -9.25 -13.34 0.08
CA GLY A 7 -8.09 -13.14 -0.77
C GLY A 7 -6.79 -13.47 -0.05
N GLU A 8 -5.68 -13.15 -0.70
CA GLU A 8 -4.37 -13.41 -0.12
C GLU A 8 -3.60 -12.11 0.13
N ASN A 9 -2.73 -12.13 1.13
CA ASN A 9 -1.94 -10.95 1.48
C ASN A 9 -0.90 -10.66 0.40
N VAL A 10 -0.65 -9.37 0.16
CA VAL A 10 0.32 -8.96 -0.84
C VAL A 10 1.54 -8.31 -0.18
N TYR A 11 2.71 -8.87 -0.47
CA TYR A 11 3.96 -8.35 0.10
C TYR A 11 5.05 -8.25 -0.97
N GLY A 12 6.14 -7.57 -0.63
CA GLY A 12 7.23 -7.41 -1.57
C GLY A 12 8.23 -6.36 -1.13
N TYR A 13 9.51 -6.61 -1.43
CA TYR A 13 10.56 -5.68 -1.04
C TYR A 13 10.59 -4.48 -2.00
N LEU A 14 10.16 -3.33 -1.49
CA LEU A 14 10.14 -2.11 -2.29
C LEU A 14 11.17 -1.10 -1.78
N MET A 15 11.39 -0.04 -2.55
CA MET A 15 12.35 1.00 -2.16
C MET A 15 11.62 2.25 -1.70
N LYS A 16 11.88 2.66 -0.47
CA LYS A 16 11.25 3.85 0.09
C LYS A 16 12.21 5.04 0.03
N TYR A 17 11.64 6.24 -0.08
CA TYR A 17 12.45 7.46 -0.14
C TYR A 17 12.52 8.14 1.21
N THR A 18 13.74 8.41 1.67
CA THR A 18 13.95 9.06 2.96
C THR A 18 14.34 10.51 2.78
N ASN A 19 15.50 10.75 2.17
CA ASN A 19 15.98 12.10 1.95
C ASN A 19 16.75 12.19 0.63
N LEU A 20 17.25 13.39 0.33
CA LEU A 20 18.01 13.60 -0.90
C LEU A 20 19.32 12.82 -0.88
N VAL A 21 20.28 13.31 -0.11
CA VAL A 21 21.58 12.65 0.00
C VAL A 21 21.42 11.14 0.10
N THR A 22 20.52 10.69 0.97
CA THR A 22 20.28 9.27 1.15
C THR A 22 19.62 8.66 -0.07
N GLY A 23 18.81 9.46 -0.75
CA GLY A 23 18.13 8.98 -1.94
C GLY A 23 17.06 7.95 -1.63
N TRP A 24 17.40 6.67 -1.81
CA TRP A 24 16.47 5.59 -1.54
C TRP A 24 17.05 4.59 -0.55
N GLN A 25 16.18 3.78 0.05
CA GLN A 25 16.62 2.78 1.02
C GLN A 25 15.75 1.54 0.95
N TYR A 26 16.35 0.41 0.58
CA TYR A 26 15.62 -0.85 0.47
C TYR A 26 14.84 -1.13 1.75
N ARG A 27 13.63 -1.64 1.58
CA ARG A 27 12.78 -1.96 2.72
C ARG A 27 11.68 -2.96 2.32
N PHE A 28 11.27 -3.79 3.27
CA PHE A 28 10.24 -4.78 3.02
C PHE A 28 8.87 -4.25 3.40
N PHE A 29 7.86 -4.59 2.59
CA PHE A 29 6.50 -4.15 2.85
C PHE A 29 5.53 -5.33 2.82
N VAL A 30 4.49 -5.26 3.65
CA VAL A 30 3.50 -6.31 3.72
C VAL A 30 2.10 -5.74 3.88
N LEU A 31 1.31 -5.80 2.81
CA LEU A 31 -0.06 -5.28 2.83
C LEU A 31 -0.95 -6.14 3.72
N ASN A 32 -2.00 -5.54 4.24
CA ASN A 32 -2.94 -6.26 5.10
C ASN A 32 -4.37 -6.16 4.56
N ASN A 33 -4.88 -7.29 4.08
CA ASN A 33 -6.23 -7.34 3.52
C ASN A 33 -7.27 -7.45 4.63
N GLU A 34 -6.91 -8.16 5.70
CA GLU A 34 -7.81 -8.35 6.84
C GLU A 34 -8.08 -7.02 7.54
N ALA A 35 -7.01 -6.34 7.95
CA ALA A 35 -7.12 -5.07 8.62
C ALA A 35 -7.26 -3.92 7.63
N GLY A 36 -6.36 -3.88 6.65
CA GLY A 36 -6.40 -2.83 5.65
C GLY A 36 -5.37 -1.76 5.90
N LEU A 37 -4.28 -2.12 6.56
CA LEU A 37 -3.21 -1.18 6.86
C LEU A 37 -1.92 -1.56 6.14
N LEU A 38 -1.21 -0.57 5.62
CA LEU A 38 0.04 -0.80 4.91
C LEU A 38 1.24 -0.56 5.83
N GLU A 39 1.95 -1.64 6.15
CA GLU A 39 3.12 -1.55 7.02
C GLU A 39 4.39 -1.90 6.26
N TYR A 40 5.53 -1.62 6.86
CA TYR A 40 6.82 -1.90 6.23
C TYR A 40 7.89 -2.16 7.29
N PHE A 41 8.59 -3.28 7.15
CA PHE A 41 9.65 -3.64 8.09
C PHE A 41 10.98 -3.81 7.37
N VAL A 42 12.07 -3.67 8.12
CA VAL A 42 13.41 -3.80 7.56
C VAL A 42 13.50 -5.02 6.66
N ASN A 43 12.94 -6.13 7.10
CA ASN A 43 12.96 -7.37 6.33
C ASN A 43 11.79 -8.27 6.72
N GLU A 44 11.72 -9.45 6.09
CA GLU A 44 10.66 -10.39 6.38
C GLU A 44 10.85 -11.05 7.74
N GLN A 45 12.09 -11.02 8.23
CA GLN A 45 12.41 -11.61 9.53
C GLN A 45 11.98 -10.68 10.66
N SER A 46 12.20 -9.38 10.47
CA SER A 46 11.84 -8.40 11.49
C SER A 46 10.37 -8.02 11.38
N ARG A 47 9.51 -9.03 11.32
CA ARG A 47 8.07 -8.80 11.21
C ARG A 47 7.44 -8.73 12.59
N ASN A 48 7.44 -9.85 13.30
CA ASN A 48 6.86 -9.90 14.64
C ASN A 48 7.10 -8.61 15.40
N GLN A 49 8.32 -8.10 15.32
CA GLN A 49 8.68 -6.86 16.00
C GLN A 49 7.80 -5.71 15.52
N LYS A 50 7.78 -4.63 16.30
CA LYS A 50 6.98 -3.45 15.96
C LYS A 50 7.32 -2.95 14.57
N PRO A 51 6.28 -2.60 13.79
CA PRO A 51 6.45 -2.10 12.42
C PRO A 51 7.08 -0.70 12.39
N ARG A 52 8.08 -0.53 11.54
CA ARG A 52 8.76 0.75 11.42
C ARG A 52 7.77 1.87 11.14
N GLY A 53 6.82 1.61 10.25
CA GLY A 53 5.82 2.60 9.91
C GLY A 53 4.57 2.00 9.30
N THR A 54 3.48 2.74 9.33
CA THR A 54 2.21 2.26 8.78
C THR A 54 1.45 3.39 8.10
N LEU A 55 0.58 3.02 7.16
CA LEU A 55 -0.21 4.01 6.43
C LEU A 55 -1.59 3.44 6.08
N GLN A 56 -2.62 4.24 6.30
CA GLN A 56 -3.99 3.83 6.00
C GLN A 56 -4.26 3.91 4.50
N LEU A 57 -5.15 3.03 4.03
CA LEU A 57 -5.50 3.00 2.61
C LEU A 57 -6.92 3.49 2.40
N ALA A 58 -7.80 3.18 3.34
CA ALA A 58 -9.19 3.60 3.26
C ALA A 58 -9.31 5.06 2.83
N GLY A 59 -9.71 5.28 1.58
CA GLY A 59 -9.84 6.62 1.06
C GLY A 59 -8.53 7.19 0.56
N ALA A 60 -7.68 6.33 0.01
CA ALA A 60 -6.38 6.75 -0.51
C ALA A 60 -6.41 6.86 -2.03
N VAL A 61 -5.34 7.42 -2.60
CA VAL A 61 -5.24 7.57 -4.04
C VAL A 61 -3.92 7.02 -4.56
N ILE A 62 -4.00 6.27 -5.66
CA ILE A 62 -2.81 5.67 -6.25
C ILE A 62 -2.52 6.28 -7.62
N SER A 63 -1.37 6.93 -7.73
CA SER A 63 -0.96 7.57 -8.99
C SER A 63 0.40 7.05 -9.44
N PRO A 64 0.39 6.02 -10.30
CA PRO A 64 1.61 5.42 -10.83
C PRO A 64 2.35 6.34 -11.80
N SER A 65 3.48 6.88 -11.36
CA SER A 65 4.27 7.78 -12.18
C SER A 65 4.61 7.14 -13.52
N ASP A 66 5.25 7.91 -14.40
CA ASP A 66 5.63 7.41 -15.71
C ASP A 66 7.07 7.79 -16.04
N GLU A 67 7.90 7.89 -15.00
CA GLU A 67 9.30 8.25 -15.18
C GLU A 67 10.17 6.99 -15.33
N ASP A 68 10.26 6.22 -14.25
CA ASP A 68 11.05 4.99 -14.26
C ASP A 68 10.16 3.76 -14.43
N SER A 69 10.69 2.73 -15.06
CA SER A 69 9.94 1.50 -15.28
C SER A 69 9.11 1.13 -14.05
N HIS A 70 9.77 1.15 -12.89
CA HIS A 70 9.09 0.82 -11.64
C HIS A 70 8.95 2.05 -10.76
N THR A 71 7.71 2.53 -10.60
CA THR A 71 7.45 3.70 -9.78
C THR A 71 5.95 3.88 -9.54
N PHE A 72 5.60 4.31 -8.33
CA PHE A 72 4.20 4.50 -7.98
C PHE A 72 4.08 5.12 -6.58
N THR A 73 3.05 5.96 -6.40
CA THR A 73 2.83 6.61 -5.11
C THR A 73 1.54 6.12 -4.47
N VAL A 74 1.43 6.30 -3.16
CA VAL A 74 0.25 5.88 -2.42
C VAL A 74 -0.24 6.98 -1.48
N ASN A 75 -1.09 7.86 -2.00
CA ASN A 75 -1.63 8.97 -1.21
C ASN A 75 -2.39 8.44 0.00
N ALA A 76 -2.94 9.37 0.78
CA ALA A 76 -3.70 9.00 1.97
C ALA A 76 -4.80 10.02 2.26
N ALA A 77 -5.99 9.52 2.60
CA ALA A 77 -7.11 10.39 2.91
C ALA A 77 -6.68 11.61 3.70
N SER A 78 -5.98 11.36 4.82
CA SER A 78 -5.50 12.44 5.67
C SER A 78 -4.75 13.48 4.86
N GLY A 79 -3.86 13.03 3.99
CA GLY A 79 -3.09 13.93 3.16
C GLY A 79 -1.61 13.62 3.18
N GLU A 80 -1.27 12.36 2.90
CA GLU A 80 0.13 11.93 2.89
C GLU A 80 0.42 11.07 1.66
N GLN A 81 1.64 11.18 1.16
CA GLN A 81 2.05 10.42 -0.02
C GLN A 81 3.24 9.52 0.30
N TYR A 82 3.29 8.35 -0.32
CA TYR A 82 4.37 7.41 -0.11
C TYR A 82 5.11 7.12 -1.41
N LYS A 83 6.43 7.35 -1.40
CA LYS A 83 7.25 7.10 -2.58
C LYS A 83 7.85 5.70 -2.55
N LEU A 84 7.24 4.80 -3.30
CA LEU A 84 7.70 3.41 -3.37
C LEU A 84 8.08 3.03 -4.79
N ARG A 85 8.80 1.92 -4.94
CA ARG A 85 9.22 1.45 -6.25
C ARG A 85 9.04 -0.07 -6.37
N ALA A 86 8.35 -0.49 -7.42
CA ALA A 86 8.10 -1.91 -7.65
C ALA A 86 9.37 -2.62 -8.10
N THR A 87 9.48 -3.89 -7.76
CA THR A 87 10.65 -4.69 -8.14
C THR A 87 10.84 -4.70 -9.65
N ASP A 88 9.75 -4.87 -10.38
CA ASP A 88 9.81 -4.90 -11.84
C ASP A 88 8.60 -4.20 -12.45
N ALA A 89 8.73 -3.78 -13.70
CA ALA A 89 7.65 -3.09 -14.39
C ALA A 89 6.31 -3.82 -14.20
N LYS A 90 6.36 -5.15 -14.26
CA LYS A 90 5.16 -5.96 -14.08
C LYS A 90 4.63 -5.85 -12.65
N GLU A 91 5.55 -5.86 -11.69
CA GLU A 91 5.17 -5.77 -10.28
C GLU A 91 4.46 -4.44 -9.99
N ARG A 92 4.63 -3.48 -10.89
CA ARG A 92 4.01 -2.17 -10.74
C ARG A 92 2.49 -2.29 -10.72
N GLN A 93 1.93 -2.79 -11.81
CA GLN A 93 0.48 -2.96 -11.92
C GLN A 93 -0.06 -3.78 -10.75
N HIS A 94 0.72 -4.77 -10.32
CA HIS A 94 0.32 -5.63 -9.22
C HIS A 94 0.09 -4.81 -7.95
N TRP A 95 1.12 -4.09 -7.52
CA TRP A 95 1.03 -3.26 -6.32
C TRP A 95 0.00 -2.15 -6.50
N VAL A 96 0.11 -1.41 -7.61
CA VAL A 96 -0.81 -0.32 -7.90
C VAL A 96 -2.25 -0.81 -7.90
N SER A 97 -2.49 -1.95 -8.53
CA SER A 97 -3.83 -2.52 -8.61
C SER A 97 -4.28 -3.03 -7.24
N ARG A 98 -3.58 -4.04 -6.73
CA ARG A 98 -3.91 -4.62 -5.44
C ARG A 98 -4.30 -3.54 -4.43
N LEU A 99 -3.53 -2.46 -4.41
CA LEU A 99 -3.81 -1.35 -3.50
C LEU A 99 -5.03 -0.57 -3.95
N GLN A 100 -5.14 -0.35 -5.25
CA GLN A 100 -6.27 0.38 -5.81
C GLN A 100 -7.58 -0.34 -5.54
N ILE A 101 -7.50 -1.65 -5.34
CA ILE A 101 -8.67 -2.46 -5.06
C ILE A 101 -8.97 -2.54 -3.57
N CYS A 102 -7.92 -2.82 -2.79
CA CYS A 102 -8.06 -2.92 -1.34
C CYS A 102 -8.35 -1.56 -0.73
N THR A 103 -7.87 -0.51 -1.38
CA THR A 103 -8.07 0.85 -0.89
C THR A 103 -9.53 1.28 -1.03
N GLN A 104 -10.17 0.82 -2.11
CA GLN A 104 -11.57 1.15 -2.35
C GLN A 104 -12.50 0.14 -1.68
N HIS A 105 -12.12 -1.13 -1.73
CA HIS A 105 -12.91 -2.19 -1.12
C HIS A 105 -13.09 -1.95 0.37
N HIS A 106 -12.17 -1.19 0.96
CA HIS A 106 -12.22 -0.88 2.39
C HIS A 106 -12.96 0.43 2.63
N THR A 107 -12.62 1.45 1.86
CA THR A 107 -13.26 2.76 1.99
C THR A 107 -14.75 2.67 1.71
N GLU A 108 -15.12 1.86 0.72
CA GLU A 108 -16.52 1.69 0.34
C GLU A 108 -17.34 1.22 1.54
N ALA A 109 -16.73 0.42 2.40
CA ALA A 109 -17.39 -0.10 3.58
C ALA A 109 -17.79 1.02 4.53
N ILE A 110 -17.18 2.18 4.35
CA ILE A 110 -17.46 3.33 5.19
C ILE A 110 -18.90 3.83 4.99
N GLY A 111 -19.65 3.91 6.08
CA GLY A 111 -21.03 4.36 6.00
C GLY A 111 -21.29 5.57 6.87
N LYS A 112 -20.73 5.56 8.07
CA LYS A 112 -20.91 6.66 9.02
C LYS A 112 -19.57 7.28 9.39
N ASN A 113 -19.38 8.54 9.01
CA ASN A 113 -18.14 9.25 9.32
C ASN A 113 -18.14 9.77 10.75
N ASN A 114 -17.09 9.44 11.50
CA ASN A 114 -16.97 9.87 12.89
C ASN A 114 -15.54 10.32 13.19
N SER A 115 -15.42 11.25 14.14
CA SER A 115 -14.11 11.77 14.53
C SER A 115 -13.89 11.62 16.03
N GLY A 116 -12.64 11.45 16.42
CA GLY A 116 -12.31 11.29 17.83
C GLY A 116 -10.82 11.17 18.07
N PRO A 117 -10.14 12.33 18.15
CA PRO A 117 -8.69 12.37 18.38
C PRO A 117 -8.31 11.93 19.79
N SER A 118 -7.03 11.67 20.01
CA SER A 118 -6.54 11.23 21.31
C SER A 118 -6.24 12.44 22.20
N SER A 119 -6.60 12.33 23.47
CA SER A 119 -6.38 13.40 24.43
C SER A 119 -5.09 13.18 25.21
N GLY A 120 -4.61 14.24 25.86
CA GLY A 120 -3.39 14.13 26.64
C GLY A 120 -2.88 15.48 27.11
N GLY A 1 -2.70 -15.32 -10.53
CA GLY A 1 -3.33 -15.98 -9.39
C GLY A 1 -3.52 -17.47 -9.61
N SER A 2 -4.76 -17.92 -9.57
CA SER A 2 -5.08 -19.33 -9.77
C SER A 2 -4.28 -20.20 -8.78
N SER A 3 -4.24 -19.77 -7.53
CA SER A 3 -3.51 -20.51 -6.50
C SER A 3 -4.32 -20.58 -5.21
N GLY A 4 -3.93 -21.47 -4.31
CA GLY A 4 -4.62 -21.63 -3.05
C GLY A 4 -4.95 -20.29 -2.40
N SER A 5 -6.11 -20.22 -1.75
CA SER A 5 -6.54 -18.99 -1.10
C SER A 5 -6.16 -19.00 0.38
N SER A 6 -4.94 -19.46 0.67
CA SER A 6 -4.45 -19.53 2.04
C SER A 6 -3.78 -18.21 2.45
N GLY A 7 -4.57 -17.30 3.01
CA GLY A 7 -4.03 -16.02 3.43
C GLY A 7 -3.97 -15.02 2.30
N GLU A 8 -4.77 -13.95 2.42
CA GLU A 8 -4.81 -12.92 1.39
C GLU A 8 -4.04 -11.68 1.84
N ASN A 9 -2.71 -11.76 1.72
CA ASN A 9 -1.86 -10.64 2.11
C ASN A 9 -0.71 -10.47 1.12
N VAL A 10 -0.61 -9.27 0.54
CA VAL A 10 0.43 -8.97 -0.42
C VAL A 10 1.64 -8.33 0.26
N TYR A 11 2.81 -8.93 0.06
CA TYR A 11 4.04 -8.42 0.65
C TYR A 11 5.22 -8.60 -0.30
N GLY A 12 6.31 -7.88 -0.03
CA GLY A 12 7.48 -7.98 -0.87
C GLY A 12 8.56 -6.98 -0.48
N TYR A 13 9.53 -6.77 -1.36
CA TYR A 13 10.62 -5.84 -1.10
C TYR A 13 10.45 -4.56 -1.93
N LEU A 14 9.99 -3.50 -1.29
CA LEU A 14 9.79 -2.22 -1.96
C LEU A 14 10.80 -1.20 -1.48
N MET A 15 11.04 -0.18 -2.32
CA MET A 15 12.00 0.87 -1.98
C MET A 15 11.28 2.06 -1.34
N LYS A 16 12.04 2.88 -0.61
CA LYS A 16 11.48 4.05 0.05
C LYS A 16 12.46 5.22 0.01
N TYR A 17 11.93 6.42 -0.13
CA TYR A 17 12.76 7.62 -0.19
C TYR A 17 12.99 8.19 1.21
N THR A 18 14.18 7.93 1.75
CA THR A 18 14.53 8.41 3.08
C THR A 18 14.97 9.87 3.04
N ASN A 19 15.98 10.16 2.22
CA ASN A 19 16.50 11.51 2.10
C ASN A 19 17.08 11.75 0.71
N LEU A 20 17.59 12.95 0.48
CA LEU A 20 18.18 13.30 -0.80
C LEU A 20 19.48 12.52 -1.04
N VAL A 21 20.45 12.72 -0.14
CA VAL A 21 21.73 12.04 -0.25
C VAL A 21 21.54 10.55 -0.53
N THR A 22 20.77 9.88 0.32
CA THR A 22 20.50 8.46 0.16
C THR A 22 19.69 8.19 -1.09
N GLY A 23 18.59 8.93 -1.26
CA GLY A 23 17.75 8.76 -2.42
C GLY A 23 16.65 7.73 -2.19
N TRP A 24 17.05 6.46 -2.16
CA TRP A 24 16.09 5.37 -1.95
C TRP A 24 16.73 4.24 -1.16
N GLN A 25 15.90 3.34 -0.64
CA GLN A 25 16.38 2.20 0.14
C GLN A 25 15.41 1.04 0.07
N TYR A 26 15.94 -0.16 -0.14
CA TYR A 26 15.11 -1.36 -0.22
C TYR A 26 14.60 -1.77 1.14
N ARG A 27 13.34 -2.20 1.20
CA ARG A 27 12.72 -2.62 2.46
C ARG A 27 11.59 -3.61 2.20
N PHE A 28 11.16 -4.29 3.26
CA PHE A 28 10.09 -5.28 3.15
C PHE A 28 8.75 -4.67 3.56
N PHE A 29 7.80 -4.66 2.62
CA PHE A 29 6.48 -4.10 2.89
C PHE A 29 5.44 -5.22 2.96
N VAL A 30 4.44 -5.02 3.81
CA VAL A 30 3.37 -6.00 3.99
C VAL A 30 2.00 -5.32 4.03
N LEU A 31 1.11 -5.75 3.16
CA LEU A 31 -0.24 -5.19 3.10
C LEU A 31 -1.22 -6.02 3.93
N ASN A 32 -2.16 -5.35 4.57
CA ASN A 32 -3.16 -6.02 5.41
C ASN A 32 -4.56 -5.81 4.84
N ASN A 33 -5.18 -6.90 4.41
CA ASN A 33 -6.53 -6.82 3.85
C ASN A 33 -7.58 -6.88 4.96
N GLU A 34 -7.40 -7.80 5.89
CA GLU A 34 -8.33 -7.95 7.01
C GLU A 34 -8.47 -6.65 7.78
N ALA A 35 -7.35 -5.97 7.99
CA ALA A 35 -7.33 -4.71 8.72
C ALA A 35 -7.45 -3.53 7.76
N GLY A 36 -6.54 -3.45 6.80
CA GLY A 36 -6.54 -2.37 5.83
C GLY A 36 -5.44 -1.36 6.09
N LEU A 37 -4.36 -1.81 6.71
CA LEU A 37 -3.23 -0.93 7.01
C LEU A 37 -1.97 -1.39 6.28
N LEU A 38 -1.17 -0.43 5.84
CA LEU A 38 0.07 -0.73 5.12
C LEU A 38 1.28 -0.47 6.01
N GLU A 39 2.00 -1.54 6.34
CA GLU A 39 3.18 -1.43 7.18
C GLU A 39 4.41 -2.00 6.46
N TYR A 40 5.59 -1.70 7.00
CA TYR A 40 6.84 -2.18 6.41
C TYR A 40 7.91 -2.33 7.47
N PHE A 41 8.83 -3.27 7.25
CA PHE A 41 9.91 -3.53 8.20
C PHE A 41 11.22 -3.80 7.45
N VAL A 42 12.33 -3.46 8.09
CA VAL A 42 13.65 -3.67 7.49
C VAL A 42 13.69 -4.98 6.71
N ASN A 43 13.27 -6.07 7.35
CA ASN A 43 13.26 -7.38 6.71
C ASN A 43 12.13 -8.24 7.26
N GLU A 44 11.81 -9.31 6.54
CA GLU A 44 10.75 -10.22 6.96
C GLU A 44 11.01 -10.76 8.37
N GLN A 45 12.28 -10.98 8.67
CA GLN A 45 12.67 -11.50 9.99
C GLN A 45 12.35 -10.49 11.09
N SER A 46 12.22 -9.23 10.70
CA SER A 46 11.92 -8.16 11.65
C SER A 46 10.42 -7.85 11.65
N ARG A 47 9.60 -8.89 11.54
CA ARG A 47 8.16 -8.72 11.52
C ARG A 47 7.63 -8.43 12.92
N ASN A 48 8.12 -9.17 13.90
CA ASN A 48 7.70 -8.98 15.28
C ASN A 48 8.13 -7.62 15.82
N GLN A 49 9.37 -7.24 15.50
CA GLN A 49 9.89 -5.95 15.95
C GLN A 49 8.99 -4.80 15.50
N LYS A 50 9.06 -3.69 16.22
CA LYS A 50 8.25 -2.53 15.90
C LYS A 50 8.32 -2.20 14.41
N PRO A 51 7.15 -1.94 13.81
CA PRO A 51 7.06 -1.61 12.39
C PRO A 51 7.65 -0.24 12.07
N ARG A 52 8.37 -0.15 10.96
CA ARG A 52 9.00 1.10 10.54
C ARG A 52 7.96 2.21 10.45
N GLY A 53 6.84 1.93 9.79
CA GLY A 53 5.79 2.91 9.65
C GLY A 53 4.52 2.32 9.06
N THR A 54 3.38 2.83 9.50
CA THR A 54 2.08 2.35 9.03
C THR A 54 1.31 3.45 8.31
N LEU A 55 0.68 3.10 7.19
CA LEU A 55 -0.09 4.07 6.42
C LEU A 55 -1.48 3.52 6.09
N GLN A 56 -2.51 4.21 6.56
CA GLN A 56 -3.88 3.80 6.32
C GLN A 56 -4.21 3.82 4.83
N LEU A 57 -4.99 2.83 4.39
CA LEU A 57 -5.37 2.74 2.98
C LEU A 57 -6.82 3.15 2.79
N ALA A 58 -7.66 2.81 3.76
CA ALA A 58 -9.08 3.15 3.69
C ALA A 58 -9.28 4.59 3.21
N GLY A 59 -9.66 4.73 1.94
CA GLY A 59 -9.87 6.05 1.38
C GLY A 59 -8.60 6.68 0.87
N ALA A 60 -7.75 5.86 0.25
CA ALA A 60 -6.47 6.34 -0.29
C ALA A 60 -6.56 6.51 -1.81
N VAL A 61 -5.49 7.03 -2.40
CA VAL A 61 -5.43 7.24 -3.83
C VAL A 61 -4.10 6.79 -4.41
N ILE A 62 -4.16 6.05 -5.52
CA ILE A 62 -2.96 5.55 -6.17
C ILE A 62 -2.72 6.25 -7.50
N SER A 63 -1.59 6.93 -7.61
CA SER A 63 -1.24 7.66 -8.83
C SER A 63 0.15 7.26 -9.31
N PRO A 64 0.21 6.26 -10.21
CA PRO A 64 1.47 5.77 -10.77
C PRO A 64 2.12 6.78 -11.71
N SER A 65 3.43 6.97 -11.56
CA SER A 65 4.17 7.92 -12.40
C SER A 65 4.57 7.26 -13.72
N ASP A 66 5.31 8.00 -14.53
CA ASP A 66 5.77 7.50 -15.82
C ASP A 66 7.27 7.73 -16.00
N GLU A 67 7.75 8.84 -15.47
CA GLU A 67 9.18 9.17 -15.56
C GLU A 67 10.04 7.92 -15.47
N ASP A 68 10.04 7.29 -14.30
CA ASP A 68 10.82 6.08 -14.08
C ASP A 68 9.97 4.84 -14.31
N SER A 69 10.45 3.96 -15.18
CA SER A 69 9.73 2.72 -15.49
C SER A 69 9.00 2.19 -14.26
N HIS A 70 9.73 2.02 -13.17
CA HIS A 70 9.16 1.52 -11.92
C HIS A 70 8.98 2.66 -10.92
N THR A 71 7.73 3.08 -10.74
CA THR A 71 7.41 4.15 -9.81
C THR A 71 5.92 4.23 -9.54
N PHE A 72 5.57 4.66 -8.33
CA PHE A 72 4.17 4.78 -7.93
C PHE A 72 4.04 5.41 -6.55
N THR A 73 2.92 6.11 -6.34
CA THR A 73 2.68 6.77 -5.07
C THR A 73 1.40 6.27 -4.42
N VAL A 74 1.37 6.24 -3.09
CA VAL A 74 0.21 5.78 -2.35
C VAL A 74 -0.30 6.85 -1.39
N ASN A 75 -1.21 7.68 -1.87
CA ASN A 75 -1.78 8.75 -1.06
C ASN A 75 -2.55 8.18 0.13
N ALA A 76 -3.08 9.07 0.97
CA ALA A 76 -3.83 8.66 2.15
C ALA A 76 -4.97 9.64 2.43
N ALA A 77 -6.12 9.09 2.79
CA ALA A 77 -7.29 9.91 3.11
C ALA A 77 -6.90 11.15 3.92
N SER A 78 -6.15 10.93 4.98
CA SER A 78 -5.70 12.02 5.84
C SER A 78 -5.01 13.10 5.04
N GLY A 79 -3.98 12.70 4.28
CA GLY A 79 -3.25 13.65 3.46
C GLY A 79 -1.76 13.36 3.43
N GLU A 80 -1.41 12.13 3.08
CA GLU A 80 -0.01 11.73 3.02
C GLU A 80 0.25 10.83 1.81
N GLN A 81 1.43 10.99 1.21
CA GLN A 81 1.80 10.20 0.04
C GLN A 81 3.07 9.42 0.30
N TYR A 82 3.17 8.23 -0.29
CA TYR A 82 4.34 7.38 -0.13
C TYR A 82 5.07 7.20 -1.45
N LYS A 83 6.35 7.53 -1.47
CA LYS A 83 7.17 7.40 -2.67
C LYS A 83 7.94 6.08 -2.66
N LEU A 84 7.32 5.04 -3.22
CA LEU A 84 7.95 3.73 -3.28
C LEU A 84 8.19 3.30 -4.72
N ARG A 85 8.89 2.19 -4.90
CA ARG A 85 9.19 1.68 -6.24
C ARG A 85 9.04 0.16 -6.28
N ALA A 86 8.49 -0.34 -7.38
CA ALA A 86 8.29 -1.77 -7.54
C ALA A 86 9.57 -2.45 -8.03
N THR A 87 9.74 -3.72 -7.65
CA THR A 87 10.93 -4.47 -8.03
C THR A 87 11.18 -4.37 -9.54
N ASP A 88 10.12 -4.14 -10.30
CA ASP A 88 10.22 -4.02 -11.74
C ASP A 88 9.00 -3.30 -12.32
N ALA A 89 9.00 -3.11 -13.64
CA ALA A 89 7.90 -2.44 -14.31
C ALA A 89 6.67 -3.35 -14.38
N LYS A 90 6.90 -4.65 -14.42
CA LYS A 90 5.82 -5.62 -14.50
C LYS A 90 5.16 -5.80 -13.13
N GLU A 91 5.96 -5.67 -12.07
CA GLU A 91 5.45 -5.82 -10.72
C GLU A 91 4.68 -4.57 -10.29
N ARG A 92 4.98 -3.45 -10.93
CA ARG A 92 4.31 -2.19 -10.62
C ARG A 92 2.80 -2.32 -10.76
N GLN A 93 2.35 -2.75 -11.94
CA GLN A 93 0.93 -2.93 -12.19
C GLN A 93 0.26 -3.69 -11.06
N HIS A 94 0.92 -4.74 -10.59
CA HIS A 94 0.38 -5.56 -9.51
C HIS A 94 0.10 -4.70 -8.28
N TRP A 95 1.15 -4.32 -7.58
CA TRP A 95 1.02 -3.50 -6.37
C TRP A 95 -0.03 -2.40 -6.58
N VAL A 96 0.09 -1.66 -7.68
CA VAL A 96 -0.84 -0.59 -7.98
C VAL A 96 -2.29 -1.10 -7.98
N SER A 97 -2.52 -2.21 -8.67
CA SER A 97 -3.85 -2.80 -8.75
C SER A 97 -4.33 -3.23 -7.37
N ARG A 98 -3.61 -4.16 -6.76
CA ARG A 98 -3.96 -4.66 -5.44
C ARG A 98 -4.26 -3.51 -4.49
N LEU A 99 -3.41 -2.50 -4.50
CA LEU A 99 -3.57 -1.34 -3.63
C LEU A 99 -4.81 -0.55 -4.03
N GLN A 100 -5.04 -0.43 -5.33
CA GLN A 100 -6.20 0.31 -5.84
C GLN A 100 -7.49 -0.43 -5.52
N ILE A 101 -7.40 -1.75 -5.37
CA ILE A 101 -8.57 -2.57 -5.06
C ILE A 101 -8.90 -2.51 -3.57
N CYS A 102 -7.87 -2.66 -2.74
CA CYS A 102 -8.05 -2.63 -1.30
C CYS A 102 -8.51 -1.24 -0.83
N THR A 103 -7.79 -0.21 -1.26
CA THR A 103 -8.12 1.15 -0.88
C THR A 103 -9.61 1.42 -1.03
N GLN A 104 -10.19 0.95 -2.14
CA GLN A 104 -11.61 1.14 -2.39
C GLN A 104 -12.44 0.10 -1.64
N HIS A 105 -12.18 -1.17 -1.90
CA HIS A 105 -12.90 -2.26 -1.25
C HIS A 105 -13.11 -1.95 0.23
N HIS A 106 -12.24 -1.11 0.79
CA HIS A 106 -12.32 -0.74 2.20
C HIS A 106 -13.13 0.54 2.37
N THR A 107 -12.67 1.62 1.74
CA THR A 107 -13.34 2.91 1.83
C THR A 107 -14.82 2.77 1.53
N GLU A 108 -15.17 1.80 0.69
CA GLU A 108 -16.56 1.56 0.32
C GLU A 108 -17.38 1.14 1.54
N ALA A 109 -16.83 0.20 2.31
CA ALA A 109 -17.51 -0.29 3.50
C ALA A 109 -17.98 0.86 4.38
N ILE A 110 -17.21 1.94 4.39
CA ILE A 110 -17.54 3.11 5.19
C ILE A 110 -19.00 3.53 4.98
N GLY A 111 -19.40 3.64 3.72
CA GLY A 111 -20.76 4.03 3.41
C GLY A 111 -21.66 2.83 3.15
N LYS A 112 -22.15 2.71 1.93
CA LYS A 112 -23.02 1.62 1.55
C LYS A 112 -22.31 0.65 0.60
N ASN A 113 -22.54 -0.65 0.79
CA ASN A 113 -21.93 -1.66 -0.04
C ASN A 113 -22.83 -2.05 -1.20
N ASN A 114 -22.34 -1.88 -2.42
CA ASN A 114 -23.10 -2.21 -3.62
C ASN A 114 -22.17 -2.64 -4.76
N SER A 115 -22.58 -3.68 -5.46
CA SER A 115 -21.79 -4.19 -6.58
C SER A 115 -22.55 -5.26 -7.36
N GLY A 116 -22.31 -5.34 -8.66
CA GLY A 116 -23.00 -6.31 -9.49
C GLY A 116 -22.27 -6.57 -10.79
N PRO A 117 -21.94 -7.85 -11.05
CA PRO A 117 -21.23 -8.25 -12.27
C PRO A 117 -22.11 -8.12 -13.52
N SER A 118 -21.49 -7.74 -14.63
CA SER A 118 -22.21 -7.58 -15.88
C SER A 118 -22.23 -8.88 -16.68
N SER A 119 -22.97 -8.89 -17.78
CA SER A 119 -23.06 -10.08 -18.63
C SER A 119 -21.97 -10.07 -19.69
N GLY A 120 -21.96 -9.03 -20.53
CA GLY A 120 -20.97 -8.93 -21.57
C GLY A 120 -21.43 -8.05 -22.72
N GLY A 1 -20.19 -13.91 6.82
CA GLY A 1 -19.62 -14.08 5.49
C GLY A 1 -19.88 -12.87 4.61
N SER A 2 -19.13 -11.79 4.86
CA SER A 2 -19.28 -10.57 4.08
C SER A 2 -19.16 -10.86 2.58
N SER A 3 -19.62 -9.91 1.77
CA SER A 3 -19.57 -10.07 0.32
C SER A 3 -18.14 -10.34 -0.15
N GLY A 4 -17.88 -11.59 -0.52
CA GLY A 4 -16.55 -11.96 -0.98
C GLY A 4 -15.74 -12.65 0.09
N SER A 5 -14.91 -13.60 -0.32
CA SER A 5 -14.07 -14.34 0.61
C SER A 5 -12.76 -13.61 0.87
N SER A 6 -12.10 -13.96 1.98
CA SER A 6 -10.83 -13.33 2.33
C SER A 6 -9.81 -13.50 1.22
N GLY A 7 -8.86 -12.57 1.16
CA GLY A 7 -7.83 -12.62 0.14
C GLY A 7 -6.48 -13.01 0.70
N GLU A 8 -5.43 -12.77 -0.08
CA GLU A 8 -4.07 -13.10 0.34
C GLU A 8 -3.29 -11.83 0.67
N ASN A 9 -2.29 -11.97 1.54
CA ASN A 9 -1.47 -10.83 1.94
C ASN A 9 -0.40 -10.55 0.91
N VAL A 10 -0.31 -9.28 0.48
CA VAL A 10 0.67 -8.88 -0.51
C VAL A 10 1.91 -8.28 0.15
N TYR A 11 3.07 -8.81 -0.18
CA TYR A 11 4.33 -8.33 0.38
C TYR A 11 5.44 -8.35 -0.66
N GLY A 12 6.49 -7.57 -0.41
CA GLY A 12 7.60 -7.51 -1.34
C GLY A 12 8.62 -6.44 -0.96
N TYR A 13 9.83 -6.57 -1.48
CA TYR A 13 10.90 -5.61 -1.18
C TYR A 13 10.81 -4.40 -2.10
N LEU A 14 10.31 -3.29 -1.55
CA LEU A 14 10.17 -2.06 -2.32
C LEU A 14 11.19 -1.02 -1.86
N MET A 15 11.45 -0.05 -2.73
CA MET A 15 12.40 1.02 -2.42
C MET A 15 11.69 2.24 -1.86
N LYS A 16 11.94 2.53 -0.58
CA LYS A 16 11.31 3.67 0.07
C LYS A 16 12.28 4.85 0.13
N TYR A 17 11.76 6.05 -0.13
CA TYR A 17 12.58 7.26 -0.10
C TYR A 17 12.87 7.69 1.33
N THR A 18 14.15 7.73 1.69
CA THR A 18 14.56 8.13 3.03
C THR A 18 14.99 9.60 3.07
N ASN A 19 15.67 10.03 2.02
CA ASN A 19 16.14 11.42 1.93
C ASN A 19 16.66 11.72 0.54
N LEU A 20 16.97 12.99 0.29
CA LEU A 20 17.50 13.42 -1.00
C LEU A 20 18.89 12.85 -1.25
N VAL A 21 19.84 13.25 -0.40
CA VAL A 21 21.21 12.78 -0.52
C VAL A 21 21.26 11.26 -0.66
N THR A 22 20.61 10.56 0.26
CA THR A 22 20.59 9.11 0.24
C THR A 22 19.85 8.59 -0.99
N GLY A 23 18.68 9.16 -1.26
CA GLY A 23 17.89 8.74 -2.41
C GLY A 23 16.84 7.71 -2.05
N TRP A 24 17.10 6.46 -2.43
CA TRP A 24 16.17 5.38 -2.13
C TRP A 24 16.82 4.30 -1.26
N GLN A 25 16.01 3.62 -0.47
CA GLN A 25 16.51 2.56 0.41
C GLN A 25 15.55 1.39 0.47
N TYR A 26 16.00 0.23 0.00
CA TYR A 26 15.17 -0.97 -0.01
C TYR A 26 14.47 -1.15 1.34
N ARG A 27 13.24 -1.64 1.30
CA ARG A 27 12.46 -1.87 2.52
C ARG A 27 11.34 -2.86 2.27
N PHE A 28 11.14 -3.78 3.21
CA PHE A 28 10.10 -4.79 3.10
C PHE A 28 8.73 -4.21 3.41
N PHE A 29 7.70 -4.71 2.73
CA PHE A 29 6.34 -4.23 2.92
C PHE A 29 5.36 -5.40 3.00
N VAL A 30 4.38 -5.29 3.88
CA VAL A 30 3.38 -6.34 4.05
C VAL A 30 1.97 -5.75 4.12
N LEU A 31 1.31 -5.67 2.97
CA LEU A 31 -0.04 -5.13 2.90
C LEU A 31 -1.02 -5.98 3.70
N ASN A 32 -2.03 -5.33 4.27
CA ASN A 32 -3.02 -6.02 5.08
C ASN A 32 -4.42 -5.85 4.47
N ASN A 33 -4.89 -6.88 3.78
CA ASN A 33 -6.19 -6.85 3.15
C ASN A 33 -7.30 -7.07 4.17
N GLU A 34 -7.03 -7.94 5.15
CA GLU A 34 -7.99 -8.24 6.20
C GLU A 34 -8.25 -7.01 7.06
N ALA A 35 -7.20 -6.26 7.36
CA ALA A 35 -7.31 -5.06 8.18
C ALA A 35 -7.39 -3.81 7.31
N GLY A 36 -6.51 -3.72 6.32
CA GLY A 36 -6.49 -2.57 5.45
C GLY A 36 -5.44 -1.56 5.83
N LEU A 37 -4.28 -2.04 6.26
CA LEU A 37 -3.19 -1.16 6.66
C LEU A 37 -1.88 -1.55 5.97
N LEU A 38 -1.19 -0.57 5.42
CA LEU A 38 0.07 -0.81 4.73
C LEU A 38 1.25 -0.54 5.65
N GLU A 39 1.97 -1.60 6.00
CA GLU A 39 3.13 -1.48 6.87
C GLU A 39 4.42 -1.83 6.14
N TYR A 40 5.55 -1.64 6.80
CA TYR A 40 6.85 -1.93 6.20
C TYR A 40 7.90 -2.15 7.28
N PHE A 41 8.62 -3.26 7.18
CA PHE A 41 9.66 -3.60 8.14
C PHE A 41 11.04 -3.61 7.48
N VAL A 42 12.06 -3.22 8.22
CA VAL A 42 13.42 -3.18 7.71
C VAL A 42 13.67 -4.35 6.76
N ASN A 43 13.24 -5.54 7.16
CA ASN A 43 13.42 -6.74 6.36
C ASN A 43 12.38 -7.80 6.70
N GLU A 44 12.09 -8.67 5.74
CA GLU A 44 11.10 -9.72 5.95
C GLU A 44 11.31 -10.40 7.31
N GLN A 45 12.52 -10.90 7.53
CA GLN A 45 12.84 -11.57 8.79
C GLN A 45 12.11 -10.92 9.96
N SER A 46 12.03 -9.59 9.94
CA SER A 46 11.36 -8.85 11.00
C SER A 46 9.98 -8.40 10.55
N ARG A 47 9.18 -9.34 10.06
CA ARG A 47 7.82 -9.04 9.60
C ARG A 47 6.84 -9.04 10.76
N ASN A 48 7.12 -9.87 11.77
CA ASN A 48 6.25 -9.98 12.94
C ASN A 48 6.49 -8.80 13.89
N GLN A 49 7.76 -8.53 14.18
CA GLN A 49 8.11 -7.44 15.08
C GLN A 49 7.32 -6.18 14.74
N LYS A 50 7.38 -5.19 15.64
CA LYS A 50 6.67 -3.94 15.44
C LYS A 50 7.10 -3.28 14.13
N PRO A 51 6.11 -2.88 13.32
CA PRO A 51 6.35 -2.22 12.03
C PRO A 51 6.92 -0.81 12.19
N ARG A 52 7.97 -0.52 11.43
CA ARG A 52 8.60 0.79 11.48
C ARG A 52 7.58 1.91 11.25
N GLY A 53 6.69 1.70 10.30
CA GLY A 53 5.67 2.69 9.99
C GLY A 53 4.46 2.09 9.30
N THR A 54 3.29 2.66 9.57
CA THR A 54 2.06 2.17 8.97
C THR A 54 1.27 3.31 8.32
N LEU A 55 0.54 3.00 7.26
CA LEU A 55 -0.26 3.99 6.56
C LEU A 55 -1.61 3.43 6.14
N GLN A 56 -2.68 4.07 6.59
CA GLN A 56 -4.04 3.63 6.26
C GLN A 56 -4.31 3.78 4.78
N LEU A 57 -5.18 2.92 4.26
CA LEU A 57 -5.54 2.96 2.84
C LEU A 57 -6.95 3.52 2.64
N ALA A 58 -7.85 3.14 3.53
CA ALA A 58 -9.23 3.60 3.47
C ALA A 58 -9.31 5.08 3.09
N GLY A 59 -9.62 5.35 1.83
CA GLY A 59 -9.72 6.72 1.37
C GLY A 59 -8.39 7.25 0.85
N ALA A 60 -7.60 6.36 0.24
CA ALA A 60 -6.31 6.74 -0.31
C ALA A 60 -6.37 6.86 -1.83
N VAL A 61 -5.28 7.33 -2.42
CA VAL A 61 -5.21 7.48 -3.87
C VAL A 61 -3.88 6.97 -4.42
N ILE A 62 -3.95 6.22 -5.51
CA ILE A 62 -2.76 5.66 -6.14
C ILE A 62 -2.46 6.34 -7.48
N SER A 63 -1.32 7.01 -7.55
CA SER A 63 -0.93 7.70 -8.78
C SER A 63 0.41 7.17 -9.29
N PRO A 64 0.34 6.25 -10.27
CA PRO A 64 1.53 5.65 -10.87
C PRO A 64 2.32 6.65 -11.72
N SER A 65 3.59 6.83 -11.39
CA SER A 65 4.45 7.76 -12.12
C SER A 65 4.89 7.16 -13.45
N ASP A 66 4.75 7.94 -14.52
CA ASP A 66 5.12 7.48 -15.85
C ASP A 66 6.63 7.65 -16.08
N GLU A 67 7.22 8.63 -15.39
CA GLU A 67 8.64 8.88 -15.52
C GLU A 67 9.44 7.58 -15.60
N ASP A 68 9.52 6.88 -14.48
CA ASP A 68 10.25 5.63 -14.41
C ASP A 68 9.30 4.45 -14.64
N SER A 69 9.70 3.54 -15.55
CA SER A 69 8.89 2.38 -15.85
C SER A 69 8.25 1.80 -14.60
N HIS A 70 9.05 1.64 -13.55
CA HIS A 70 8.56 1.10 -12.29
C HIS A 70 8.48 2.20 -11.23
N THR A 71 7.26 2.64 -10.95
CA THR A 71 7.04 3.68 -9.95
C THR A 71 5.56 3.78 -9.55
N PHE A 72 5.31 4.25 -8.35
CA PHE A 72 3.94 4.38 -7.85
C PHE A 72 3.92 5.06 -6.48
N THR A 73 2.86 5.81 -6.22
CA THR A 73 2.73 6.51 -4.95
C THR A 73 1.39 6.19 -4.29
N VAL A 74 1.39 6.13 -2.95
CA VAL A 74 0.18 5.83 -2.20
C VAL A 74 -0.23 7.03 -1.34
N ASN A 75 -1.07 7.88 -1.90
CA ASN A 75 -1.55 9.06 -1.19
C ASN A 75 -2.40 8.66 0.02
N ALA A 76 -2.94 9.66 0.71
CA ALA A 76 -3.77 9.41 1.89
C ALA A 76 -4.80 10.51 2.07
N ALA A 77 -5.94 10.16 2.66
CA ALA A 77 -7.01 11.14 2.89
C ALA A 77 -6.53 12.27 3.81
N SER A 78 -5.82 11.90 4.87
CA SER A 78 -5.32 12.88 5.82
C SER A 78 -4.45 13.91 5.13
N GLY A 79 -3.50 13.43 4.32
CA GLY A 79 -2.61 14.33 3.60
C GLY A 79 -1.17 13.85 3.61
N GLU A 80 -0.96 12.60 3.23
CA GLU A 80 0.38 12.02 3.20
C GLU A 80 0.58 11.18 1.95
N GLN A 81 1.79 11.18 1.42
CA GLN A 81 2.12 10.41 0.22
C GLN A 81 3.30 9.48 0.47
N TYR A 82 3.30 8.34 -0.21
CA TYR A 82 4.37 7.35 -0.05
C TYR A 82 5.09 7.13 -1.38
N LYS A 83 6.40 7.31 -1.36
CA LYS A 83 7.22 7.13 -2.55
C LYS A 83 7.86 5.74 -2.57
N LEU A 84 7.20 4.81 -3.24
CA LEU A 84 7.71 3.44 -3.33
C LEU A 84 7.98 3.06 -4.78
N ARG A 85 8.57 1.88 -4.98
CA ARG A 85 8.88 1.41 -6.32
C ARG A 85 8.82 -0.12 -6.37
N ALA A 86 8.19 -0.64 -7.43
CA ALA A 86 8.06 -2.09 -7.60
C ALA A 86 9.36 -2.69 -8.14
N THR A 87 9.50 -4.00 -7.98
CA THR A 87 10.69 -4.70 -8.44
C THR A 87 10.90 -4.50 -9.94
N ASP A 88 9.81 -4.32 -10.67
CA ASP A 88 9.88 -4.12 -12.11
C ASP A 88 8.53 -3.63 -12.65
N ALA A 89 8.44 -3.50 -13.97
CA ALA A 89 7.21 -3.05 -14.62
C ALA A 89 6.10 -4.08 -14.45
N LYS A 90 6.48 -5.34 -14.25
CA LYS A 90 5.52 -6.41 -14.08
C LYS A 90 4.89 -6.38 -12.69
N GLU A 91 5.70 -6.06 -11.69
CA GLU A 91 5.22 -5.99 -10.31
C GLU A 91 4.59 -4.63 -10.02
N ARG A 92 4.95 -3.64 -10.83
CA ARG A 92 4.42 -2.29 -10.68
C ARG A 92 2.89 -2.30 -10.75
N GLN A 93 2.36 -2.84 -11.84
CA GLN A 93 0.92 -2.91 -12.03
C GLN A 93 0.25 -3.67 -10.89
N HIS A 94 0.87 -4.78 -10.49
CA HIS A 94 0.34 -5.60 -9.41
C HIS A 94 0.08 -4.76 -8.17
N TRP A 95 1.10 -4.04 -7.72
CA TRP A 95 0.99 -3.19 -6.54
C TRP A 95 -0.09 -2.13 -6.73
N VAL A 96 0.09 -1.30 -7.76
CA VAL A 96 -0.87 -0.23 -8.05
C VAL A 96 -2.30 -0.77 -8.05
N SER A 97 -2.50 -1.92 -8.69
CA SER A 97 -3.82 -2.53 -8.76
C SER A 97 -4.28 -3.00 -7.38
N ARG A 98 -3.62 -4.04 -6.88
CA ARG A 98 -3.95 -4.59 -5.57
C ARG A 98 -4.32 -3.48 -4.58
N LEU A 99 -3.45 -2.48 -4.50
CA LEU A 99 -3.69 -1.36 -3.59
C LEU A 99 -4.99 -0.64 -3.93
N GLN A 100 -5.16 -0.32 -5.21
CA GLN A 100 -6.36 0.37 -5.68
C GLN A 100 -7.62 -0.44 -5.35
N ILE A 101 -7.42 -1.73 -5.06
CA ILE A 101 -8.53 -2.61 -4.73
C ILE A 101 -8.83 -2.58 -3.24
N CYS A 102 -7.80 -2.75 -2.43
CA CYS A 102 -7.96 -2.74 -0.97
C CYS A 102 -8.38 -1.36 -0.48
N THR A 103 -7.78 -0.32 -1.05
CA THR A 103 -8.08 1.06 -0.67
C THR A 103 -9.54 1.39 -0.95
N GLN A 104 -10.05 0.88 -2.06
CA GLN A 104 -11.44 1.12 -2.45
C GLN A 104 -12.37 0.15 -1.76
N HIS A 105 -12.19 -1.14 -2.02
CA HIS A 105 -13.02 -2.18 -1.42
C HIS A 105 -13.26 -1.89 0.06
N HIS A 106 -12.35 -1.12 0.66
CA HIS A 106 -12.48 -0.77 2.07
C HIS A 106 -13.22 0.55 2.24
N THR A 107 -12.65 1.61 1.69
CA THR A 107 -13.25 2.94 1.79
C THR A 107 -14.72 2.90 1.39
N GLU A 108 -15.07 1.97 0.51
CA GLU A 108 -16.44 1.82 0.05
C GLU A 108 -17.28 1.02 1.05
N ALA A 109 -16.75 -0.14 1.43
CA ALA A 109 -17.44 -1.01 2.39
C ALA A 109 -17.87 -0.24 3.63
N ILE A 110 -17.01 0.67 4.07
CA ILE A 110 -17.30 1.48 5.25
C ILE A 110 -18.69 2.12 5.16
N GLY A 111 -19.54 1.78 6.11
CA GLY A 111 -20.90 2.33 6.12
C GLY A 111 -21.89 1.42 5.42
N LYS A 112 -22.66 2.00 4.50
CA LYS A 112 -23.66 1.24 3.76
C LYS A 112 -23.26 1.10 2.29
N ASN A 113 -23.95 0.24 1.57
CA ASN A 113 -23.68 0.01 0.16
C ASN A 113 -24.42 1.01 -0.72
N ASN A 114 -23.81 1.41 -1.81
CA ASN A 114 -24.42 2.36 -2.74
C ASN A 114 -25.10 1.64 -3.90
N SER A 115 -25.76 0.52 -3.59
CA SER A 115 -26.45 -0.26 -4.61
C SER A 115 -27.70 0.47 -5.10
N GLY A 116 -28.15 0.11 -6.30
CA GLY A 116 -29.34 0.73 -6.85
C GLY A 116 -30.31 -0.28 -7.44
N PRO A 117 -30.33 -0.39 -8.77
CA PRO A 117 -31.21 -1.32 -9.48
C PRO A 117 -30.80 -2.77 -9.27
N SER A 118 -29.61 -2.98 -8.71
CA SER A 118 -29.11 -4.32 -8.45
C SER A 118 -30.24 -5.26 -8.05
N SER A 119 -31.21 -4.73 -7.33
CA SER A 119 -32.35 -5.52 -6.87
C SER A 119 -33.66 -4.99 -7.46
N GLY A 120 -34.06 -3.81 -7.01
CA GLY A 120 -35.28 -3.19 -7.49
C GLY A 120 -35.14 -1.71 -7.74
N GLY A 1 -4.86 -11.35 -16.41
CA GLY A 1 -3.44 -11.59 -16.31
C GLY A 1 -3.11 -12.95 -15.72
N SER A 2 -2.58 -12.96 -14.50
CA SER A 2 -2.22 -14.21 -13.84
C SER A 2 -3.27 -14.58 -12.79
N SER A 3 -3.88 -15.74 -12.95
CA SER A 3 -4.89 -16.21 -12.02
C SER A 3 -4.29 -17.11 -10.95
N GLY A 4 -4.96 -17.21 -9.81
CA GLY A 4 -4.46 -18.03 -8.73
C GLY A 4 -3.91 -17.21 -7.58
N SER A 5 -4.34 -17.53 -6.36
CA SER A 5 -3.90 -16.82 -5.17
C SER A 5 -3.90 -17.73 -3.95
N SER A 6 -2.71 -18.04 -3.45
CA SER A 6 -2.57 -18.91 -2.28
C SER A 6 -3.31 -18.33 -1.08
N GLY A 7 -3.08 -17.04 -0.84
CA GLY A 7 -3.74 -16.38 0.29
C GLY A 7 -4.08 -14.93 -0.01
N GLU A 8 -4.60 -14.23 0.98
CA GLU A 8 -4.98 -12.83 0.81
C GLU A 8 -4.00 -11.91 1.54
N ASN A 9 -2.86 -11.66 0.92
CA ASN A 9 -1.83 -10.81 1.50
C ASN A 9 -0.75 -10.48 0.49
N VAL A 10 -0.70 -9.24 0.04
CA VAL A 10 0.29 -8.80 -0.93
C VAL A 10 1.52 -8.21 -0.24
N TYR A 11 2.68 -8.79 -0.53
CA TYR A 11 3.93 -8.33 0.06
C TYR A 11 5.05 -8.32 -0.97
N GLY A 12 6.18 -7.72 -0.59
CA GLY A 12 7.32 -7.65 -1.49
C GLY A 12 8.27 -6.53 -1.14
N TYR A 13 9.57 -6.79 -1.30
CA TYR A 13 10.59 -5.80 -0.98
C TYR A 13 10.47 -4.58 -1.90
N LEU A 14 10.08 -3.45 -1.32
CA LEU A 14 9.94 -2.22 -2.08
C LEU A 14 10.97 -1.18 -1.66
N MET A 15 11.15 -0.15 -2.48
CA MET A 15 12.11 0.90 -2.19
C MET A 15 11.42 2.14 -1.62
N LYS A 16 11.79 2.51 -0.41
CA LYS A 16 11.21 3.67 0.25
C LYS A 16 12.19 4.84 0.27
N TYR A 17 11.66 6.05 0.12
CA TYR A 17 12.49 7.26 0.13
C TYR A 17 12.57 7.87 1.52
N THR A 18 13.66 8.58 1.79
CA THR A 18 13.85 9.22 3.09
C THR A 18 14.19 10.69 2.92
N ASN A 19 15.38 10.97 2.38
CA ASN A 19 15.83 12.33 2.17
C ASN A 19 16.84 12.41 1.02
N LEU A 20 16.81 13.52 0.30
CA LEU A 20 17.73 13.72 -0.82
C LEU A 20 19.10 13.12 -0.52
N VAL A 21 19.76 13.65 0.51
CA VAL A 21 21.07 13.17 0.90
C VAL A 21 21.16 11.64 0.80
N THR A 22 20.27 10.95 1.50
CA THR A 22 20.24 9.50 1.49
C THR A 22 19.74 8.98 0.14
N GLY A 23 18.45 9.19 -0.13
CA GLY A 23 17.87 8.74 -1.38
C GLY A 23 16.98 7.52 -1.19
N TRP A 24 16.83 6.72 -2.25
CA TRP A 24 16.00 5.53 -2.20
C TRP A 24 16.64 4.45 -1.32
N GLN A 25 15.84 3.84 -0.46
CA GLN A 25 16.33 2.80 0.43
C GLN A 25 15.57 1.49 0.22
N TYR A 26 16.24 0.37 0.45
CA TYR A 26 15.62 -0.94 0.27
C TYR A 26 15.04 -1.43 1.59
N ARG A 27 13.81 -1.95 1.52
CA ARG A 27 13.13 -2.48 2.70
C ARG A 27 12.06 -3.48 2.31
N PHE A 28 11.41 -4.06 3.32
CA PHE A 28 10.36 -5.04 3.08
C PHE A 28 8.99 -4.47 3.42
N PHE A 29 8.00 -4.77 2.59
CA PHE A 29 6.64 -4.29 2.78
C PHE A 29 5.65 -5.44 2.80
N VAL A 30 4.60 -5.30 3.61
CA VAL A 30 3.57 -6.32 3.72
C VAL A 30 2.18 -5.70 3.89
N LEU A 31 1.34 -5.86 2.88
CA LEU A 31 -0.02 -5.32 2.93
C LEU A 31 -0.92 -6.19 3.78
N ASN A 32 -1.87 -5.55 4.47
CA ASN A 32 -2.80 -6.27 5.33
C ASN A 32 -4.20 -6.29 4.72
N ASN A 33 -4.63 -7.46 4.27
CA ASN A 33 -5.95 -7.62 3.66
C ASN A 33 -7.05 -7.56 4.72
N GLU A 34 -6.64 -7.53 5.99
CA GLU A 34 -7.59 -7.47 7.08
C GLU A 34 -7.72 -6.05 7.61
N ALA A 35 -6.67 -5.57 8.28
CA ALA A 35 -6.67 -4.22 8.84
C ALA A 35 -6.45 -3.17 7.74
N GLY A 36 -6.42 -3.63 6.50
CA GLY A 36 -6.21 -2.73 5.39
C GLY A 36 -5.15 -1.68 5.67
N LEU A 37 -4.12 -2.08 6.41
CA LEU A 37 -3.03 -1.16 6.76
C LEU A 37 -1.76 -1.53 6.01
N LEU A 38 -1.00 -0.52 5.62
CA LEU A 38 0.25 -0.73 4.89
C LEU A 38 1.45 -0.42 5.78
N GLU A 39 2.21 -1.46 6.12
CA GLU A 39 3.38 -1.30 6.96
C GLU A 39 4.65 -1.76 6.23
N TYR A 40 5.80 -1.41 6.79
CA TYR A 40 7.08 -1.78 6.18
C TYR A 40 8.12 -2.07 7.25
N PHE A 41 8.69 -3.28 7.18
CA PHE A 41 9.71 -3.69 8.14
C PHE A 41 11.09 -3.79 7.48
N VAL A 42 12.09 -4.14 8.27
CA VAL A 42 13.45 -4.27 7.77
C VAL A 42 13.61 -5.54 6.94
N ASN A 43 12.88 -6.58 7.31
CA ASN A 43 12.94 -7.85 6.60
C ASN A 43 11.84 -8.79 7.08
N GLU A 44 11.46 -9.74 6.24
CA GLU A 44 10.42 -10.70 6.57
C GLU A 44 10.70 -11.35 7.93
N GLN A 45 11.97 -11.39 8.31
CA GLN A 45 12.38 -11.97 9.59
C GLN A 45 12.05 -11.03 10.74
N SER A 46 12.15 -9.73 10.49
CA SER A 46 11.87 -8.73 11.52
C SER A 46 10.40 -8.33 11.49
N ARG A 47 9.54 -9.25 11.06
CA ARG A 47 8.11 -9.00 10.98
C ARG A 47 7.52 -8.83 12.37
N ASN A 48 7.82 -9.77 13.26
CA ASN A 48 7.31 -9.72 14.63
C ASN A 48 7.67 -8.40 15.30
N GLN A 49 8.74 -7.77 14.82
CA GLN A 49 9.20 -6.51 15.37
C GLN A 49 8.23 -5.38 15.01
N LYS A 50 8.26 -4.31 15.78
CA LYS A 50 7.39 -3.16 15.54
C LYS A 50 7.61 -2.60 14.13
N PRO A 51 6.50 -2.27 13.45
CA PRO A 51 6.55 -1.72 12.09
C PRO A 51 7.11 -0.31 12.06
N ARG A 52 8.11 -0.10 11.19
CA ARG A 52 8.74 1.21 11.06
C ARG A 52 7.69 2.31 10.93
N GLY A 53 6.66 2.06 10.12
CA GLY A 53 5.60 3.04 9.93
C GLY A 53 4.44 2.48 9.14
N THR A 54 3.23 2.64 9.68
CA THR A 54 2.03 2.15 9.01
C THR A 54 1.30 3.28 8.30
N LEU A 55 0.40 2.92 7.38
CA LEU A 55 -0.37 3.91 6.63
C LEU A 55 -1.76 3.36 6.29
N GLN A 56 -2.78 4.14 6.62
CA GLN A 56 -4.16 3.74 6.35
C GLN A 56 -4.48 3.87 4.86
N LEU A 57 -5.09 2.84 4.30
CA LEU A 57 -5.45 2.84 2.89
C LEU A 57 -6.89 3.29 2.69
N ALA A 58 -7.76 2.91 3.62
CA ALA A 58 -9.16 3.30 3.55
C ALA A 58 -9.32 4.77 3.17
N GLY A 59 -9.46 5.03 1.88
CA GLY A 59 -9.62 6.39 1.41
C GLY A 59 -8.35 6.94 0.80
N ALA A 60 -7.50 6.05 0.29
CA ALA A 60 -6.25 6.45 -0.33
C ALA A 60 -6.35 6.44 -1.85
N VAL A 61 -5.37 7.04 -2.51
CA VAL A 61 -5.34 7.09 -3.97
C VAL A 61 -3.98 6.69 -4.52
N ILE A 62 -3.99 5.93 -5.61
CA ILE A 62 -2.75 5.48 -6.23
C ILE A 62 -2.53 6.17 -7.58
N SER A 63 -1.42 6.87 -7.70
CA SER A 63 -1.08 7.57 -8.93
C SER A 63 0.32 7.20 -9.41
N PRO A 64 0.39 6.21 -10.31
CA PRO A 64 1.66 5.73 -10.86
C PRO A 64 2.29 6.75 -11.81
N SER A 65 3.56 7.08 -11.55
CA SER A 65 4.28 8.05 -12.37
C SER A 65 4.40 7.55 -13.80
N ASP A 66 5.11 8.31 -14.63
CA ASP A 66 5.31 7.95 -16.03
C ASP A 66 6.78 8.05 -16.42
N GLU A 67 7.44 9.11 -15.96
CA GLU A 67 8.85 9.33 -16.25
C GLU A 67 9.63 8.02 -16.12
N ASP A 68 9.73 7.52 -14.89
CA ASP A 68 10.46 6.28 -14.63
C ASP A 68 9.62 5.07 -15.02
N SER A 69 10.25 3.90 -15.03
CA SER A 69 9.57 2.66 -15.39
C SER A 69 8.78 2.11 -14.20
N HIS A 70 9.48 1.92 -13.09
CA HIS A 70 8.85 1.40 -11.88
C HIS A 70 8.74 2.49 -10.81
N THR A 71 7.52 2.98 -10.61
CA THR A 71 7.27 4.03 -9.62
C THR A 71 5.78 4.20 -9.36
N PHE A 72 5.43 4.63 -8.15
CA PHE A 72 4.05 4.84 -7.78
C PHE A 72 3.94 5.48 -6.40
N THR A 73 2.86 6.24 -6.19
CA THR A 73 2.64 6.91 -4.92
C THR A 73 1.31 6.49 -4.30
N VAL A 74 1.32 6.27 -2.99
CA VAL A 74 0.13 5.86 -2.26
C VAL A 74 -0.38 6.98 -1.37
N ASN A 75 -1.23 7.83 -1.93
CA ASN A 75 -1.79 8.95 -1.19
C ASN A 75 -2.61 8.45 0.01
N ALA A 76 -3.05 9.39 0.84
CA ALA A 76 -3.85 9.04 2.02
C ALA A 76 -4.90 10.11 2.29
N ALA A 77 -6.14 9.67 2.54
CA ALA A 77 -7.23 10.58 2.83
C ALA A 77 -6.75 11.79 3.63
N SER A 78 -6.24 11.53 4.83
CA SER A 78 -5.75 12.58 5.71
C SER A 78 -4.94 13.61 4.91
N GLY A 79 -3.98 13.11 4.14
CA GLY A 79 -3.14 14.00 3.34
C GLY A 79 -1.67 13.62 3.40
N GLU A 80 -1.38 12.37 3.05
CA GLU A 80 -0.01 11.89 3.07
C GLU A 80 0.28 11.06 1.83
N GLN A 81 1.51 11.16 1.33
CA GLN A 81 1.92 10.42 0.14
C GLN A 81 3.14 9.54 0.43
N TYR A 82 3.17 8.35 -0.16
CA TYR A 82 4.28 7.43 0.04
C TYR A 82 5.04 7.20 -1.26
N LYS A 83 6.36 7.36 -1.21
CA LYS A 83 7.20 7.18 -2.38
C LYS A 83 7.79 5.76 -2.41
N LEU A 84 7.06 4.84 -3.02
CA LEU A 84 7.51 3.45 -3.12
C LEU A 84 7.74 3.06 -4.57
N ARG A 85 8.46 1.95 -4.77
CA ARG A 85 8.75 1.47 -6.12
C ARG A 85 8.63 -0.05 -6.18
N ALA A 86 8.21 -0.56 -7.34
CA ALA A 86 8.05 -1.99 -7.52
C ALA A 86 9.34 -2.62 -8.04
N THR A 87 9.50 -3.92 -7.79
CA THR A 87 10.69 -4.64 -8.22
C THR A 87 10.91 -4.49 -9.72
N ASP A 88 9.81 -4.33 -10.46
CA ASP A 88 9.88 -4.18 -11.91
C ASP A 88 8.54 -3.69 -12.46
N ALA A 89 8.53 -3.36 -13.75
CA ALA A 89 7.32 -2.88 -14.40
C ALA A 89 6.19 -3.90 -14.27
N LYS A 90 6.48 -5.15 -14.59
CA LYS A 90 5.49 -6.21 -14.50
C LYS A 90 4.93 -6.33 -13.08
N GLU A 91 5.70 -5.85 -12.10
CA GLU A 91 5.29 -5.90 -10.71
C GLU A 91 4.52 -4.63 -10.33
N ARG A 92 4.89 -3.52 -10.95
CA ARG A 92 4.23 -2.25 -10.67
C ARG A 92 2.71 -2.39 -10.75
N GLN A 93 2.24 -3.01 -11.82
CA GLN A 93 0.80 -3.21 -12.02
C GLN A 93 0.18 -3.91 -10.81
N HIS A 94 0.80 -5.00 -10.38
CA HIS A 94 0.31 -5.76 -9.24
C HIS A 94 0.06 -4.84 -8.04
N TRP A 95 1.14 -4.31 -7.48
CA TRP A 95 1.04 -3.41 -6.34
C TRP A 95 0.03 -2.29 -6.59
N VAL A 96 0.23 -1.57 -7.69
CA VAL A 96 -0.66 -0.47 -8.06
C VAL A 96 -2.10 -0.95 -8.13
N SER A 97 -2.30 -2.21 -8.50
CA SER A 97 -3.63 -2.78 -8.62
C SER A 97 -4.14 -3.23 -7.25
N ARG A 98 -3.55 -4.28 -6.71
CA ARG A 98 -3.96 -4.81 -5.41
C ARG A 98 -4.28 -3.67 -4.45
N LEU A 99 -3.43 -2.66 -4.44
CA LEU A 99 -3.64 -1.51 -3.56
C LEU A 99 -4.86 -0.70 -3.98
N GLN A 100 -4.94 -0.41 -5.28
CA GLN A 100 -6.07 0.36 -5.82
C GLN A 100 -7.39 -0.33 -5.51
N ILE A 101 -7.33 -1.64 -5.26
CA ILE A 101 -8.53 -2.41 -4.96
C ILE A 101 -8.85 -2.37 -3.46
N CYS A 102 -7.84 -2.67 -2.64
CA CYS A 102 -8.01 -2.67 -1.19
C CYS A 102 -8.36 -1.27 -0.70
N THR A 103 -7.73 -0.25 -1.28
CA THR A 103 -7.97 1.13 -0.89
C THR A 103 -9.45 1.49 -1.04
N GLN A 104 -10.06 1.02 -2.13
CA GLN A 104 -11.46 1.31 -2.39
C GLN A 104 -12.36 0.31 -1.65
N HIS A 105 -12.19 -0.97 -1.95
CA HIS A 105 -12.98 -2.02 -1.31
C HIS A 105 -13.23 -1.68 0.16
N HIS A 106 -12.29 -0.97 0.77
CA HIS A 106 -12.43 -0.59 2.17
C HIS A 106 -13.21 0.71 2.31
N THR A 107 -12.61 1.81 1.86
CA THR A 107 -13.25 3.12 1.93
C THR A 107 -14.74 3.01 1.58
N GLU A 108 -15.07 2.07 0.71
CA GLU A 108 -16.46 1.88 0.29
C GLU A 108 -17.34 1.52 1.50
N ALA A 109 -16.90 0.52 2.26
CA ALA A 109 -17.65 0.08 3.43
C ALA A 109 -18.30 1.26 4.14
N ILE A 110 -17.65 2.42 4.08
CA ILE A 110 -18.17 3.61 4.72
C ILE A 110 -19.58 3.93 4.24
N GLY A 111 -20.57 3.61 5.06
CA GLY A 111 -21.95 3.87 4.70
C GLY A 111 -22.44 5.20 5.22
N LYS A 112 -22.77 6.11 4.30
CA LYS A 112 -23.27 7.43 4.68
C LYS A 112 -24.73 7.38 5.07
N ASN A 113 -25.02 7.74 6.32
CA ASN A 113 -26.39 7.73 6.83
C ASN A 113 -26.89 9.15 7.05
N ASN A 114 -28.11 9.42 6.60
CA ASN A 114 -28.72 10.74 6.75
C ASN A 114 -28.61 11.22 8.19
N SER A 115 -29.21 10.46 9.11
CA SER A 115 -29.19 10.81 10.52
C SER A 115 -27.78 10.71 11.10
N GLY A 116 -27.15 11.86 11.30
CA GLY A 116 -25.80 11.88 11.84
C GLY A 116 -25.65 12.86 12.98
N PRO A 117 -24.70 12.57 13.90
CA PRO A 117 -24.44 13.42 15.06
C PRO A 117 -23.79 14.74 14.68
N SER A 118 -23.96 15.75 15.52
CA SER A 118 -23.40 17.07 15.27
C SER A 118 -22.84 17.67 16.55
N SER A 119 -21.52 17.70 16.65
CA SER A 119 -20.85 18.26 17.83
C SER A 119 -20.77 19.78 17.75
N GLY A 120 -20.85 20.44 18.90
CA GLY A 120 -20.78 21.88 18.94
C GLY A 120 -21.96 22.53 18.25
N GLY A 1 -20.09 -15.76 -12.95
CA GLY A 1 -18.86 -16.44 -13.30
C GLY A 1 -17.79 -16.29 -12.22
N SER A 2 -17.18 -15.11 -12.17
CA SER A 2 -16.13 -14.84 -11.19
C SER A 2 -16.67 -14.00 -10.04
N SER A 3 -16.52 -14.52 -8.82
CA SER A 3 -17.00 -13.82 -7.63
C SER A 3 -15.84 -13.15 -6.89
N GLY A 4 -14.85 -13.96 -6.52
CA GLY A 4 -13.69 -13.44 -5.81
C GLY A 4 -12.74 -14.53 -5.37
N SER A 5 -12.15 -14.36 -4.19
CA SER A 5 -11.22 -15.34 -3.65
C SER A 5 -11.13 -15.23 -2.13
N SER A 6 -10.53 -16.24 -1.51
CA SER A 6 -10.38 -16.27 -0.06
C SER A 6 -9.59 -15.05 0.43
N GLY A 7 -8.50 -14.74 -0.27
CA GLY A 7 -7.68 -13.61 0.10
C GLY A 7 -6.20 -13.97 0.20
N GLU A 8 -5.37 -13.19 -0.48
CA GLU A 8 -3.93 -13.44 -0.48
C GLU A 8 -3.16 -12.15 -0.21
N ASN A 9 -2.71 -11.98 1.03
CA ASN A 9 -1.95 -10.79 1.42
C ASN A 9 -0.80 -10.53 0.44
N VAL A 10 -0.67 -9.28 0.01
CA VAL A 10 0.38 -8.89 -0.92
C VAL A 10 1.57 -8.29 -0.17
N TYR A 11 2.76 -8.76 -0.53
CA TYR A 11 3.98 -8.26 0.11
C TYR A 11 5.16 -8.30 -0.87
N GLY A 12 6.23 -7.59 -0.52
CA GLY A 12 7.41 -7.56 -1.38
C GLY A 12 8.39 -6.49 -0.97
N TYR A 13 9.65 -6.65 -1.38
CA TYR A 13 10.69 -5.68 -1.05
C TYR A 13 10.66 -4.50 -2.01
N LEU A 14 10.07 -3.39 -1.56
CA LEU A 14 9.98 -2.19 -2.38
C LEU A 14 10.97 -1.13 -1.91
N MET A 15 11.29 -0.19 -2.79
CA MET A 15 12.22 0.89 -2.46
C MET A 15 11.48 2.12 -1.96
N LYS A 16 11.64 2.40 -0.68
CA LYS A 16 10.99 3.55 -0.06
C LYS A 16 12.00 4.65 0.25
N TYR A 17 11.72 5.87 -0.22
CA TYR A 17 12.60 7.00 0.01
C TYR A 17 12.92 7.15 1.49
N THR A 18 14.18 7.46 1.78
CA THR A 18 14.63 7.63 3.17
C THR A 18 15.12 9.05 3.41
N ASN A 19 15.91 9.57 2.47
CA ASN A 19 16.44 10.92 2.59
C ASN A 19 17.01 11.40 1.26
N LEU A 20 17.28 12.70 1.17
CA LEU A 20 17.82 13.28 -0.05
C LEU A 20 19.19 12.69 -0.38
N VAL A 21 20.19 13.04 0.43
CA VAL A 21 21.54 12.54 0.23
C VAL A 21 21.54 11.05 -0.08
N THR A 22 20.81 10.28 0.74
CA THR A 22 20.72 8.83 0.55
C THR A 22 19.99 8.49 -0.74
N GLY A 23 18.69 8.74 -0.76
CA GLY A 23 17.90 8.45 -1.94
C GLY A 23 16.83 7.40 -1.68
N TRP A 24 17.04 6.21 -2.21
CA TRP A 24 16.09 5.11 -2.03
C TRP A 24 16.70 4.00 -1.20
N GLN A 25 15.86 3.29 -0.45
CA GLN A 25 16.32 2.19 0.39
C GLN A 25 15.38 1.00 0.30
N TYR A 26 15.95 -0.20 0.30
CA TYR A 26 15.15 -1.42 0.22
C TYR A 26 14.46 -1.72 1.53
N ARG A 27 13.14 -1.91 1.48
CA ARG A 27 12.36 -2.20 2.67
C ARG A 27 11.26 -3.22 2.36
N PHE A 28 11.01 -4.10 3.31
CA PHE A 28 9.98 -5.14 3.15
C PHE A 28 8.60 -4.60 3.51
N PHE A 29 7.69 -4.64 2.54
CA PHE A 29 6.33 -4.15 2.75
C PHE A 29 5.35 -5.30 2.83
N VAL A 30 4.33 -5.14 3.65
CA VAL A 30 3.31 -6.18 3.83
C VAL A 30 1.91 -5.57 3.89
N LEU A 31 1.15 -5.73 2.80
CA LEU A 31 -0.20 -5.20 2.73
C LEU A 31 -1.16 -6.03 3.58
N ASN A 32 -2.19 -5.38 4.12
CA ASN A 32 -3.17 -6.06 4.95
C ASN A 32 -4.58 -5.90 4.37
N ASN A 33 -4.96 -6.84 3.50
CA ASN A 33 -6.27 -6.81 2.87
C ASN A 33 -7.38 -7.03 3.90
N GLU A 34 -7.05 -7.78 4.95
CA GLU A 34 -8.01 -8.07 6.00
C GLU A 34 -8.28 -6.83 6.86
N ALA A 35 -7.20 -6.16 7.27
CA ALA A 35 -7.33 -4.97 8.08
C ALA A 35 -7.41 -3.71 7.22
N GLY A 36 -6.42 -3.54 6.35
CA GLY A 36 -6.39 -2.38 5.47
C GLY A 36 -5.30 -1.40 5.83
N LEU A 37 -4.24 -1.90 6.46
CA LEU A 37 -3.12 -1.05 6.87
C LEU A 37 -1.83 -1.49 6.17
N LEU A 38 -1.12 -0.53 5.60
CA LEU A 38 0.12 -0.81 4.90
C LEU A 38 1.33 -0.54 5.80
N GLU A 39 2.02 -1.60 6.20
CA GLU A 39 3.18 -1.48 7.06
C GLU A 39 4.46 -1.80 6.30
N TYR A 40 5.60 -1.60 6.95
CA TYR A 40 6.90 -1.86 6.33
C TYR A 40 7.97 -2.08 7.39
N PHE A 41 8.90 -2.98 7.09
CA PHE A 41 9.99 -3.29 8.02
C PHE A 41 11.31 -3.46 7.27
N VAL A 42 12.42 -3.38 8.01
CA VAL A 42 13.74 -3.52 7.42
C VAL A 42 13.85 -4.83 6.64
N ASN A 43 13.39 -5.92 7.26
CA ASN A 43 13.44 -7.24 6.62
C ASN A 43 12.27 -8.11 7.09
N GLU A 44 12.06 -9.22 6.39
CA GLU A 44 10.99 -10.14 6.74
C GLU A 44 11.16 -10.69 8.15
N GLN A 45 12.40 -10.76 8.59
CA GLN A 45 12.71 -11.27 9.93
C GLN A 45 12.29 -10.26 10.99
N SER A 46 12.12 -9.01 10.59
CA SER A 46 11.72 -7.95 11.51
C SER A 46 10.27 -7.57 11.31
N ARG A 47 9.43 -8.57 11.08
CA ARG A 47 8.00 -8.34 10.87
C ARG A 47 7.22 -8.55 12.16
N ASN A 48 7.86 -9.18 13.14
CA ASN A 48 7.22 -9.44 14.43
C ASN A 48 7.63 -8.39 15.46
N GLN A 49 8.92 -8.04 15.47
CA GLN A 49 9.43 -7.05 16.40
C GLN A 49 8.50 -5.84 16.48
N LYS A 50 8.54 -5.00 15.46
CA LYS A 50 7.71 -3.80 15.42
C LYS A 50 7.88 -3.08 14.08
N PRO A 51 6.74 -2.64 13.50
CA PRO A 51 6.74 -1.93 12.22
C PRO A 51 7.33 -0.53 12.34
N ARG A 52 8.16 -0.15 11.37
CA ARG A 52 8.79 1.15 11.36
C ARG A 52 7.76 2.25 11.12
N GLY A 53 6.70 1.91 10.40
CA GLY A 53 5.66 2.88 10.10
C GLY A 53 4.44 2.25 9.45
N THR A 54 3.29 2.89 9.62
CA THR A 54 2.04 2.38 9.05
C THR A 54 1.27 3.49 8.35
N LEU A 55 0.67 3.16 7.21
CA LEU A 55 -0.11 4.13 6.45
C LEU A 55 -1.46 3.56 6.07
N GLN A 56 -2.53 4.21 6.54
CA GLN A 56 -3.89 3.77 6.25
C GLN A 56 -4.17 3.83 4.75
N LEU A 57 -5.02 2.94 4.27
CA LEU A 57 -5.37 2.90 2.85
C LEU A 57 -6.83 3.32 2.65
N ALA A 58 -7.69 2.93 3.57
CA ALA A 58 -9.10 3.26 3.49
C ALA A 58 -9.30 4.72 3.08
N GLY A 59 -9.48 4.94 1.79
CA GLY A 59 -9.67 6.29 1.29
C GLY A 59 -8.40 6.89 0.72
N ALA A 60 -7.56 6.04 0.12
CA ALA A 60 -6.31 6.50 -0.45
C ALA A 60 -6.38 6.48 -1.98
N VAL A 61 -5.46 7.21 -2.61
CA VAL A 61 -5.41 7.28 -4.06
C VAL A 61 -4.06 6.83 -4.60
N ILE A 62 -4.08 6.01 -5.64
CA ILE A 62 -2.86 5.50 -6.24
C ILE A 62 -2.58 6.18 -7.58
N SER A 63 -1.56 7.03 -7.60
CA SER A 63 -1.20 7.75 -8.83
C SER A 63 0.17 7.31 -9.32
N PRO A 64 0.18 6.35 -10.26
CA PRO A 64 1.41 5.81 -10.84
C PRO A 64 2.11 6.82 -11.74
N SER A 65 3.31 7.23 -11.35
CA SER A 65 4.08 8.20 -12.12
C SER A 65 4.26 7.72 -13.56
N ASP A 66 4.81 8.59 -14.40
CA ASP A 66 5.04 8.26 -15.80
C ASP A 66 6.50 8.48 -16.19
N GLU A 67 7.24 9.16 -15.31
CA GLU A 67 8.64 9.45 -15.56
C GLU A 67 9.41 8.15 -15.83
N ASP A 68 9.64 7.37 -14.77
CA ASP A 68 10.37 6.11 -14.90
C ASP A 68 9.40 4.95 -15.10
N SER A 69 9.94 3.78 -15.42
CA SER A 69 9.13 2.58 -15.64
C SER A 69 8.47 2.14 -14.34
N HIS A 70 9.29 1.76 -13.37
CA HIS A 70 8.78 1.31 -12.07
C HIS A 70 8.66 2.48 -11.10
N THR A 71 7.42 2.91 -10.86
CA THR A 71 7.17 4.02 -9.95
C THR A 71 5.68 4.12 -9.60
N PHE A 72 5.39 4.57 -8.40
CA PHE A 72 4.01 4.71 -7.93
C PHE A 72 3.96 5.37 -6.56
N THR A 73 2.89 6.12 -6.32
CA THR A 73 2.72 6.81 -5.05
C THR A 73 1.40 6.41 -4.38
N VAL A 74 1.46 6.14 -3.07
CA VAL A 74 0.27 5.75 -2.33
C VAL A 74 -0.20 6.89 -1.42
N ASN A 75 -1.06 7.75 -1.96
CA ASN A 75 -1.59 8.88 -1.21
C ASN A 75 -2.32 8.41 0.05
N ALA A 76 -2.92 9.34 0.77
CA ALA A 76 -3.66 9.02 1.98
C ALA A 76 -4.69 10.08 2.30
N ALA A 77 -5.89 9.64 2.71
CA ALA A 77 -6.96 10.56 3.05
C ALA A 77 -6.49 11.65 3.99
N SER A 78 -6.07 11.24 5.19
CA SER A 78 -5.59 12.19 6.20
C SER A 78 -4.79 13.31 5.55
N GLY A 79 -3.88 12.94 4.65
CA GLY A 79 -3.05 13.93 3.98
C GLY A 79 -1.60 13.54 3.95
N GLU A 80 -1.31 12.34 3.48
CA GLU A 80 0.07 11.86 3.41
C GLU A 80 0.37 11.25 2.03
N GLN A 81 1.65 11.05 1.76
CA GLN A 81 2.07 10.49 0.48
C GLN A 81 3.27 9.57 0.66
N TYR A 82 3.24 8.42 -0.01
CA TYR A 82 4.34 7.46 0.08
C TYR A 82 5.02 7.27 -1.27
N LYS A 83 6.34 7.33 -1.27
CA LYS A 83 7.12 7.17 -2.50
C LYS A 83 7.78 5.80 -2.54
N LEU A 84 7.23 4.89 -3.35
CA LEU A 84 7.78 3.55 -3.48
C LEU A 84 8.16 3.26 -4.93
N ARG A 85 8.83 2.14 -5.15
CA ARG A 85 9.26 1.75 -6.49
C ARG A 85 9.31 0.23 -6.62
N ALA A 86 8.52 -0.32 -7.52
CA ALA A 86 8.48 -1.76 -7.74
C ALA A 86 9.78 -2.25 -8.37
N THR A 87 10.08 -3.54 -8.18
CA THR A 87 11.29 -4.12 -8.72
C THR A 87 11.31 -4.06 -10.24
N ASP A 88 10.16 -4.33 -10.85
CA ASP A 88 10.03 -4.31 -12.31
C ASP A 88 8.63 -3.87 -12.72
N ALA A 89 8.52 -3.35 -13.94
CA ALA A 89 7.24 -2.90 -14.47
C ALA A 89 6.12 -3.86 -14.09
N LYS A 90 6.40 -5.15 -14.17
CA LYS A 90 5.42 -6.18 -13.84
C LYS A 90 4.99 -6.06 -12.38
N GLU A 91 5.97 -5.96 -11.49
CA GLU A 91 5.70 -5.85 -10.06
C GLU A 91 4.90 -4.59 -9.76
N ARG A 92 5.10 -3.55 -10.58
CA ARG A 92 4.40 -2.30 -10.40
C ARG A 92 2.90 -2.48 -10.60
N GLN A 93 2.49 -2.77 -11.82
CA GLN A 93 1.08 -2.97 -12.14
C GLN A 93 0.39 -3.78 -11.05
N HIS A 94 1.04 -4.84 -10.60
CA HIS A 94 0.49 -5.71 -9.57
C HIS A 94 0.20 -4.91 -8.30
N TRP A 95 1.17 -4.14 -7.84
CA TRP A 95 1.02 -3.33 -6.64
C TRP A 95 -0.05 -2.26 -6.85
N VAL A 96 0.21 -1.34 -7.77
CA VAL A 96 -0.73 -0.26 -8.07
C VAL A 96 -2.17 -0.74 -7.97
N SER A 97 -2.47 -1.82 -8.68
CA SER A 97 -3.82 -2.39 -8.68
C SER A 97 -4.15 -3.00 -7.31
N ARG A 98 -3.46 -4.07 -6.96
CA ARG A 98 -3.68 -4.74 -5.68
C ARG A 98 -4.00 -3.73 -4.59
N LEU A 99 -3.42 -2.54 -4.70
CA LEU A 99 -3.65 -1.48 -3.73
C LEU A 99 -4.97 -0.78 -3.97
N GLN A 100 -5.25 -0.46 -5.24
CA GLN A 100 -6.49 0.21 -5.61
C GLN A 100 -7.70 -0.53 -5.05
N ILE A 101 -7.61 -1.86 -5.01
CA ILE A 101 -8.69 -2.68 -4.50
C ILE A 101 -8.77 -2.61 -2.98
N CYS A 102 -7.63 -2.82 -2.32
CA CYS A 102 -7.57 -2.78 -0.86
C CYS A 102 -8.00 -1.41 -0.34
N THR A 103 -7.64 -0.36 -1.07
CA THR A 103 -7.99 1.00 -0.69
C THR A 103 -9.45 1.29 -0.96
N GLN A 104 -9.96 0.77 -2.07
CA GLN A 104 -11.35 0.98 -2.45
C GLN A 104 -12.27 0.03 -1.69
N HIS A 105 -12.12 -1.27 -1.94
CA HIS A 105 -12.94 -2.27 -1.29
C HIS A 105 -13.21 -1.89 0.16
N HIS A 106 -12.27 -1.15 0.76
CA HIS A 106 -12.41 -0.73 2.14
C HIS A 106 -13.19 0.59 2.23
N THR A 107 -12.59 1.65 1.70
CA THR A 107 -13.22 2.97 1.72
C THR A 107 -14.70 2.87 1.37
N GLU A 108 -15.04 1.90 0.53
CA GLU A 108 -16.43 1.70 0.11
C GLU A 108 -17.31 1.34 1.30
N ALA A 109 -16.83 0.42 2.12
CA ALA A 109 -17.58 -0.02 3.29
C ALA A 109 -17.96 1.17 4.17
N ILE A 110 -17.07 2.15 4.25
CA ILE A 110 -17.32 3.34 5.04
C ILE A 110 -18.70 3.92 4.76
N GLY A 111 -19.57 3.88 5.77
CA GLY A 111 -20.91 4.40 5.61
C GLY A 111 -20.95 5.92 5.58
N LYS A 112 -22.14 6.48 5.73
CA LYS A 112 -22.31 7.93 5.72
C LYS A 112 -22.29 8.49 7.14
N ASN A 113 -22.30 9.81 7.26
CA ASN A 113 -22.30 10.47 8.55
C ASN A 113 -21.30 9.80 9.49
N ASN A 114 -20.13 9.46 8.95
CA ASN A 114 -19.08 8.81 9.75
C ASN A 114 -18.89 9.54 11.07
N SER A 115 -18.56 10.81 11.00
CA SER A 115 -18.34 11.62 12.20
C SER A 115 -19.37 11.30 13.27
N GLY A 116 -20.65 11.44 12.91
CA GLY A 116 -21.71 11.17 13.86
C GLY A 116 -21.70 12.09 15.06
N PRO A 117 -22.60 11.84 16.01
CA PRO A 117 -22.71 12.65 17.23
C PRO A 117 -21.52 12.44 18.16
N SER A 118 -20.89 11.28 18.07
CA SER A 118 -19.74 10.96 18.90
C SER A 118 -18.48 10.78 18.07
N SER A 119 -17.67 11.84 17.99
CA SER A 119 -16.43 11.80 17.22
C SER A 119 -15.55 10.64 17.66
N GLY A 120 -15.11 9.84 16.69
CA GLY A 120 -14.26 8.71 17.00
C GLY A 120 -12.79 9.08 17.04
N GLY A 1 -15.36 -5.95 -14.98
CA GLY A 1 -16.16 -7.00 -15.59
C GLY A 1 -16.20 -8.26 -14.75
N SER A 2 -16.57 -8.11 -13.48
CA SER A 2 -16.65 -9.25 -12.57
C SER A 2 -17.82 -9.10 -11.61
N SER A 3 -18.21 -10.21 -10.99
CA SER A 3 -19.33 -10.21 -10.04
C SER A 3 -18.82 -10.34 -8.61
N GLY A 4 -18.04 -11.38 -8.36
CA GLY A 4 -17.50 -11.60 -7.03
C GLY A 4 -16.08 -11.11 -6.88
N SER A 5 -15.83 -10.37 -5.81
CA SER A 5 -14.49 -9.82 -5.57
C SER A 5 -13.69 -10.74 -4.65
N SER A 6 -12.42 -10.92 -4.96
CA SER A 6 -11.55 -11.78 -4.17
C SER A 6 -10.50 -10.95 -3.43
N GLY A 7 -10.01 -11.49 -2.31
CA GLY A 7 -9.01 -10.80 -1.52
C GLY A 7 -7.86 -11.70 -1.11
N GLU A 8 -6.70 -11.11 -0.88
CA GLU A 8 -5.52 -11.86 -0.48
C GLU A 8 -4.43 -10.93 0.03
N ASN A 9 -3.67 -11.41 1.02
CA ASN A 9 -2.58 -10.62 1.60
C ASN A 9 -1.40 -10.53 0.64
N VAL A 10 -0.85 -9.33 0.50
CA VAL A 10 0.29 -9.12 -0.39
C VAL A 10 1.46 -8.53 0.37
N TYR A 11 2.65 -9.11 0.16
CA TYR A 11 3.85 -8.64 0.84
C TYR A 11 5.08 -8.90 -0.02
N GLY A 12 6.03 -7.97 0.01
CA GLY A 12 7.25 -8.12 -0.77
C GLY A 12 8.30 -7.09 -0.41
N TYR A 13 9.22 -6.83 -1.33
CA TYR A 13 10.28 -5.87 -1.11
C TYR A 13 10.23 -4.75 -2.14
N LEU A 14 10.08 -3.52 -1.65
CA LEU A 14 10.02 -2.36 -2.54
C LEU A 14 11.02 -1.29 -2.10
N MET A 15 11.42 -0.44 -3.05
CA MET A 15 12.37 0.63 -2.76
C MET A 15 11.65 1.86 -2.20
N LYS A 16 12.18 2.39 -1.10
CA LYS A 16 11.59 3.55 -0.46
C LYS A 16 12.65 4.62 -0.20
N TYR A 17 12.22 5.88 -0.12
CA TYR A 17 13.13 6.98 0.12
C TYR A 17 13.44 7.12 1.61
N THR A 18 14.60 6.60 2.02
CA THR A 18 15.01 6.66 3.42
C THR A 18 15.47 8.07 3.79
N ASN A 19 16.40 8.61 3.00
CA ASN A 19 16.92 9.95 3.25
C ASN A 19 17.45 10.57 1.96
N LEU A 20 17.88 11.82 2.05
CA LEU A 20 18.41 12.53 0.89
C LEU A 20 19.77 11.96 0.47
N VAL A 21 20.70 11.92 1.41
CA VAL A 21 22.03 11.38 1.14
C VAL A 21 21.96 9.96 0.63
N THR A 22 21.28 9.10 1.37
CA THR A 22 21.13 7.70 0.99
C THR A 22 20.23 7.55 -0.23
N GLY A 23 19.10 8.25 -0.22
CA GLY A 23 18.17 8.19 -1.33
C GLY A 23 17.19 7.04 -1.20
N TRP A 24 17.06 6.25 -2.26
CA TRP A 24 16.15 5.11 -2.26
C TRP A 24 16.80 3.89 -1.63
N GLN A 25 15.99 3.01 -1.05
CA GLN A 25 16.50 1.80 -0.42
C GLN A 25 15.40 0.75 -0.30
N TYR A 26 15.71 -0.49 -0.65
CA TYR A 26 14.75 -1.58 -0.58
C TYR A 26 14.15 -1.69 0.82
N ARG A 27 12.89 -2.11 0.90
CA ARG A 27 12.21 -2.25 2.18
C ARG A 27 11.11 -3.30 2.08
N PHE A 28 10.89 -4.03 3.18
CA PHE A 28 9.87 -5.07 3.22
C PHE A 28 8.50 -4.47 3.55
N PHE A 29 7.56 -4.64 2.64
CA PHE A 29 6.21 -4.11 2.82
C PHE A 29 5.19 -5.25 2.89
N VAL A 30 4.23 -5.13 3.81
CA VAL A 30 3.20 -6.14 3.98
C VAL A 30 1.82 -5.50 4.04
N LEU A 31 1.07 -5.62 2.95
CA LEU A 31 -0.28 -5.06 2.87
C LEU A 31 -1.24 -5.86 3.75
N ASN A 32 -2.17 -5.14 4.39
CA ASN A 32 -3.15 -5.78 5.25
C ASN A 32 -4.56 -5.67 4.65
N ASN A 33 -5.17 -6.82 4.40
CA ASN A 33 -6.51 -6.85 3.83
C ASN A 33 -7.57 -6.92 4.92
N GLU A 34 -7.25 -7.61 6.01
CA GLU A 34 -8.16 -7.75 7.14
C GLU A 34 -8.32 -6.43 7.88
N ALA A 35 -7.23 -5.67 7.96
CA ALA A 35 -7.24 -4.39 8.65
C ALA A 35 -7.29 -3.22 7.65
N GLY A 36 -6.39 -3.26 6.68
CA GLY A 36 -6.35 -2.21 5.67
C GLY A 36 -5.29 -1.17 5.97
N LEU A 37 -4.14 -1.62 6.48
CA LEU A 37 -3.04 -0.72 6.80
C LEU A 37 -1.75 -1.17 6.13
N LEU A 38 -1.01 -0.21 5.57
CA LEU A 38 0.25 -0.51 4.91
C LEU A 38 1.43 -0.29 5.85
N GLU A 39 2.09 -1.36 6.24
CA GLU A 39 3.24 -1.28 7.12
C GLU A 39 4.53 -1.65 6.40
N TYR A 40 5.67 -1.32 6.99
CA TYR A 40 6.96 -1.62 6.40
C TYR A 40 8.03 -1.77 7.48
N PHE A 41 8.83 -2.82 7.36
CA PHE A 41 9.91 -3.08 8.33
C PHE A 41 11.26 -3.16 7.63
N VAL A 42 12.30 -2.70 8.32
CA VAL A 42 13.65 -2.71 7.77
C VAL A 42 13.88 -3.95 6.92
N ASN A 43 13.34 -5.08 7.36
CA ASN A 43 13.49 -6.34 6.64
C ASN A 43 12.45 -7.35 7.09
N GLU A 44 12.37 -8.49 6.38
CA GLU A 44 11.43 -9.53 6.71
C GLU A 44 11.66 -10.06 8.13
N GLN A 45 12.92 -10.34 8.44
CA GLN A 45 13.29 -10.85 9.76
C GLN A 45 12.61 -10.04 10.85
N SER A 46 12.59 -8.72 10.70
CA SER A 46 11.98 -7.84 11.68
C SER A 46 10.57 -7.43 11.24
N ARG A 47 9.80 -8.39 10.75
CA ARG A 47 8.45 -8.13 10.29
C ARG A 47 7.48 -8.07 11.47
N ASN A 48 7.66 -8.98 12.42
CA ASN A 48 6.81 -9.04 13.59
C ASN A 48 7.07 -7.87 14.52
N GLN A 49 8.35 -7.54 14.71
CA GLN A 49 8.74 -6.44 15.58
C GLN A 49 7.93 -5.19 15.27
N LYS A 50 7.98 -4.20 16.16
CA LYS A 50 7.25 -2.96 15.98
C LYS A 50 7.52 -2.37 14.59
N PRO A 51 6.44 -2.07 13.85
CA PRO A 51 6.54 -1.49 12.51
C PRO A 51 7.05 -0.06 12.52
N ARG A 52 8.01 0.23 11.65
CA ARG A 52 8.58 1.58 11.56
C ARG A 52 7.50 2.62 11.31
N GLY A 53 6.56 2.29 10.43
CA GLY A 53 5.48 3.21 10.12
C GLY A 53 4.30 2.52 9.49
N THR A 54 3.12 3.11 9.66
CA THR A 54 1.90 2.54 9.10
C THR A 54 1.04 3.61 8.43
N LEU A 55 0.30 3.22 7.40
CA LEU A 55 -0.56 4.16 6.68
C LEU A 55 -1.91 3.52 6.39
N GLN A 56 -2.97 4.33 6.52
CA GLN A 56 -4.32 3.85 6.28
C GLN A 56 -4.67 3.94 4.79
N LEU A 57 -5.07 2.82 4.20
CA LEU A 57 -5.43 2.78 2.80
C LEU A 57 -6.90 3.14 2.60
N ALA A 58 -7.73 2.77 3.56
CA ALA A 58 -9.16 3.05 3.50
C ALA A 58 -9.41 4.50 3.08
N GLY A 59 -9.58 4.71 1.78
CA GLY A 59 -9.83 6.05 1.28
C GLY A 59 -8.58 6.69 0.70
N ALA A 60 -7.65 5.86 0.24
CA ALA A 60 -6.41 6.34 -0.34
C ALA A 60 -6.49 6.39 -1.86
N VAL A 61 -5.45 6.92 -2.49
CA VAL A 61 -5.42 7.02 -3.95
C VAL A 61 -4.05 6.65 -4.49
N ILE A 62 -4.03 5.84 -5.54
CA ILE A 62 -2.78 5.40 -6.15
C ILE A 62 -2.53 6.14 -7.46
N SER A 63 -1.52 7.01 -7.45
CA SER A 63 -1.17 7.80 -8.63
C SER A 63 0.21 7.42 -9.13
N PRO A 64 0.26 6.51 -10.11
CA PRO A 64 1.52 6.04 -10.70
C PRO A 64 2.20 7.11 -11.54
N SER A 65 3.44 7.42 -11.21
CA SER A 65 4.21 8.44 -11.94
C SER A 65 4.55 7.94 -13.34
N ASP A 66 5.25 8.78 -14.10
CA ASP A 66 5.65 8.43 -15.45
C ASP A 66 7.17 8.55 -15.62
N GLU A 67 7.78 9.43 -14.82
CA GLU A 67 9.22 9.63 -14.88
C GLU A 67 9.94 8.33 -15.21
N ASP A 68 10.03 7.45 -14.22
CA ASP A 68 10.70 6.16 -14.39
C ASP A 68 9.69 5.06 -14.65
N SER A 69 10.04 4.14 -15.56
CA SER A 69 9.15 3.03 -15.90
C SER A 69 8.55 2.41 -14.65
N HIS A 70 9.35 2.33 -13.59
CA HIS A 70 8.90 1.75 -12.33
C HIS A 70 8.77 2.83 -11.26
N THR A 71 7.53 3.19 -10.94
CA THR A 71 7.27 4.22 -9.93
C THR A 71 5.79 4.27 -9.57
N PHE A 72 5.51 4.64 -8.33
CA PHE A 72 4.12 4.73 -7.86
C PHE A 72 4.06 5.30 -6.45
N THR A 73 2.99 6.02 -6.14
CA THR A 73 2.81 6.62 -4.83
C THR A 73 1.48 6.21 -4.21
N VAL A 74 1.46 6.07 -2.89
CA VAL A 74 0.24 5.69 -2.18
C VAL A 74 -0.26 6.82 -1.30
N ASN A 75 -1.16 7.64 -1.85
CA ASN A 75 -1.72 8.77 -1.11
C ASN A 75 -2.64 8.29 0.00
N ALA A 76 -3.07 9.22 0.85
CA ALA A 76 -3.95 8.89 1.96
C ALA A 76 -4.93 10.03 2.24
N ALA A 77 -6.22 9.70 2.31
CA ALA A 77 -7.25 10.70 2.58
C ALA A 77 -6.79 11.70 3.63
N SER A 78 -6.49 11.19 4.83
CA SER A 78 -6.04 12.04 5.93
C SER A 78 -5.09 13.12 5.43
N GLY A 79 -4.09 12.70 4.64
CA GLY A 79 -3.13 13.65 4.10
C GLY A 79 -1.71 13.14 4.21
N GLU A 80 -1.36 12.18 3.36
CA GLU A 80 -0.02 11.60 3.36
C GLU A 80 0.26 10.86 2.06
N GLN A 81 1.53 10.58 1.79
CA GLN A 81 1.92 9.87 0.58
C GLN A 81 3.15 9.01 0.84
N TYR A 82 3.27 7.92 0.08
CA TYR A 82 4.40 7.01 0.22
C TYR A 82 5.17 6.89 -1.09
N LYS A 83 6.48 7.13 -1.03
CA LYS A 83 7.33 7.04 -2.20
C LYS A 83 7.94 5.65 -2.34
N LEU A 84 7.36 4.84 -3.22
CA LEU A 84 7.84 3.49 -3.44
C LEU A 84 8.19 3.27 -4.90
N ARG A 85 9.20 2.43 -5.15
CA ARG A 85 9.64 2.15 -6.51
C ARG A 85 9.65 0.64 -6.77
N ALA A 86 8.82 0.21 -7.71
CA ALA A 86 8.74 -1.21 -8.06
C ALA A 86 10.03 -1.71 -8.68
N THR A 87 10.21 -3.02 -8.72
CA THR A 87 11.40 -3.63 -9.28
C THR A 87 11.35 -3.64 -10.80
N ASP A 88 10.15 -3.82 -11.34
CA ASP A 88 9.96 -3.85 -12.80
C ASP A 88 8.54 -3.43 -13.16
N ALA A 89 8.38 -2.88 -14.37
CA ALA A 89 7.07 -2.44 -14.84
C ALA A 89 6.01 -3.51 -14.62
N LYS A 90 6.47 -4.75 -14.43
CA LYS A 90 5.55 -5.87 -14.21
C LYS A 90 5.08 -5.90 -12.76
N GLU A 91 5.99 -5.62 -11.83
CA GLU A 91 5.66 -5.61 -10.42
C GLU A 91 4.88 -4.35 -10.03
N ARG A 92 5.12 -3.27 -10.78
CA ARG A 92 4.44 -2.01 -10.53
C ARG A 92 2.93 -2.15 -10.68
N GLN A 93 2.51 -2.65 -11.84
CA GLN A 93 1.09 -2.84 -12.11
C GLN A 93 0.44 -3.70 -11.03
N HIS A 94 1.16 -4.73 -10.59
CA HIS A 94 0.64 -5.63 -9.56
C HIS A 94 0.33 -4.86 -8.28
N TRP A 95 1.31 -4.14 -7.76
CA TRP A 95 1.13 -3.36 -6.54
C TRP A 95 0.08 -2.29 -6.74
N VAL A 96 0.28 -1.43 -7.72
CA VAL A 96 -0.66 -0.35 -8.00
C VAL A 96 -2.10 -0.86 -8.01
N SER A 97 -2.32 -1.96 -8.71
CA SER A 97 -3.65 -2.55 -8.80
C SER A 97 -4.11 -3.07 -7.44
N ARG A 98 -3.35 -4.00 -6.88
CA ARG A 98 -3.68 -4.57 -5.57
C ARG A 98 -4.07 -3.48 -4.58
N LEU A 99 -3.27 -2.42 -4.54
CA LEU A 99 -3.53 -1.30 -3.63
C LEU A 99 -4.84 -0.59 -4.01
N GLN A 100 -4.97 -0.26 -5.29
CA GLN A 100 -6.16 0.42 -5.78
C GLN A 100 -7.42 -0.38 -5.45
N ILE A 101 -7.25 -1.67 -5.21
CA ILE A 101 -8.37 -2.54 -4.87
C ILE A 101 -8.61 -2.58 -3.38
N CYS A 102 -7.56 -2.83 -2.61
CA CYS A 102 -7.66 -2.89 -1.16
C CYS A 102 -8.06 -1.55 -0.59
N THR A 103 -7.66 -0.47 -1.27
CA THR A 103 -7.99 0.88 -0.82
C THR A 103 -9.46 1.19 -1.00
N GLN A 104 -10.03 0.74 -2.13
CA GLN A 104 -11.44 0.96 -2.42
C GLN A 104 -12.31 -0.07 -1.72
N HIS A 105 -12.05 -1.34 -2.00
CA HIS A 105 -12.81 -2.43 -1.40
C HIS A 105 -13.06 -2.17 0.08
N HIS A 106 -12.20 -1.35 0.69
CA HIS A 106 -12.33 -1.01 2.10
C HIS A 106 -13.11 0.29 2.28
N THR A 107 -12.55 1.39 1.80
CA THR A 107 -13.19 2.70 1.90
C THR A 107 -14.68 2.60 1.59
N GLU A 108 -15.02 1.75 0.64
CA GLU A 108 -16.42 1.57 0.25
C GLU A 108 -17.27 1.13 1.45
N ALA A 109 -16.81 0.09 2.14
CA ALA A 109 -17.52 -0.42 3.30
C ALA A 109 -17.90 0.71 4.26
N ILE A 110 -17.00 1.67 4.42
CA ILE A 110 -17.25 2.80 5.30
C ILE A 110 -18.49 3.58 4.87
N GLY A 111 -19.37 3.85 5.82
CA GLY A 111 -20.59 4.58 5.53
C GLY A 111 -20.31 5.93 4.88
N LYS A 112 -19.26 6.60 5.36
CA LYS A 112 -18.90 7.90 4.82
C LYS A 112 -17.70 7.80 3.90
N ASN A 113 -17.92 8.06 2.62
CA ASN A 113 -16.84 8.00 1.62
C ASN A 113 -17.31 8.55 0.28
N ASN A 114 -16.37 9.10 -0.49
CA ASN A 114 -16.69 9.66 -1.79
C ASN A 114 -16.43 8.65 -2.91
N SER A 115 -17.48 7.90 -3.26
CA SER A 115 -17.37 6.89 -4.31
C SER A 115 -18.73 6.29 -4.63
N GLY A 116 -19.11 6.34 -5.91
CA GLY A 116 -20.39 5.81 -6.33
C GLY A 116 -20.47 4.30 -6.14
N PRO A 117 -21.66 3.81 -5.76
CA PRO A 117 -21.89 2.38 -5.54
C PRO A 117 -21.88 1.59 -6.83
N SER A 118 -22.17 0.29 -6.74
CA SER A 118 -22.18 -0.58 -7.90
C SER A 118 -22.68 -1.98 -7.53
N SER A 119 -23.81 -2.37 -8.10
CA SER A 119 -24.39 -3.68 -7.82
C SER A 119 -23.70 -4.76 -8.65
N GLY A 120 -23.34 -5.85 -7.98
CA GLY A 120 -22.66 -6.95 -8.67
C GLY A 120 -21.71 -6.46 -9.74
N GLY A 1 -21.99 -8.90 3.37
CA GLY A 1 -20.58 -8.69 3.05
C GLY A 1 -19.80 -9.98 2.98
N SER A 2 -18.57 -9.90 2.48
CA SER A 2 -17.71 -11.07 2.35
C SER A 2 -17.14 -11.48 3.70
N SER A 3 -17.81 -12.41 4.37
CA SER A 3 -17.38 -12.88 5.68
C SER A 3 -16.19 -13.83 5.54
N GLY A 4 -15.03 -13.40 6.03
CA GLY A 4 -13.84 -14.23 5.95
C GLY A 4 -13.04 -13.97 4.70
N SER A 5 -11.80 -14.44 4.67
CA SER A 5 -10.93 -14.25 3.53
C SER A 5 -10.25 -15.56 3.13
N SER A 6 -9.86 -15.67 1.87
CA SER A 6 -9.21 -16.87 1.37
C SER A 6 -7.75 -16.59 1.02
N GLY A 7 -6.86 -16.81 1.98
CA GLY A 7 -5.45 -16.57 1.75
C GLY A 7 -5.19 -15.36 0.89
N GLU A 8 -5.29 -14.17 1.48
CA GLU A 8 -5.08 -12.93 0.75
C GLU A 8 -4.05 -12.06 1.45
N ASN A 9 -2.88 -11.89 0.83
CA ASN A 9 -1.81 -11.09 1.40
C ASN A 9 -0.75 -10.78 0.34
N VAL A 10 -0.40 -9.50 0.23
CA VAL A 10 0.60 -9.07 -0.73
C VAL A 10 1.81 -8.45 -0.03
N TYR A 11 3.00 -8.93 -0.38
CA TYR A 11 4.23 -8.42 0.21
C TYR A 11 5.38 -8.46 -0.79
N GLY A 12 6.37 -7.59 -0.59
CA GLY A 12 7.51 -7.54 -1.48
C GLY A 12 8.50 -6.46 -1.10
N TYR A 13 9.78 -6.69 -1.39
CA TYR A 13 10.82 -5.73 -1.07
C TYR A 13 10.72 -4.50 -1.95
N LEU A 14 10.24 -3.41 -1.38
CA LEU A 14 10.09 -2.15 -2.11
C LEU A 14 11.09 -1.11 -1.63
N MET A 15 11.37 -0.13 -2.48
CA MET A 15 12.31 0.93 -2.14
C MET A 15 11.58 2.18 -1.68
N LYS A 16 11.73 2.52 -0.41
CA LYS A 16 11.07 3.71 0.15
C LYS A 16 12.09 4.83 0.33
N TYR A 17 11.70 6.02 -0.12
CA TYR A 17 12.58 7.20 0.00
C TYR A 17 12.79 7.58 1.46
N THR A 18 14.05 7.65 1.87
CA THR A 18 14.39 8.00 3.24
C THR A 18 14.86 9.44 3.34
N ASN A 19 15.58 9.89 2.31
CA ASN A 19 16.10 11.26 2.28
C ASN A 19 16.74 11.57 0.92
N LEU A 20 17.21 12.79 0.77
CA LEU A 20 17.85 13.22 -0.46
C LEU A 20 19.23 12.57 -0.62
N VAL A 21 20.20 13.07 0.14
CA VAL A 21 21.56 12.55 0.09
C VAL A 21 21.56 11.03 0.10
N THR A 22 20.72 10.45 0.95
CA THR A 22 20.63 9.00 1.07
C THR A 22 19.98 8.39 -0.18
N GLY A 23 18.92 9.04 -0.66
CA GLY A 23 18.22 8.56 -1.84
C GLY A 23 17.27 7.42 -1.52
N TRP A 24 17.15 6.48 -2.45
CA TRP A 24 16.26 5.34 -2.27
C TRP A 24 16.86 4.33 -1.30
N GLN A 25 16.00 3.56 -0.64
CA GLN A 25 16.46 2.55 0.31
C GLN A 25 15.57 1.31 0.26
N TYR A 26 16.19 0.15 0.17
CA TYR A 26 15.46 -1.11 0.12
C TYR A 26 14.76 -1.40 1.44
N ARG A 27 13.46 -1.70 1.36
CA ARG A 27 12.68 -2.00 2.56
C ARG A 27 11.61 -3.04 2.25
N PHE A 28 11.23 -3.81 3.27
CA PHE A 28 10.22 -4.85 3.12
C PHE A 28 8.83 -4.31 3.45
N PHE A 29 7.86 -4.61 2.60
CA PHE A 29 6.49 -4.16 2.80
C PHE A 29 5.52 -5.34 2.84
N VAL A 30 4.46 -5.21 3.62
CA VAL A 30 3.46 -6.25 3.74
C VAL A 30 2.06 -5.68 3.90
N LEU A 31 1.26 -5.78 2.84
CA LEU A 31 -0.11 -5.27 2.86
C LEU A 31 -1.00 -6.12 3.74
N ASN A 32 -1.95 -5.48 4.43
CA ASN A 32 -2.86 -6.20 5.30
C ASN A 32 -4.31 -6.00 4.84
N ASN A 33 -4.90 -7.06 4.29
CA ASN A 33 -6.28 -7.01 3.81
C ASN A 33 -7.26 -7.11 4.97
N GLU A 34 -7.03 -8.07 5.86
CA GLU A 34 -7.89 -8.27 7.01
C GLU A 34 -8.14 -6.95 7.74
N ALA A 35 -7.06 -6.27 8.09
CA ALA A 35 -7.15 -5.00 8.79
C ALA A 35 -7.26 -3.83 7.81
N GLY A 36 -6.41 -3.84 6.79
CA GLY A 36 -6.45 -2.78 5.80
C GLY A 36 -5.40 -1.72 6.06
N LEU A 37 -4.24 -2.13 6.57
CA LEU A 37 -3.16 -1.20 6.86
C LEU A 37 -1.87 -1.64 6.17
N LEU A 38 -1.12 -0.67 5.67
CA LEU A 38 0.14 -0.94 4.98
C LEU A 38 1.33 -0.68 5.89
N GLU A 39 2.05 -1.73 6.25
CA GLU A 39 3.21 -1.60 7.12
C GLU A 39 4.49 -2.03 6.39
N TYR A 40 5.63 -1.59 6.91
CA TYR A 40 6.92 -1.93 6.30
C TYR A 40 8.00 -2.07 7.37
N PHE A 41 8.67 -3.22 7.38
CA PHE A 41 9.72 -3.48 8.35
C PHE A 41 11.09 -3.49 7.67
N VAL A 42 12.12 -3.08 8.40
CA VAL A 42 13.48 -3.05 7.86
C VAL A 42 13.74 -4.26 6.98
N ASN A 43 13.33 -5.43 7.44
CA ASN A 43 13.53 -6.66 6.69
C ASN A 43 12.70 -7.81 7.29
N GLU A 44 12.33 -8.76 6.46
CA GLU A 44 11.55 -9.91 6.90
C GLU A 44 11.96 -10.32 8.31
N GLN A 45 13.25 -10.26 8.58
CA GLN A 45 13.77 -10.64 9.90
C GLN A 45 13.11 -9.82 11.00
N SER A 46 13.06 -8.51 10.81
CA SER A 46 12.46 -7.62 11.78
C SER A 46 10.94 -7.52 11.57
N ARG A 47 10.30 -8.66 11.41
CA ARG A 47 8.85 -8.70 11.20
C ARG A 47 8.12 -8.84 12.53
N ASN A 48 8.44 -9.88 13.29
CA ASN A 48 7.81 -10.11 14.58
C ASN A 48 8.40 -9.20 15.65
N GLN A 49 8.54 -7.92 15.31
CA GLN A 49 9.09 -6.95 16.25
C GLN A 49 8.22 -5.70 16.31
N LYS A 50 8.25 -4.91 15.25
CA LYS A 50 7.45 -3.69 15.18
C LYS A 50 7.58 -3.03 13.81
N PRO A 51 6.43 -2.65 13.22
CA PRO A 51 6.39 -1.99 11.91
C PRO A 51 6.97 -0.58 11.94
N ARG A 52 7.96 -0.34 11.09
CA ARG A 52 8.59 0.97 11.02
C ARG A 52 7.56 2.08 10.89
N GLY A 53 6.50 1.81 10.13
CA GLY A 53 5.45 2.80 9.93
C GLY A 53 4.24 2.22 9.23
N THR A 54 3.05 2.69 9.61
CA THR A 54 1.81 2.23 9.02
C THR A 54 1.05 3.36 8.34
N LEU A 55 0.47 3.06 7.18
CA LEU A 55 -0.28 4.06 6.42
C LEU A 55 -1.65 3.52 6.03
N GLN A 56 -2.70 4.19 6.51
CA GLN A 56 -4.07 3.78 6.20
C GLN A 56 -4.35 3.91 4.71
N LEU A 57 -5.11 2.96 4.17
CA LEU A 57 -5.46 2.96 2.76
C LEU A 57 -6.89 3.44 2.55
N ALA A 58 -7.77 3.08 3.50
CA ALA A 58 -9.17 3.48 3.43
C ALA A 58 -9.31 4.94 3.03
N GLY A 59 -9.62 5.18 1.77
CA GLY A 59 -9.79 6.54 1.28
C GLY A 59 -8.49 7.13 0.76
N ALA A 60 -7.69 6.30 0.10
CA ALA A 60 -6.42 6.74 -0.44
C ALA A 60 -6.42 6.68 -1.97
N VAL A 61 -5.46 7.36 -2.59
CA VAL A 61 -5.36 7.38 -4.04
C VAL A 61 -3.98 6.89 -4.50
N ILE A 62 -3.97 6.12 -5.58
CA ILE A 62 -2.72 5.59 -6.12
C ILE A 62 -2.47 6.11 -7.54
N SER A 63 -1.40 6.88 -7.71
CA SER A 63 -1.05 7.43 -9.01
C SER A 63 0.23 6.79 -9.55
N PRO A 64 0.06 5.71 -10.34
CA PRO A 64 1.19 4.99 -10.94
C PRO A 64 1.88 5.80 -12.03
N SER A 65 3.21 5.87 -11.94
CA SER A 65 3.99 6.61 -12.91
C SER A 65 3.66 6.18 -14.34
N ASP A 66 4.15 6.93 -15.31
CA ASP A 66 3.90 6.62 -16.72
C ASP A 66 5.21 6.50 -17.49
N GLU A 67 6.18 7.34 -17.14
CA GLU A 67 7.49 7.32 -17.79
C GLU A 67 8.38 6.23 -17.21
N ASP A 68 8.83 6.45 -15.97
CA ASP A 68 9.69 5.49 -15.31
C ASP A 68 9.14 4.07 -15.43
N SER A 69 10.01 3.08 -15.33
CA SER A 69 9.62 1.68 -15.43
C SER A 69 8.90 1.23 -14.17
N HIS A 70 9.62 1.20 -13.05
CA HIS A 70 9.05 0.79 -11.78
C HIS A 70 8.94 1.97 -10.83
N THR A 71 7.72 2.46 -10.64
CA THR A 71 7.48 3.59 -9.75
C THR A 71 5.99 3.76 -9.46
N PHE A 72 5.68 4.28 -8.28
CA PHE A 72 4.29 4.48 -7.88
C PHE A 72 4.21 5.21 -6.55
N THR A 73 3.12 5.93 -6.34
CA THR A 73 2.91 6.68 -5.10
C THR A 73 1.59 6.32 -4.44
N VAL A 74 1.57 6.32 -3.12
CA VAL A 74 0.36 5.99 -2.37
C VAL A 74 -0.10 7.16 -1.52
N ASN A 75 -1.14 7.85 -1.97
CA ASN A 75 -1.66 9.01 -1.24
C ASN A 75 -2.57 8.55 -0.10
N ALA A 76 -3.10 9.52 0.65
CA ALA A 76 -3.98 9.23 1.76
C ALA A 76 -4.97 10.36 2.00
N ALA A 77 -6.23 10.01 2.22
CA ALA A 77 -7.28 11.00 2.46
C ALA A 77 -6.74 12.17 3.27
N SER A 78 -6.21 11.87 4.46
CA SER A 78 -5.66 12.91 5.32
C SER A 78 -4.80 13.89 4.54
N GLY A 79 -3.80 13.36 3.85
CA GLY A 79 -2.91 14.21 3.06
C GLY A 79 -1.46 13.78 3.15
N GLU A 80 -1.19 12.53 2.81
CA GLU A 80 0.16 11.99 2.85
C GLU A 80 0.43 11.07 1.66
N GLN A 81 1.63 11.14 1.12
CA GLN A 81 2.01 10.32 -0.02
C GLN A 81 3.25 9.48 0.30
N TYR A 82 3.30 8.28 -0.26
CA TYR A 82 4.43 7.38 -0.03
C TYR A 82 5.16 7.09 -1.34
N LYS A 83 6.46 7.37 -1.35
CA LYS A 83 7.29 7.14 -2.53
C LYS A 83 7.90 5.74 -2.49
N LEU A 84 7.27 4.80 -3.17
CA LEU A 84 7.76 3.42 -3.22
C LEU A 84 8.07 3.01 -4.65
N ARG A 85 8.70 1.85 -4.80
CA ARG A 85 9.05 1.34 -6.12
C ARG A 85 8.94 -0.19 -6.16
N ALA A 86 8.45 -0.71 -7.28
CA ALA A 86 8.29 -2.15 -7.45
C ALA A 86 9.58 -2.80 -7.93
N THR A 87 9.64 -4.13 -7.88
CA THR A 87 10.82 -4.86 -8.31
C THR A 87 10.97 -4.80 -9.82
N ASP A 88 9.87 -4.95 -10.53
CA ASP A 88 9.88 -4.90 -12.00
C ASP A 88 8.69 -4.13 -12.53
N ALA A 89 8.82 -3.60 -13.74
CA ALA A 89 7.75 -2.84 -14.37
C ALA A 89 6.42 -3.60 -14.30
N LYS A 90 6.50 -4.92 -14.38
CA LYS A 90 5.30 -5.75 -14.32
C LYS A 90 4.72 -5.78 -12.91
N GLU A 91 5.61 -5.83 -11.92
CA GLU A 91 5.18 -5.86 -10.51
C GLU A 91 4.61 -4.50 -10.10
N ARG A 92 4.84 -3.49 -10.93
CA ARG A 92 4.35 -2.15 -10.63
C ARG A 92 2.83 -2.10 -10.70
N GLN A 93 2.26 -2.63 -11.78
CA GLN A 93 0.81 -2.64 -11.95
C GLN A 93 0.15 -3.50 -10.88
N HIS A 94 0.78 -4.62 -10.55
CA HIS A 94 0.24 -5.53 -9.54
C HIS A 94 0.02 -4.80 -8.21
N TRP A 95 1.07 -4.14 -7.72
CA TRP A 95 0.99 -3.40 -6.46
C TRP A 95 -0.03 -2.27 -6.57
N VAL A 96 0.06 -1.50 -7.65
CA VAL A 96 -0.85 -0.38 -7.87
C VAL A 96 -2.30 -0.86 -7.94
N SER A 97 -2.49 -2.06 -8.47
CA SER A 97 -3.83 -2.62 -8.60
C SER A 97 -4.34 -3.12 -7.25
N ARG A 98 -3.56 -3.98 -6.60
CA ARG A 98 -3.95 -4.52 -5.30
C ARG A 98 -4.27 -3.41 -4.32
N LEU A 99 -3.46 -2.36 -4.34
CA LEU A 99 -3.66 -1.22 -3.44
C LEU A 99 -4.90 -0.43 -3.83
N GLN A 100 -5.08 -0.22 -5.14
CA GLN A 100 -6.22 0.52 -5.65
C GLN A 100 -7.52 -0.24 -5.39
N ILE A 101 -7.43 -1.56 -5.37
CA ILE A 101 -8.59 -2.41 -5.13
C ILE A 101 -9.01 -2.37 -3.66
N CYS A 102 -8.09 -2.69 -2.77
CA CYS A 102 -8.36 -2.69 -1.34
C CYS A 102 -8.73 -1.29 -0.86
N THR A 103 -7.86 -0.32 -1.14
CA THR A 103 -8.10 1.06 -0.74
C THR A 103 -9.54 1.46 -1.00
N GLN A 104 -10.12 0.94 -2.08
CA GLN A 104 -11.50 1.25 -2.44
C GLN A 104 -12.45 0.22 -1.85
N HIS A 105 -11.98 -1.01 -1.71
CA HIS A 105 -12.79 -2.09 -1.17
C HIS A 105 -13.09 -1.86 0.31
N HIS A 106 -12.18 -1.15 0.98
CA HIS A 106 -12.34 -0.86 2.40
C HIS A 106 -13.09 0.46 2.60
N THR A 107 -12.61 1.52 1.97
CA THR A 107 -13.24 2.83 2.07
C THR A 107 -14.73 2.75 1.78
N GLU A 108 -15.09 1.96 0.77
CA GLU A 108 -16.49 1.80 0.39
C GLU A 108 -17.27 1.05 1.46
N ALA A 109 -16.69 -0.06 1.93
CA ALA A 109 -17.34 -0.87 2.95
C ALA A 109 -17.90 0.00 4.08
N ILE A 110 -17.12 1.02 4.47
CA ILE A 110 -17.54 1.92 5.53
C ILE A 110 -19.04 2.19 5.47
N GLY A 111 -19.76 1.74 6.50
CA GLY A 111 -21.19 1.94 6.54
C GLY A 111 -21.91 0.87 7.36
N LYS A 112 -23.18 0.66 7.06
CA LYS A 112 -23.97 -0.34 7.77
C LYS A 112 -23.15 -1.59 8.03
N ASN A 113 -22.93 -1.89 9.31
CA ASN A 113 -22.16 -3.06 9.71
C ASN A 113 -22.41 -4.22 8.75
N ASN A 114 -23.66 -4.66 8.68
CA ASN A 114 -24.04 -5.76 7.79
C ASN A 114 -25.49 -5.64 7.35
N SER A 115 -25.70 -5.42 6.06
CA SER A 115 -27.04 -5.26 5.51
C SER A 115 -27.70 -6.63 5.33
N GLY A 116 -28.26 -7.16 6.41
CA GLY A 116 -28.91 -8.46 6.35
C GLY A 116 -28.27 -9.47 7.27
N PRO A 117 -29.10 -10.37 7.84
CA PRO A 117 -28.62 -11.41 8.75
C PRO A 117 -27.80 -12.48 8.04
N SER A 118 -27.15 -13.34 8.82
CA SER A 118 -26.33 -14.41 8.26
C SER A 118 -26.31 -15.62 9.18
N SER A 119 -26.16 -16.80 8.60
CA SER A 119 -26.13 -18.04 9.37
C SER A 119 -25.33 -19.10 8.64
N GLY A 120 -24.99 -20.17 9.36
CA GLY A 120 -24.22 -21.25 8.77
C GLY A 120 -23.01 -21.64 9.60
#